data_2TMD
#
_entry.id   2TMD
#
_cell.length_a   147.750
_cell.length_b   71.950
_cell.length_c   83.820
_cell.angle_alpha   90.00
_cell.angle_beta   97.69
_cell.angle_gamma   90.00
#
_symmetry.space_group_name_H-M   'P 1 21 1'
#
loop_
_entity.id
_entity.type
_entity.pdbx_description
1 polymer 'TRIMETHYLAMINE DEHYDROGENASE'
2 non-polymer 'IRON/SULFUR CLUSTER'
3 non-polymer 'FLAVIN MONONUCLEOTIDE'
4 non-polymer "ADENOSINE-5'-DIPHOSPHATE"
5 water water
#
_entity_poly.entity_id   1
_entity_poly.type   'polypeptide(L)'
_entity_poly.pdbx_seq_one_letter_code
;ARDPKHDILFEPIQIGPKTLRNRFYQVPHCIGAGSDKPGFQSAHRSVKAEGGWAALNTEYCSINPESDDTHRLSARIWDE
GDVRNLKAMTDEVHKYGALAGVELWYGGAHAPNMESRATPRGPSQYASEFETLSYCKEMDLSDIAQVQQFYVDAAKRSRD
AGFDIVYVYGAHSYLPLQFLNPYYNKRTDKYGGSLENRARFWLETLEKVKHAVGSDCAIATRFGVDTVYGPGQIEAEVDG
QKFVEMADSLVDMWDITIGDIAEWGEDAGPSRFYQQGHTIPWVKLVKQVSKKPVLGVGRYTDPEKMIEIVTKGYADIIGC
ARPSIADPFLPQKVEQGRYDDIRVCIGCNVCISRWEIGGPPMICTQNATAGEEYRRGWHPEKFRQTKNKDSVLIVGAGPS
GSEAARVLMESGYTVHLTDTAEKIGGHLNQVAALPGLGEWSYHRDYRETQITKLLKKNKESQLALGQKPMTADDVLQYGA
DKVIIATGARWNTDGTNCLTHDPIPGADASLPDQLTPEQVMDGKKKIGKRVVILNADTYFMAPSLAEKLATAGHEVTIVS
GVHLANYMHFTLEYPNMMRRLHELHVEELGDHFCSRIEPGRMEIYNIWGDGSKRTYRGPGVSPRDANTSHRWIEFDSLVL
VTGRHSECTLWNELKARESEWAENDIKGIYLIGDAEAPRLIADATFTGHRVAREIEEANPQIAIPYKRETIAWGTPHMPG
GNFKIEYKV
;
_entity_poly.pdbx_strand_id   A,B
#
# COMPACT_ATOMS: atom_id res chain seq x y z
N ALA A 1 -38.85 -3.94 27.38
CA ALA A 1 -38.57 -2.90 26.36
C ALA A 1 -38.42 -3.53 24.97
N ARG A 2 -37.72 -4.66 24.91
CA ARG A 2 -37.60 -5.40 23.66
C ARG A 2 -38.97 -5.88 23.18
N ASP A 3 -39.32 -5.45 21.97
CA ASP A 3 -40.46 -5.97 21.25
C ASP A 3 -40.31 -7.49 21.23
N PRO A 4 -41.29 -8.24 21.76
CA PRO A 4 -41.19 -9.71 21.88
C PRO A 4 -41.11 -10.42 20.53
N LYS A 5 -41.41 -9.68 19.46
CA LYS A 5 -41.20 -10.16 18.10
C LYS A 5 -39.71 -10.45 17.82
N HIS A 6 -38.83 -9.86 18.62
CA HIS A 6 -37.40 -9.97 18.40
C HIS A 6 -36.80 -11.07 19.26
N ASP A 7 -37.66 -11.83 19.93
CA ASP A 7 -37.20 -12.85 20.86
C ASP A 7 -36.45 -13.97 20.15
N ILE A 8 -36.82 -14.24 18.90
CA ILE A 8 -36.13 -15.27 18.11
C ILE A 8 -34.65 -15.00 17.95
N LEU A 9 -34.29 -13.72 17.88
CA LEU A 9 -32.91 -13.34 17.70
C LEU A 9 -32.05 -13.81 18.86
N PHE A 10 -32.70 -14.21 19.95
CA PHE A 10 -31.98 -14.61 21.16
C PHE A 10 -32.20 -16.07 21.54
N GLU A 11 -32.74 -16.86 20.61
CA GLU A 11 -32.72 -18.31 20.73
C GLU A 11 -31.33 -18.79 20.36
N PRO A 12 -30.79 -19.76 21.12
CA PRO A 12 -29.50 -20.38 20.78
C PRO A 12 -29.63 -21.36 19.62
N ILE A 13 -28.54 -21.55 18.90
CA ILE A 13 -28.52 -22.50 17.80
C ILE A 13 -27.23 -23.32 17.80
N GLN A 14 -27.40 -24.63 17.74
CA GLN A 14 -26.29 -25.59 17.77
C GLN A 14 -25.62 -25.60 16.41
N ILE A 15 -24.31 -25.34 16.40
CA ILE A 15 -23.51 -25.54 15.21
C ILE A 15 -22.50 -26.65 15.47
N GLY A 16 -22.85 -27.86 15.06
CA GLY A 16 -22.01 -29.01 15.32
C GLY A 16 -21.83 -29.26 16.81
N PRO A 17 -20.58 -29.30 17.30
CA PRO A 17 -20.35 -29.55 18.72
C PRO A 17 -20.57 -28.34 19.60
N LYS A 18 -21.00 -27.22 18.99
CA LYS A 18 -21.02 -25.95 19.70
C LYS A 18 -22.41 -25.37 19.75
N THR A 19 -22.59 -24.40 20.64
CA THR A 19 -23.86 -23.69 20.73
C THR A 19 -23.64 -22.19 20.68
N LEU A 20 -24.31 -21.54 19.73
CA LEU A 20 -24.30 -20.09 19.66
C LEU A 20 -25.33 -19.59 20.66
N ARG A 21 -24.97 -18.58 21.44
CA ARG A 21 -25.82 -18.12 22.53
C ARG A 21 -27.06 -17.40 22.02
N ASN A 22 -26.94 -16.73 20.88
CA ASN A 22 -28.07 -16.10 20.21
C ASN A 22 -27.75 -16.05 18.72
N ARG A 23 -28.52 -15.30 17.94
CA ARG A 23 -28.39 -15.36 16.50
C ARG A 23 -27.57 -14.22 15.90
N PHE A 24 -26.71 -13.62 16.71
CA PHE A 24 -25.87 -12.53 16.25
C PHE A 24 -24.46 -13.05 16.07
N TYR A 25 -23.98 -12.97 14.83
CA TYR A 25 -22.76 -13.63 14.42
C TYR A 25 -21.86 -12.64 13.67
N GLN A 26 -20.65 -12.42 14.17
CA GLN A 26 -19.68 -11.62 13.44
C GLN A 26 -18.87 -12.53 12.54
N VAL A 27 -19.21 -12.50 11.25
CA VAL A 27 -18.47 -13.23 10.24
C VAL A 27 -17.03 -12.71 10.18
N PRO A 28 -16.10 -13.53 9.64
CA PRO A 28 -14.70 -13.12 9.56
C PRO A 28 -14.50 -11.80 8.80
N HIS A 29 -13.70 -10.90 9.36
CA HIS A 29 -13.41 -9.66 8.64
C HIS A 29 -12.15 -8.96 9.10
N CYS A 30 -11.46 -8.39 8.12
CA CYS A 30 -10.23 -7.64 8.34
C CYS A 30 -10.46 -6.43 9.24
N ILE A 31 -9.44 -6.10 10.02
CA ILE A 31 -9.46 -4.87 10.81
C ILE A 31 -8.09 -4.21 10.75
N GLY A 32 -7.13 -4.87 10.13
CA GLY A 32 -5.78 -4.34 10.10
C GLY A 32 -4.97 -4.68 11.33
N ALA A 33 -5.22 -5.86 11.91
CA ALA A 33 -4.47 -6.31 13.08
C ALA A 33 -3.74 -7.63 12.81
N GLY A 34 -4.49 -8.60 12.29
CA GLY A 34 -3.91 -9.91 12.02
C GLY A 34 -3.40 -10.57 13.30
N SER A 35 -2.24 -11.20 13.21
CA SER A 35 -1.55 -11.74 14.37
C SER A 35 -0.41 -10.79 14.77
N ASP A 36 -0.42 -9.60 14.17
CA ASP A 36 0.68 -8.65 14.35
C ASP A 36 0.34 -7.62 15.43
N LYS A 37 -0.95 -7.33 15.57
CA LYS A 37 -1.44 -6.39 16.57
C LYS A 37 -2.39 -7.10 17.52
N PRO A 38 -1.83 -7.82 18.50
CA PRO A 38 -2.65 -8.74 19.30
C PRO A 38 -3.58 -8.04 20.29
N GLY A 39 -3.14 -6.91 20.84
CA GLY A 39 -4.03 -6.07 21.65
C GLY A 39 -5.22 -5.54 20.87
N PHE A 40 -4.95 -4.97 19.69
CA PHE A 40 -6.00 -4.51 18.78
C PHE A 40 -6.97 -5.66 18.50
N GLN A 41 -6.46 -6.78 18.03
CA GLN A 41 -7.28 -7.95 17.74
C GLN A 41 -8.10 -8.38 18.95
N SER A 42 -7.45 -8.40 20.11
CA SER A 42 -8.05 -8.81 21.38
C SER A 42 -9.19 -7.86 21.80
N ALA A 43 -8.90 -6.56 21.82
CA ALA A 43 -9.85 -5.55 22.28
C ALA A 43 -11.04 -5.42 21.35
N HIS A 44 -10.79 -5.32 20.05
CA HIS A 44 -11.84 -5.04 19.09
C HIS A 44 -12.89 -6.14 19.05
N ARG A 45 -12.46 -7.37 19.23
CA ARG A 45 -13.37 -8.48 19.17
C ARG A 45 -14.01 -8.77 20.54
N SER A 46 -13.32 -8.43 21.63
CA SER A 46 -13.88 -8.70 22.96
C SER A 46 -14.95 -7.71 23.40
N VAL A 47 -14.82 -6.44 23.02
CA VAL A 47 -15.89 -5.47 23.28
C VAL A 47 -17.18 -5.88 22.58
N LYS A 48 -17.05 -6.58 21.46
CA LYS A 48 -18.22 -7.10 20.77
C LYS A 48 -18.81 -8.29 21.52
N ALA A 49 -17.93 -9.08 22.14
CA ALA A 49 -18.37 -10.20 22.95
C ALA A 49 -19.19 -9.68 24.13
N GLU A 50 -18.68 -8.66 24.82
CA GLU A 50 -19.43 -8.08 25.92
C GLU A 50 -20.67 -7.34 25.45
N GLY A 51 -20.66 -6.94 24.18
CA GLY A 51 -21.84 -6.36 23.55
C GLY A 51 -22.88 -7.36 23.10
N GLY A 52 -22.61 -8.65 23.28
CA GLY A 52 -23.63 -9.68 23.07
C GLY A 52 -23.54 -10.54 21.82
N TRP A 53 -22.57 -10.28 20.94
CA TRP A 53 -22.40 -11.09 19.75
C TRP A 53 -22.09 -12.53 20.14
N ALA A 54 -22.79 -13.49 19.56
CA ALA A 54 -22.60 -14.91 19.91
C ALA A 54 -21.23 -15.47 19.57
N ALA A 55 -20.63 -14.98 18.48
CA ALA A 55 -19.36 -15.50 17.99
C ALA A 55 -18.55 -14.39 17.32
N LEU A 56 -17.25 -14.39 17.57
CA LEU A 56 -16.33 -13.45 16.95
C LEU A 56 -15.26 -14.20 16.16
N ASN A 57 -15.03 -13.75 14.93
CA ASN A 57 -14.11 -14.41 14.01
C ASN A 57 -12.96 -13.47 13.68
N THR A 58 -11.76 -14.01 13.59
CA THR A 58 -10.64 -13.27 13.03
C THR A 58 -10.93 -12.98 11.55
N GLU A 59 -10.02 -12.26 10.91
CA GLU A 59 -10.03 -12.08 9.46
C GLU A 59 -9.35 -13.29 8.80
N TYR A 60 -9.29 -13.27 7.48
CA TYR A 60 -8.62 -14.33 6.75
C TYR A 60 -7.25 -14.60 7.35
N CYS A 61 -7.01 -15.86 7.66
CA CYS A 61 -5.87 -16.26 8.47
C CYS A 61 -4.96 -17.22 7.68
N SER A 62 -3.84 -16.72 7.21
CA SER A 62 -2.91 -17.48 6.39
C SER A 62 -2.49 -18.79 7.05
N ILE A 63 -2.64 -19.90 6.33
CA ILE A 63 -2.22 -21.20 6.85
C ILE A 63 -0.72 -21.48 6.65
N ASN A 64 -0.07 -20.70 5.78
CA ASN A 64 1.34 -20.96 5.39
C ASN A 64 1.95 -19.73 4.70
N PRO A 65 3.27 -19.50 4.84
CA PRO A 65 3.89 -18.30 4.25
C PRO A 65 3.90 -18.17 2.73
N GLU A 66 3.51 -19.21 2.00
CA GLU A 66 3.31 -19.05 0.56
C GLU A 66 1.89 -18.58 0.23
N SER A 67 1.15 -18.24 1.29
CA SER A 67 -0.07 -17.47 1.12
C SER A 67 0.05 -16.25 2.01
N ASP A 68 0.97 -15.35 1.64
CA ASP A 68 1.23 -14.14 2.40
C ASP A 68 0.66 -12.93 1.65
N ASP A 69 -0.23 -12.17 2.27
CA ASP A 69 -0.91 -11.10 1.54
C ASP A 69 -0.23 -9.75 1.54
N THR A 70 0.91 -9.64 2.22
CA THR A 70 1.73 -8.42 2.16
C THR A 70 1.76 -7.96 0.71
N HIS A 71 1.40 -6.70 0.42
CA HIS A 71 1.31 -5.60 1.37
C HIS A 71 0.04 -5.45 2.23
N ARG A 72 -0.98 -6.26 2.01
CA ARG A 72 -2.13 -6.22 2.91
C ARG A 72 -1.91 -7.09 4.13
N LEU A 73 -2.68 -6.85 5.18
CA LEU A 73 -2.47 -7.53 6.43
C LEU A 73 -3.52 -8.59 6.71
N SER A 74 -3.10 -9.85 6.69
CA SER A 74 -3.98 -10.95 7.13
C SER A 74 -3.54 -11.39 8.52
N ALA A 75 -4.35 -12.22 9.15
CA ALA A 75 -3.85 -13.00 10.27
C ALA A 75 -2.97 -14.12 9.72
N ARG A 76 -2.14 -14.71 10.58
CA ARG A 76 -1.31 -15.84 10.17
C ARG A 76 -1.29 -16.83 11.32
N ILE A 77 -1.48 -18.10 10.99
CA ILE A 77 -1.29 -19.16 11.97
C ILE A 77 -0.20 -20.12 11.51
N TRP A 78 0.99 -19.54 11.29
CA TRP A 78 2.16 -20.26 10.82
C TRP A 78 2.86 -21.10 11.88
N ASP A 79 2.88 -20.62 13.12
CA ASP A 79 3.73 -21.21 14.16
C ASP A 79 3.20 -20.99 15.58
N GLU A 80 4.04 -21.28 16.57
CA GLU A 80 3.67 -21.18 17.97
C GLU A 80 3.59 -19.72 18.42
N GLY A 81 4.42 -18.88 17.82
CA GLY A 81 4.33 -17.44 18.05
C GLY A 81 2.97 -16.86 17.69
N ASP A 82 2.34 -17.40 16.65
CA ASP A 82 1.01 -16.95 16.26
C ASP A 82 -0.02 -17.52 17.20
N VAL A 83 0.16 -18.78 17.60
CA VAL A 83 -0.77 -19.43 18.49
C VAL A 83 -0.94 -18.64 19.77
N ARG A 84 0.16 -18.10 20.29
CA ARG A 84 0.08 -17.28 21.50
C ARG A 84 -0.54 -15.88 21.30
N ASN A 85 -0.21 -15.22 20.20
CA ASN A 85 -0.79 -13.90 19.91
C ASN A 85 -2.30 -13.99 19.66
N LEU A 86 -2.73 -15.00 18.92
CA LEU A 86 -4.15 -15.22 18.62
C LEU A 86 -4.94 -15.66 19.86
N LYS A 87 -4.27 -16.38 20.76
CA LYS A 87 -4.91 -16.82 21.98
C LYS A 87 -5.34 -15.66 22.88
N ALA A 88 -4.59 -14.56 22.86
CA ALA A 88 -4.99 -13.33 23.57
C ALA A 88 -6.43 -12.98 23.23
N MET A 89 -6.78 -13.15 21.96
CA MET A 89 -8.11 -12.84 21.47
C MET A 89 -9.14 -13.85 21.95
N THR A 90 -8.85 -15.14 21.80
CA THR A 90 -9.84 -16.17 22.17
C THR A 90 -10.09 -16.18 23.69
N ASP A 91 -9.06 -15.91 24.48
CA ASP A 91 -9.23 -15.84 25.92
C ASP A 91 -10.19 -14.71 26.28
N GLU A 92 -9.99 -13.55 25.64
CA GLU A 92 -10.77 -12.38 25.95
C GLU A 92 -12.22 -12.40 25.44
N VAL A 93 -12.49 -13.09 24.34
CA VAL A 93 -13.89 -13.24 23.94
C VAL A 93 -14.59 -14.36 24.71
N HIS A 94 -13.80 -15.31 25.22
CA HIS A 94 -14.34 -16.36 26.08
C HIS A 94 -14.77 -15.79 27.44
N LYS A 95 -13.97 -14.87 27.96
CA LYS A 95 -14.31 -14.13 29.16
C LYS A 95 -15.75 -13.61 29.15
N TYR A 96 -16.21 -13.12 28.01
CA TYR A 96 -17.56 -12.59 27.93
C TYR A 96 -18.52 -13.60 27.35
N GLY A 97 -18.14 -14.87 27.40
CA GLY A 97 -19.03 -15.95 27.04
C GLY A 97 -19.33 -16.15 25.57
N ALA A 98 -18.46 -15.67 24.68
CA ALA A 98 -18.69 -15.85 23.25
C ALA A 98 -17.75 -16.92 22.67
N LEU A 99 -18.11 -17.44 21.50
CA LEU A 99 -17.25 -18.37 20.76
C LEU A 99 -16.25 -17.56 19.93
N ALA A 100 -15.13 -18.20 19.59
CA ALA A 100 -14.10 -17.57 18.77
C ALA A 100 -13.88 -18.44 17.53
N GLY A 101 -13.75 -17.81 16.37
CA GLY A 101 -13.54 -18.54 15.14
C GLY A 101 -12.36 -18.00 14.37
N VAL A 102 -11.72 -18.87 13.59
CA VAL A 102 -10.58 -18.49 12.76
C VAL A 102 -10.89 -18.90 11.31
N GLU A 103 -10.53 -18.06 10.37
CA GLU A 103 -10.89 -18.31 8.99
C GLU A 103 -9.65 -18.72 8.19
N LEU A 104 -9.49 -20.03 7.98
CA LEU A 104 -8.26 -20.56 7.38
C LEU A 104 -8.16 -20.23 5.90
N TRP A 105 -7.06 -19.59 5.54
CA TRP A 105 -6.94 -18.99 4.23
C TRP A 105 -5.69 -19.43 3.48
N TYR A 106 -5.89 -19.74 2.20
CA TYR A 106 -4.77 -19.90 1.26
C TYR A 106 -5.22 -19.19 -0.01
N GLY A 107 -4.40 -18.27 -0.49
CA GLY A 107 -4.87 -17.34 -1.50
C GLY A 107 -4.70 -17.71 -2.95
N GLY A 108 -3.88 -18.73 -3.23
CA GLY A 108 -3.47 -18.96 -4.61
C GLY A 108 -2.67 -17.76 -5.09
N ALA A 109 -2.80 -17.37 -6.35
CA ALA A 109 -1.99 -16.29 -6.89
C ALA A 109 -2.50 -14.89 -6.49
N HIS A 110 -3.63 -14.83 -5.79
CA HIS A 110 -4.18 -13.58 -5.31
C HIS A 110 -3.35 -13.03 -4.17
N ALA A 111 -2.62 -13.91 -3.51
CA ALA A 111 -1.69 -13.49 -2.48
C ALA A 111 -0.34 -13.17 -3.12
N PRO A 112 0.09 -11.90 -3.08
CA PRO A 112 1.34 -11.51 -3.74
C PRO A 112 2.63 -11.95 -3.04
N ASN A 113 2.53 -12.39 -1.79
CA ASN A 113 3.70 -12.93 -1.08
C ASN A 113 4.87 -11.97 -1.08
N MET A 114 4.61 -10.68 -0.84
CA MET A 114 5.69 -9.70 -0.86
C MET A 114 6.58 -9.73 0.39
N GLU A 115 6.15 -10.36 1.46
CA GLU A 115 7.08 -10.57 2.55
C GLU A 115 7.85 -11.86 2.36
N SER A 116 7.14 -12.96 2.16
CA SER A 116 7.75 -14.28 2.15
C SER A 116 8.60 -14.54 0.89
N ARG A 117 8.16 -13.99 -0.25
CA ARG A 117 8.79 -14.25 -1.55
C ARG A 117 8.63 -15.70 -2.00
N ALA A 118 7.72 -16.43 -1.35
CA ALA A 118 7.43 -17.82 -1.72
C ALA A 118 6.58 -17.83 -2.97
N THR A 119 6.50 -18.98 -3.63
CA THR A 119 5.71 -19.13 -4.86
C THR A 119 4.33 -19.66 -4.52
N PRO A 120 3.26 -18.96 -4.94
CA PRO A 120 1.94 -19.52 -4.64
C PRO A 120 1.60 -20.69 -5.58
N ARG A 121 0.82 -21.65 -5.10
CA ARG A 121 0.40 -22.75 -5.96
C ARG A 121 -1.09 -22.63 -6.26
N GLY A 122 -1.50 -23.18 -7.41
CA GLY A 122 -2.90 -23.15 -7.77
C GLY A 122 -3.32 -24.36 -8.60
N PRO A 123 -4.62 -24.49 -8.91
CA PRO A 123 -5.12 -25.56 -9.78
C PRO A 123 -4.48 -25.53 -11.16
N SER A 124 -4.35 -24.33 -11.70
CA SER A 124 -3.71 -24.11 -13.00
C SER A 124 -2.86 -22.87 -12.84
N GLN A 125 -1.83 -22.72 -13.65
CA GLN A 125 -1.02 -21.53 -13.62
C GLN A 125 -1.83 -20.38 -14.21
N TYR A 126 -1.99 -19.31 -13.44
CA TYR A 126 -2.65 -18.12 -13.95
C TYR A 126 -2.03 -16.88 -13.32
N ALA A 127 -2.12 -15.76 -14.03
CA ALA A 127 -1.85 -14.44 -13.46
C ALA A 127 -3.14 -13.91 -12.84
N SER A 128 -3.07 -13.58 -11.57
CA SER A 128 -4.21 -13.05 -10.84
C SER A 128 -4.74 -11.79 -11.51
N GLU A 129 -6.06 -11.71 -11.61
CA GLU A 129 -6.75 -10.56 -12.18
C GLU A 129 -6.80 -9.46 -11.12
N PHE A 130 -6.45 -9.80 -9.90
CA PHE A 130 -6.43 -8.86 -8.80
C PHE A 130 -4.98 -8.39 -8.62
N GLU A 131 -4.08 -9.36 -8.45
CA GLU A 131 -2.67 -9.04 -8.40
C GLU A 131 -2.01 -9.43 -9.72
N THR A 132 -2.02 -8.51 -10.69
CA THR A 132 -1.73 -8.84 -12.07
C THR A 132 -0.28 -9.18 -12.39
N LEU A 133 0.65 -8.91 -11.47
CA LEU A 133 2.02 -9.42 -11.63
C LEU A 133 2.29 -10.68 -10.76
N SER A 134 1.25 -11.24 -10.17
CA SER A 134 1.41 -12.42 -9.35
C SER A 134 0.93 -13.64 -10.11
N TYR A 135 1.83 -14.61 -10.33
CA TYR A 135 1.49 -15.85 -11.03
C TYR A 135 1.62 -17.02 -10.06
N CYS A 136 0.92 -18.12 -10.31
CA CYS A 136 1.15 -19.30 -9.49
C CYS A 136 1.69 -20.52 -10.26
N LYS A 137 2.24 -21.47 -9.50
CA LYS A 137 2.63 -22.77 -10.01
C LYS A 137 1.41 -23.68 -10.08
N GLU A 138 1.27 -24.43 -11.16
CA GLU A 138 0.23 -25.45 -11.23
C GLU A 138 0.57 -26.59 -10.28
N MET A 139 -0.39 -26.99 -9.46
CA MET A 139 -0.15 -28.02 -8.47
C MET A 139 -0.08 -29.40 -9.12
N ASP A 140 0.88 -30.24 -8.74
CA ASP A 140 0.73 -31.65 -9.02
C ASP A 140 0.07 -32.33 -7.82
N LEU A 141 -0.12 -33.65 -7.91
CA LEU A 141 -0.81 -34.40 -6.86
C LEU A 141 -0.11 -34.30 -5.51
N SER A 142 1.20 -34.12 -5.50
CA SER A 142 1.91 -33.91 -4.24
C SER A 142 1.69 -32.51 -3.68
N ASP A 143 1.72 -31.50 -4.56
CA ASP A 143 1.40 -30.11 -4.17
C ASP A 143 0.03 -30.07 -3.51
N ILE A 144 -0.91 -30.80 -4.08
CA ILE A 144 -2.27 -30.85 -3.57
C ILE A 144 -2.32 -31.48 -2.19
N ALA A 145 -1.61 -32.59 -2.01
CA ALA A 145 -1.61 -33.26 -0.71
C ALA A 145 -0.91 -32.39 0.34
N GLN A 146 0.15 -31.70 -0.06
CA GLN A 146 0.92 -30.85 0.83
C GLN A 146 0.14 -29.65 1.33
N VAL A 147 -0.55 -28.97 0.41
CA VAL A 147 -1.36 -27.83 0.75
C VAL A 147 -2.59 -28.23 1.58
N GLN A 148 -3.13 -29.42 1.32
CA GLN A 148 -4.20 -29.93 2.16
C GLN A 148 -3.69 -30.19 3.56
N GLN A 149 -2.42 -30.55 3.66
CA GLN A 149 -1.75 -30.73 4.94
C GLN A 149 -1.51 -29.40 5.64
N PHE A 150 -1.20 -28.35 4.87
CA PHE A 150 -1.15 -26.99 5.42
C PHE A 150 -2.45 -26.68 6.19
N TYR A 151 -3.59 -27.02 5.59
CA TYR A 151 -4.89 -26.76 6.21
C TYR A 151 -5.06 -27.55 7.50
N VAL A 152 -4.65 -28.81 7.50
CA VAL A 152 -4.80 -29.67 8.67
C VAL A 152 -3.90 -29.18 9.82
N ASP A 153 -2.67 -28.80 9.50
CA ASP A 153 -1.75 -28.32 10.49
C ASP A 153 -2.23 -27.02 11.13
N ALA A 154 -2.82 -26.14 10.31
CA ALA A 154 -3.34 -24.88 10.79
C ALA A 154 -4.57 -25.09 11.67
N ALA A 155 -5.42 -26.04 11.29
CA ALA A 155 -6.61 -26.37 12.07
C ALA A 155 -6.21 -26.80 13.47
N LYS A 156 -5.13 -27.57 13.57
CA LYS A 156 -4.68 -28.08 14.86
C LYS A 156 -4.10 -26.98 15.74
N ARG A 157 -3.32 -26.08 15.15
CA ARG A 157 -2.81 -24.91 15.86
C ARG A 157 -3.96 -24.02 16.29
N SER A 158 -5.03 -24.02 15.51
CA SER A 158 -6.25 -23.27 15.84
C SER A 158 -6.90 -23.83 17.09
N ARG A 159 -6.96 -25.15 17.21
CA ARG A 159 -7.47 -25.75 18.43
C ARG A 159 -6.56 -25.39 19.61
N ASP A 160 -5.25 -25.36 19.37
CA ASP A 160 -4.28 -24.97 20.40
C ASP A 160 -4.46 -23.52 20.86
N ALA A 161 -4.85 -22.64 19.94
CA ALA A 161 -5.00 -21.23 20.28
C ALA A 161 -6.32 -20.97 21.01
N GLY A 162 -7.22 -21.94 20.99
CA GLY A 162 -8.46 -21.84 21.74
C GLY A 162 -9.67 -21.45 20.92
N PHE A 163 -9.64 -21.75 19.62
CA PHE A 163 -10.75 -21.43 18.75
C PHE A 163 -11.81 -22.48 18.83
N ASP A 164 -13.06 -22.04 18.72
CA ASP A 164 -14.22 -22.90 18.79
C ASP A 164 -14.72 -23.27 17.41
N ILE A 165 -14.44 -22.41 16.44
CA ILE A 165 -14.95 -22.57 15.07
C ILE A 165 -13.78 -22.46 14.10
N VAL A 166 -13.72 -23.38 13.13
CA VAL A 166 -12.63 -23.38 12.15
C VAL A 166 -13.26 -23.36 10.77
N TYR A 167 -12.97 -22.30 10.01
CA TYR A 167 -13.49 -22.19 8.66
C TYR A 167 -12.49 -22.80 7.71
N VAL A 168 -12.99 -23.45 6.66
CA VAL A 168 -12.20 -23.50 5.46
C VAL A 168 -12.82 -22.57 4.43
N TYR A 169 -12.02 -21.60 4.04
CA TYR A 169 -12.48 -20.35 3.42
C TYR A 169 -12.44 -20.46 1.90
N GLY A 170 -13.62 -20.53 1.30
CA GLY A 170 -13.74 -20.57 -0.15
C GLY A 170 -14.67 -19.52 -0.70
N ALA A 171 -14.51 -18.29 -0.21
CA ALA A 171 -15.24 -17.17 -0.75
C ALA A 171 -14.19 -16.21 -1.26
N HIS A 172 -14.61 -15.20 -2.01
CA HIS A 172 -13.71 -14.21 -2.58
C HIS A 172 -12.68 -14.85 -3.48
N SER A 173 -13.10 -15.91 -4.17
CA SER A 173 -12.26 -16.54 -5.17
C SER A 173 -10.88 -16.97 -4.65
N TYR A 174 -10.84 -17.50 -3.44
CA TYR A 174 -9.61 -18.07 -2.90
C TYR A 174 -9.55 -19.58 -3.11
N LEU A 175 -8.47 -20.22 -2.68
CA LEU A 175 -8.07 -21.50 -3.27
C LEU A 175 -9.17 -22.54 -3.52
N PRO A 176 -9.96 -22.90 -2.48
CA PRO A 176 -10.96 -23.96 -2.66
C PRO A 176 -11.92 -23.65 -3.78
N LEU A 177 -12.16 -22.36 -4.00
CA LEU A 177 -13.12 -21.89 -4.99
C LEU A 177 -12.44 -21.87 -6.36
N GLN A 178 -11.12 -21.68 -6.35
CA GLN A 178 -10.37 -21.70 -7.59
C GLN A 178 -10.42 -23.08 -8.21
N PHE A 179 -10.43 -24.12 -7.38
CA PHE A 179 -10.63 -25.47 -7.89
C PHE A 179 -12.04 -25.69 -8.42
N LEU A 180 -13.04 -25.16 -7.71
CA LEU A 180 -14.43 -25.36 -8.10
C LEU A 180 -14.77 -24.61 -9.38
N ASN A 181 -14.11 -23.47 -9.58
CA ASN A 181 -14.48 -22.53 -10.62
C ASN A 181 -13.60 -22.74 -11.85
N PRO A 182 -14.22 -23.08 -13.00
CA PRO A 182 -13.54 -23.25 -14.30
C PRO A 182 -12.80 -22.00 -14.79
N TYR A 183 -13.13 -20.86 -14.23
CA TYR A 183 -12.46 -19.62 -14.59
C TYR A 183 -10.97 -19.72 -14.28
N TYR A 184 -10.64 -20.46 -13.23
CA TYR A 184 -9.26 -20.74 -12.84
C TYR A 184 -8.82 -22.14 -13.23
N ASN A 185 -9.68 -23.11 -12.92
CA ASN A 185 -9.32 -24.52 -13.00
C ASN A 185 -9.46 -25.07 -14.42
N LYS A 186 -8.32 -25.19 -15.11
CA LYS A 186 -8.28 -25.74 -16.48
C LYS A 186 -7.78 -27.19 -16.52
N ARG A 187 -7.70 -27.84 -15.37
CA ARG A 187 -7.17 -29.20 -15.31
C ARG A 187 -8.04 -30.18 -16.05
N THR A 188 -7.43 -31.33 -16.32
CA THR A 188 -8.12 -32.43 -16.97
C THR A 188 -7.94 -33.73 -16.18
N ASP A 189 -7.48 -33.63 -14.93
CA ASP A 189 -7.34 -34.83 -14.10
C ASP A 189 -8.51 -34.94 -13.12
N LYS A 190 -8.35 -35.72 -12.07
CA LYS A 190 -9.49 -35.96 -11.18
C LYS A 190 -9.91 -34.75 -10.36
N TYR A 191 -9.18 -33.65 -10.53
CA TYR A 191 -9.48 -32.42 -9.82
C TYR A 191 -10.02 -31.35 -10.76
N GLY A 192 -10.36 -31.75 -11.98
CA GLY A 192 -10.72 -30.78 -13.00
C GLY A 192 -11.87 -31.33 -13.81
N GLY A 193 -12.56 -30.46 -14.53
CA GLY A 193 -13.60 -30.92 -15.43
C GLY A 193 -14.99 -30.92 -14.85
N SER A 194 -15.42 -32.06 -14.31
CA SER A 194 -16.79 -32.24 -13.84
C SER A 194 -16.95 -31.60 -12.47
N LEU A 195 -18.20 -31.36 -12.05
CA LEU A 195 -18.43 -30.75 -10.74
C LEU A 195 -17.80 -31.62 -9.67
N GLU A 196 -18.00 -32.92 -9.81
CA GLU A 196 -17.50 -33.90 -8.85
C GLU A 196 -15.99 -33.78 -8.69
N ASN A 197 -15.30 -33.60 -9.81
CA ASN A 197 -13.85 -33.45 -9.79
C ASN A 197 -13.44 -32.09 -9.25
N ARG A 198 -14.13 -31.06 -9.71
CA ARG A 198 -13.86 -29.69 -9.30
C ARG A 198 -14.21 -29.45 -7.82
N ALA A 199 -15.17 -30.21 -7.30
CA ALA A 199 -15.55 -30.13 -5.90
C ALA A 199 -14.59 -30.90 -5.00
N ARG A 200 -13.78 -31.77 -5.61
CA ARG A 200 -12.94 -32.74 -4.90
C ARG A 200 -11.95 -32.12 -3.91
N PHE A 201 -11.18 -31.11 -4.32
CA PHE A 201 -10.21 -30.50 -3.43
C PHE A 201 -10.85 -29.97 -2.13
N TRP A 202 -12.00 -29.32 -2.26
CA TRP A 202 -12.67 -28.68 -1.12
C TRP A 202 -13.21 -29.78 -0.20
N LEU A 203 -13.86 -30.77 -0.82
CA LEU A 203 -14.43 -31.90 -0.10
C LEU A 203 -13.38 -32.63 0.72
N GLU A 204 -12.22 -32.88 0.10
CA GLU A 204 -11.15 -33.61 0.76
C GLU A 204 -10.58 -32.80 1.91
N THR A 205 -10.43 -31.48 1.70
CA THR A 205 -9.89 -30.59 2.73
C THR A 205 -10.82 -30.56 3.92
N LEU A 206 -12.11 -30.50 3.63
CA LEU A 206 -13.15 -30.46 4.65
C LEU A 206 -13.07 -31.66 5.58
N GLU A 207 -13.02 -32.86 5.01
CA GLU A 207 -13.03 -34.05 5.85
C GLU A 207 -11.72 -34.27 6.57
N LYS A 208 -10.62 -33.79 5.99
CA LYS A 208 -9.35 -33.84 6.67
C LYS A 208 -9.30 -32.88 7.86
N VAL A 209 -9.84 -31.68 7.68
CA VAL A 209 -9.91 -30.74 8.79
C VAL A 209 -10.91 -31.22 9.85
N LYS A 210 -12.05 -31.72 9.41
CA LYS A 210 -13.03 -32.34 10.29
C LYS A 210 -12.43 -33.49 11.09
N HIS A 211 -11.60 -34.30 10.43
CA HIS A 211 -10.97 -35.41 11.10
C HIS A 211 -10.01 -34.93 12.17
N ALA A 212 -9.28 -33.86 11.87
CA ALA A 212 -8.28 -33.37 12.79
C ALA A 212 -8.89 -32.72 14.03
N VAL A 213 -9.95 -31.92 13.87
CA VAL A 213 -10.44 -31.10 14.99
C VAL A 213 -11.95 -31.12 15.20
N GLY A 214 -12.64 -31.92 14.39
CA GLY A 214 -14.09 -31.90 14.36
C GLY A 214 -14.77 -32.22 15.67
N SER A 215 -14.08 -32.88 16.57
CA SER A 215 -14.63 -33.26 17.88
C SER A 215 -14.73 -32.05 18.79
N ASP A 216 -13.73 -31.17 18.67
CA ASP A 216 -13.60 -30.06 19.60
C ASP A 216 -14.12 -28.77 18.97
N CYS A 217 -14.25 -28.76 17.65
CA CYS A 217 -14.46 -27.53 16.92
C CYS A 217 -15.62 -27.66 15.96
N ALA A 218 -16.38 -26.59 15.81
CA ALA A 218 -17.38 -26.54 14.73
C ALA A 218 -16.61 -26.29 13.45
N ILE A 219 -16.99 -27.00 12.41
CA ILE A 219 -16.34 -26.85 11.11
C ILE A 219 -17.30 -26.06 10.25
N ALA A 220 -16.91 -24.84 9.91
CA ALA A 220 -17.75 -24.01 9.06
C ALA A 220 -17.04 -23.86 7.72
N THR A 221 -17.78 -23.49 6.69
CA THR A 221 -17.15 -23.08 5.45
C THR A 221 -17.81 -21.80 4.92
N ARG A 222 -16.99 -20.93 4.33
CA ARG A 222 -17.45 -19.66 3.79
C ARG A 222 -17.40 -19.86 2.28
N PHE A 223 -18.56 -19.80 1.64
CA PHE A 223 -18.71 -20.18 0.22
C PHE A 223 -19.31 -19.04 -0.61
N GLY A 224 -18.63 -18.69 -1.71
CA GLY A 224 -19.15 -17.71 -2.66
C GLY A 224 -20.06 -18.40 -3.67
N VAL A 225 -21.34 -18.47 -3.33
CA VAL A 225 -22.31 -19.32 -4.03
C VAL A 225 -22.61 -18.88 -5.45
N ASP A 226 -22.25 -17.63 -5.78
CA ASP A 226 -22.43 -17.08 -7.12
C ASP A 226 -21.38 -15.98 -7.28
N THR A 227 -20.64 -16.01 -8.38
CA THR A 227 -19.57 -15.05 -8.59
C THR A 227 -20.11 -13.77 -9.19
N VAL A 228 -21.43 -13.77 -9.41
CA VAL A 228 -22.15 -12.71 -10.12
C VAL A 228 -21.47 -12.22 -11.41
N TYR A 229 -20.95 -13.18 -12.18
CA TYR A 229 -20.40 -12.89 -13.50
C TYR A 229 -21.24 -13.51 -14.62
N GLY A 230 -22.24 -14.28 -14.24
CA GLY A 230 -23.05 -14.94 -15.24
C GLY A 230 -22.45 -16.30 -15.51
N PRO A 231 -22.95 -16.99 -16.54
CA PRO A 231 -22.35 -18.27 -16.94
C PRO A 231 -20.87 -18.08 -17.24
N GLY A 232 -20.03 -18.97 -16.72
CA GLY A 232 -18.61 -18.83 -16.91
C GLY A 232 -17.86 -18.88 -15.60
N GLN A 233 -18.54 -18.52 -14.53
CA GLN A 233 -18.03 -18.79 -13.18
C GLN A 233 -19.14 -19.51 -12.43
N ILE A 234 -19.18 -19.36 -11.11
CA ILE A 234 -20.14 -20.07 -10.29
C ILE A 234 -21.51 -19.39 -10.31
N GLU A 235 -22.52 -20.13 -10.77
CA GLU A 235 -23.92 -19.69 -10.70
C GLU A 235 -24.63 -20.53 -9.64
N ALA A 236 -25.48 -19.87 -8.84
CA ALA A 236 -26.05 -20.49 -7.64
C ALA A 236 -26.94 -21.70 -7.95
N GLU A 237 -27.69 -21.62 -9.04
CA GLU A 237 -28.66 -22.66 -9.34
C GLU A 237 -28.10 -23.70 -10.30
N VAL A 238 -26.80 -23.59 -10.56
CA VAL A 238 -26.08 -24.60 -11.31
C VAL A 238 -25.12 -25.30 -10.34
N ASP A 239 -23.88 -24.83 -10.25
CA ASP A 239 -22.90 -25.44 -9.34
C ASP A 239 -23.15 -25.09 -7.88
N GLY A 240 -23.59 -23.86 -7.62
CA GLY A 240 -23.72 -23.39 -6.26
C GLY A 240 -24.49 -24.34 -5.36
N GLN A 241 -25.72 -24.66 -5.74
CA GLN A 241 -26.59 -25.50 -4.93
C GLN A 241 -26.12 -26.94 -4.91
N LYS A 242 -25.66 -27.44 -6.05
CA LYS A 242 -25.17 -28.80 -6.14
C LYS A 242 -23.94 -29.04 -5.26
N PHE A 243 -23.08 -28.02 -5.16
CA PHE A 243 -21.96 -28.14 -4.26
C PHE A 243 -22.41 -28.22 -2.81
N VAL A 244 -23.39 -27.39 -2.43
CA VAL A 244 -23.91 -27.42 -1.06
C VAL A 244 -24.45 -28.81 -0.71
N GLU A 245 -25.15 -29.45 -1.64
CA GLU A 245 -25.63 -30.82 -1.44
C GLU A 245 -24.49 -31.80 -1.21
N MET A 246 -23.45 -31.71 -2.04
CA MET A 246 -22.28 -32.57 -1.92
C MET A 246 -21.58 -32.42 -0.56
N ALA A 247 -21.46 -31.19 -0.09
CA ALA A 247 -20.60 -30.89 1.06
C ALA A 247 -21.36 -30.80 2.37
N ASP A 248 -22.69 -30.85 2.30
CA ASP A 248 -23.57 -30.54 3.42
C ASP A 248 -23.28 -31.37 4.66
N SER A 249 -22.94 -32.64 4.46
CA SER A 249 -22.75 -33.55 5.58
C SER A 249 -21.46 -33.30 6.33
N LEU A 250 -20.53 -32.59 5.68
CA LEU A 250 -19.22 -32.33 6.27
C LEU A 250 -19.21 -31.02 7.05
N VAL A 251 -20.04 -30.08 6.64
CA VAL A 251 -20.04 -28.74 7.21
C VAL A 251 -21.07 -28.65 8.34
N ASP A 252 -20.67 -28.00 9.42
CA ASP A 252 -21.57 -27.75 10.55
C ASP A 252 -22.44 -26.50 10.34
N MET A 253 -22.03 -25.64 9.42
CA MET A 253 -22.71 -24.38 9.21
C MET A 253 -22.22 -23.78 7.91
N TRP A 254 -23.15 -23.25 7.12
CA TRP A 254 -22.80 -22.57 5.88
C TRP A 254 -22.79 -21.06 6.07
N ASP A 255 -21.73 -20.43 5.60
CA ASP A 255 -21.59 -18.98 5.66
C ASP A 255 -21.46 -18.54 4.19
N ILE A 256 -22.47 -17.85 3.68
CA ILE A 256 -22.59 -17.61 2.24
C ILE A 256 -22.27 -16.16 1.84
N THR A 257 -21.59 -16.00 0.71
CA THR A 257 -21.34 -14.69 0.13
C THR A 257 -21.56 -14.75 -1.37
N ILE A 258 -21.50 -13.60 -2.05
CA ILE A 258 -21.51 -13.54 -3.50
C ILE A 258 -20.40 -12.66 -3.98
N GLY A 259 -19.92 -12.94 -5.20
CA GLY A 259 -18.96 -12.09 -5.85
C GLY A 259 -17.60 -12.75 -5.86
N ASP A 260 -16.60 -12.04 -6.38
CA ASP A 260 -15.24 -12.53 -6.51
C ASP A 260 -14.32 -11.68 -5.64
N ILE A 261 -13.05 -11.52 -6.04
CA ILE A 261 -12.10 -10.74 -5.24
C ILE A 261 -11.84 -9.38 -5.88
N ALA A 262 -11.76 -9.34 -7.20
CA ALA A 262 -11.50 -8.09 -7.89
C ALA A 262 -12.64 -7.10 -7.64
N GLU A 263 -13.84 -7.62 -7.45
CA GLU A 263 -15.03 -6.79 -7.23
C GLU A 263 -15.80 -7.19 -5.98
N TRP A 264 -15.12 -7.30 -4.86
CA TRP A 264 -15.78 -7.77 -3.67
C TRP A 264 -16.66 -6.72 -2.99
N GLY A 265 -16.82 -5.59 -3.68
CA GLY A 265 -17.86 -4.63 -3.32
C GLY A 265 -19.26 -5.19 -3.55
N GLU A 266 -19.35 -6.32 -4.25
CA GLU A 266 -20.61 -7.00 -4.45
C GLU A 266 -21.03 -7.77 -3.20
N ASP A 267 -20.03 -8.20 -2.45
CA ASP A 267 -20.22 -8.78 -1.12
C ASP A 267 -20.46 -7.64 -0.13
N ALA A 268 -19.41 -6.87 0.14
CA ALA A 268 -19.52 -5.69 0.98
C ALA A 268 -20.20 -4.55 0.22
N GLY A 269 -21.50 -4.68 -0.03
CA GLY A 269 -22.20 -3.70 -0.85
C GLY A 269 -22.20 -2.28 -0.29
N PRO A 270 -21.62 -1.33 -1.03
CA PRO A 270 -21.70 0.07 -0.58
C PRO A 270 -23.16 0.50 -0.62
N SER A 271 -23.55 1.36 0.32
CA SER A 271 -24.93 1.86 0.34
C SER A 271 -25.20 2.69 -0.89
N ARG A 272 -24.13 3.18 -1.53
CA ARG A 272 -24.25 3.88 -2.81
C ARG A 272 -24.99 3.04 -3.84
N PHE A 273 -24.79 1.73 -3.81
CA PHE A 273 -25.37 0.83 -4.80
C PHE A 273 -26.39 -0.15 -4.22
N TYR A 274 -26.19 -0.56 -2.98
CA TYR A 274 -26.93 -1.69 -2.43
C TYR A 274 -27.60 -1.35 -1.12
N GLN A 275 -28.84 -1.84 -0.97
CA GLN A 275 -29.56 -1.72 0.28
C GLN A 275 -29.35 -2.95 1.16
N GLN A 276 -29.70 -2.80 2.43
CA GLN A 276 -29.74 -3.89 3.38
C GLN A 276 -30.55 -5.04 2.80
N GLY A 277 -30.08 -6.26 3.00
CA GLY A 277 -30.70 -7.42 2.36
C GLY A 277 -30.46 -7.63 0.86
N HIS A 278 -29.45 -6.96 0.29
CA HIS A 278 -29.20 -7.02 -1.15
C HIS A 278 -28.85 -8.41 -1.67
N THR A 279 -28.44 -9.29 -0.75
CA THR A 279 -27.87 -10.59 -1.10
C THR A 279 -28.90 -11.69 -1.07
N ILE A 280 -30.09 -11.36 -0.58
CA ILE A 280 -31.11 -12.36 -0.29
C ILE A 280 -31.48 -13.31 -1.45
N PRO A 281 -31.57 -12.80 -2.69
CA PRO A 281 -31.94 -13.71 -3.78
C PRO A 281 -31.00 -14.91 -3.96
N TRP A 282 -29.73 -14.73 -3.62
CA TRP A 282 -28.73 -15.80 -3.73
C TRP A 282 -28.61 -16.62 -2.44
N VAL A 283 -28.60 -15.95 -1.30
CA VAL A 283 -28.47 -16.61 -0.02
C VAL A 283 -29.60 -17.61 0.23
N LYS A 284 -30.82 -17.23 -0.08
CA LYS A 284 -31.96 -18.08 0.25
C LYS A 284 -31.94 -19.38 -0.53
N LEU A 285 -31.31 -19.38 -1.70
CA LEU A 285 -31.14 -20.57 -2.52
C LEU A 285 -30.48 -21.70 -1.73
N VAL A 286 -29.62 -21.33 -0.77
CA VAL A 286 -28.81 -22.31 -0.04
C VAL A 286 -29.64 -23.06 1.00
N LYS A 287 -30.44 -22.32 1.76
CA LYS A 287 -31.27 -22.90 2.80
C LYS A 287 -32.29 -23.87 2.18
N GLN A 288 -32.62 -23.64 0.92
CA GLN A 288 -33.44 -24.58 0.14
C GLN A 288 -32.89 -26.01 0.13
N VAL A 289 -31.57 -26.16 0.08
CA VAL A 289 -30.97 -27.47 -0.14
C VAL A 289 -30.13 -27.93 1.05
N SER A 290 -29.80 -27.00 1.95
CA SER A 290 -28.99 -27.37 3.10
C SER A 290 -29.87 -27.88 4.24
N LYS A 291 -29.28 -28.75 5.05
CA LYS A 291 -29.93 -29.24 6.26
C LYS A 291 -29.21 -28.65 7.48
N LYS A 292 -28.29 -27.73 7.22
CA LYS A 292 -27.45 -27.17 8.28
C LYS A 292 -27.76 -25.68 8.40
N PRO A 293 -27.43 -25.06 9.55
CA PRO A 293 -27.64 -23.61 9.70
C PRO A 293 -26.90 -22.83 8.63
N VAL A 294 -27.59 -21.91 7.97
CA VAL A 294 -26.91 -21.02 7.05
C VAL A 294 -27.09 -19.57 7.47
N LEU A 295 -26.07 -18.77 7.20
CA LEU A 295 -26.17 -17.34 7.38
C LEU A 295 -25.60 -16.70 6.14
N GLY A 296 -25.99 -15.44 5.91
CA GLY A 296 -25.52 -14.71 4.75
C GLY A 296 -25.63 -13.23 5.00
N VAL A 297 -24.49 -12.55 5.03
CA VAL A 297 -24.42 -11.11 5.28
C VAL A 297 -25.26 -10.33 4.27
N GLY A 298 -25.67 -9.12 4.65
CA GLY A 298 -26.49 -8.29 3.77
C GLY A 298 -26.64 -6.91 4.35
N ARG A 299 -25.59 -6.43 5.02
CA ARG A 299 -25.59 -5.20 5.81
C ARG A 299 -26.82 -5.02 6.70
N TYR A 300 -27.02 -5.97 7.61
CA TYR A 300 -28.19 -5.99 8.45
C TYR A 300 -27.95 -5.17 9.71
N THR A 301 -28.73 -4.11 9.87
CA THR A 301 -28.64 -3.26 11.03
C THR A 301 -30.00 -3.15 11.70
N ASP A 302 -31.04 -3.61 11.00
CA ASP A 302 -32.43 -3.38 11.40
C ASP A 302 -33.08 -4.69 11.86
N PRO A 303 -33.52 -4.77 13.13
CA PRO A 303 -34.06 -6.02 13.67
C PRO A 303 -35.33 -6.53 12.99
N GLU A 304 -36.05 -5.65 12.32
CA GLU A 304 -37.24 -6.04 11.56
C GLU A 304 -36.83 -6.83 10.34
N LYS A 305 -35.75 -6.38 9.71
CA LYS A 305 -35.15 -7.08 8.59
C LYS A 305 -34.56 -8.39 9.04
N MET A 306 -33.84 -8.37 10.16
CA MET A 306 -33.29 -9.58 10.74
C MET A 306 -34.35 -10.64 11.02
N ILE A 307 -35.48 -10.26 11.63
CA ILE A 307 -36.51 -11.25 11.93
C ILE A 307 -37.25 -11.72 10.67
N GLU A 308 -37.32 -10.86 9.66
CA GLU A 308 -37.95 -11.22 8.40
C GLU A 308 -37.23 -12.38 7.70
N ILE A 309 -35.90 -12.32 7.68
CA ILE A 309 -35.13 -13.31 6.93
C ILE A 309 -35.07 -14.63 7.68
N VAL A 310 -35.09 -14.57 9.01
CA VAL A 310 -35.17 -15.78 9.83
C VAL A 310 -36.54 -16.47 9.71
N THR A 311 -37.63 -15.72 9.89
CA THR A 311 -38.96 -16.33 9.86
C THR A 311 -39.39 -16.70 8.44
N LYS A 312 -38.88 -15.97 7.44
CA LYS A 312 -39.16 -16.36 6.07
C LYS A 312 -38.25 -17.47 5.56
N GLY A 313 -37.38 -17.95 6.44
CA GLY A 313 -36.57 -19.11 6.12
C GLY A 313 -35.48 -18.82 5.11
N TYR A 314 -34.98 -17.58 5.10
CA TYR A 314 -33.86 -17.23 4.25
C TYR A 314 -32.54 -17.56 4.93
N ALA A 315 -32.47 -17.37 6.24
CA ALA A 315 -31.25 -17.64 7.01
C ALA A 315 -31.67 -18.04 8.41
N ASP A 316 -30.73 -18.62 9.16
CA ASP A 316 -30.97 -19.01 10.56
C ASP A 316 -30.23 -18.08 11.51
N ILE A 317 -29.14 -17.50 11.03
CA ILE A 317 -28.26 -16.72 11.87
C ILE A 317 -28.09 -15.39 11.15
N ILE A 318 -27.88 -14.32 11.92
CA ILE A 318 -27.66 -13.01 11.32
C ILE A 318 -26.17 -12.74 11.27
N GLY A 319 -25.60 -12.83 10.07
CA GLY A 319 -24.19 -12.54 9.91
C GLY A 319 -23.95 -11.07 9.67
N CYS A 320 -22.95 -10.52 10.33
CA CYS A 320 -22.63 -9.11 10.20
C CYS A 320 -21.14 -8.93 10.23
N ALA A 321 -20.63 -8.01 9.41
CA ALA A 321 -19.26 -7.53 9.55
C ALA A 321 -19.31 -6.06 9.89
N ARG A 322 -19.66 -5.23 8.92
CA ARG A 322 -19.69 -3.77 9.11
C ARG A 322 -20.66 -3.31 10.19
N PRO A 323 -21.87 -3.90 10.24
CA PRO A 323 -22.78 -3.49 11.33
C PRO A 323 -22.15 -3.65 12.72
N SER A 324 -21.24 -4.61 12.84
CA SER A 324 -20.59 -4.91 14.10
C SER A 324 -19.44 -3.96 14.37
N ILE A 325 -18.87 -3.39 13.30
CA ILE A 325 -17.81 -2.41 13.44
C ILE A 325 -18.42 -1.08 13.89
N ALA A 326 -19.50 -0.68 13.23
CA ALA A 326 -20.20 0.55 13.56
C ALA A 326 -20.80 0.52 14.97
N ASP A 327 -21.39 -0.62 15.35
CA ASP A 327 -21.92 -0.77 16.69
C ASP A 327 -21.64 -2.11 17.31
N PRO A 328 -20.55 -2.21 18.09
CA PRO A 328 -20.23 -3.44 18.81
C PRO A 328 -21.28 -3.94 19.80
N PHE A 329 -22.22 -3.08 20.18
CA PHE A 329 -23.26 -3.45 21.17
C PHE A 329 -24.65 -3.56 20.54
N LEU A 330 -24.68 -3.68 19.22
CA LEU A 330 -25.92 -3.87 18.48
C LEU A 330 -26.81 -4.93 19.13
N PRO A 331 -26.25 -6.11 19.48
CA PRO A 331 -27.12 -7.15 20.03
C PRO A 331 -27.69 -6.80 21.41
N GLN A 332 -26.88 -6.18 22.26
CA GLN A 332 -27.34 -5.78 23.59
C GLN A 332 -28.43 -4.71 23.52
N LYS A 333 -28.29 -3.77 22.59
CA LYS A 333 -29.30 -2.73 22.43
C LYS A 333 -30.65 -3.28 21.96
N VAL A 334 -30.61 -4.24 21.02
CA VAL A 334 -31.81 -4.96 20.61
C VAL A 334 -32.43 -5.78 21.74
N GLU A 335 -31.62 -6.52 22.47
CA GLU A 335 -32.08 -7.33 23.59
C GLU A 335 -32.80 -6.45 24.63
N GLN A 336 -32.16 -5.33 24.99
CA GLN A 336 -32.71 -4.42 25.99
C GLN A 336 -33.72 -3.44 25.44
N GLY A 337 -33.97 -3.48 24.13
CA GLY A 337 -34.96 -2.62 23.54
C GLY A 337 -34.49 -1.19 23.30
N ARG A 338 -33.20 -0.95 23.38
CA ARG A 338 -32.68 0.40 23.15
C ARG A 338 -32.40 0.64 21.67
N TYR A 339 -33.43 0.51 20.85
CA TYR A 339 -33.24 0.57 19.41
C TYR A 339 -32.72 1.92 18.92
N ASP A 340 -32.96 2.98 19.69
CA ASP A 340 -32.56 4.32 19.26
C ASP A 340 -31.12 4.66 19.63
N ASP A 341 -30.46 3.71 20.32
CA ASP A 341 -29.03 3.83 20.62
C ASP A 341 -28.17 3.09 19.59
N ILE A 342 -28.81 2.42 18.65
CA ILE A 342 -28.11 1.67 17.62
C ILE A 342 -27.45 2.63 16.60
N ARG A 343 -26.13 2.61 16.59
CA ARG A 343 -25.32 3.37 15.64
C ARG A 343 -25.27 2.61 14.32
N VAL A 344 -26.04 3.06 13.35
CA VAL A 344 -26.23 2.31 12.12
C VAL A 344 -25.12 2.55 11.11
N CYS A 345 -24.51 1.47 10.65
CA CYS A 345 -23.52 1.53 9.59
C CYS A 345 -24.11 2.24 8.37
N ILE A 346 -23.39 3.24 7.87
CA ILE A 346 -23.80 3.96 6.66
C ILE A 346 -23.31 3.39 5.31
N GLY A 347 -22.68 2.22 5.31
CA GLY A 347 -22.24 1.59 4.07
C GLY A 347 -21.24 2.36 3.23
N CYS A 348 -20.41 3.17 3.89
CA CYS A 348 -19.44 4.01 3.19
C CYS A 348 -18.18 3.24 2.79
N ASN A 349 -17.90 2.13 3.47
CA ASN A 349 -16.74 1.26 3.18
C ASN A 349 -15.37 1.89 3.40
N VAL A 350 -15.30 2.95 4.21
CA VAL A 350 -14.02 3.56 4.59
C VAL A 350 -13.19 2.63 5.51
N CYS A 351 -13.85 1.73 6.22
CA CYS A 351 -13.15 0.68 6.98
C CYS A 351 -12.37 -0.26 6.05
N ILE A 352 -13.04 -0.72 4.99
CA ILE A 352 -12.42 -1.50 3.93
C ILE A 352 -11.24 -0.76 3.29
N SER A 353 -11.42 0.53 3.01
CA SER A 353 -10.46 1.27 2.23
C SER A 353 -9.07 1.25 2.86
N ARG A 354 -9.03 1.31 4.19
CA ARG A 354 -7.75 1.28 4.92
C ARG A 354 -7.02 -0.06 4.75
N TRP A 355 -7.74 -1.17 4.80
CA TRP A 355 -7.19 -2.49 4.51
C TRP A 355 -6.69 -2.62 3.06
N GLU A 356 -7.52 -2.15 2.13
CA GLU A 356 -7.19 -2.25 0.72
C GLU A 356 -5.92 -1.48 0.41
N ILE A 357 -5.77 -0.31 1.02
CA ILE A 357 -4.55 0.47 0.85
C ILE A 357 -3.34 -0.36 1.30
N GLY A 358 -3.58 -1.25 2.26
CA GLY A 358 -2.60 -2.28 2.57
C GLY A 358 -1.65 -1.82 3.64
N GLY A 359 -1.91 -2.25 4.87
CA GLY A 359 -1.10 -1.77 5.97
C GLY A 359 -1.88 -1.10 7.10
N PRO A 360 -2.58 0.03 6.85
CA PRO A 360 -3.08 0.86 7.95
C PRO A 360 -4.19 0.18 8.76
N PRO A 361 -4.31 0.53 10.05
CA PRO A 361 -5.45 0.02 10.83
C PRO A 361 -6.80 0.51 10.30
N MET A 362 -7.85 -0.26 10.56
CA MET A 362 -9.20 0.16 10.17
C MET A 362 -9.63 1.42 10.93
N ILE A 363 -10.46 2.23 10.30
CA ILE A 363 -11.18 3.31 10.96
C ILE A 363 -12.65 3.21 10.54
N CYS A 364 -13.54 3.79 11.33
CA CYS A 364 -14.96 3.73 11.04
C CYS A 364 -15.60 5.11 11.14
N THR A 365 -16.33 5.49 10.10
CA THR A 365 -17.03 6.77 10.05
C THR A 365 -18.02 6.98 11.22
N GLN A 366 -18.81 5.96 11.54
CA GLN A 366 -19.75 6.03 12.67
C GLN A 366 -19.04 5.93 14.01
N ASN A 367 -18.17 4.93 14.13
CA ASN A 367 -17.61 4.54 15.42
C ASN A 367 -16.16 4.98 15.51
N ALA A 368 -15.92 6.11 16.17
CA ALA A 368 -14.57 6.64 16.25
C ALA A 368 -13.68 5.86 17.20
N THR A 369 -14.23 4.87 17.91
CA THR A 369 -13.40 4.05 18.80
C THR A 369 -12.86 2.80 18.11
N ALA A 370 -13.40 2.46 16.94
CA ALA A 370 -12.94 1.28 16.22
C ALA A 370 -11.46 1.39 15.89
N GLY A 371 -10.68 0.42 16.33
CA GLY A 371 -9.26 0.47 16.13
C GLY A 371 -8.57 1.22 17.25
N GLU A 372 -9.35 1.90 18.08
CA GLU A 372 -8.83 2.70 19.19
C GLU A 372 -9.06 2.09 20.57
N GLU A 373 -9.76 0.96 20.62
CA GLU A 373 -10.14 0.32 21.88
C GLU A 373 -8.93 -0.06 22.73
N TYR A 374 -7.92 -0.68 22.11
CA TYR A 374 -6.70 -1.04 22.82
C TYR A 374 -5.69 0.10 22.92
N ARG A 375 -5.32 0.69 21.79
CA ARG A 375 -4.23 1.66 21.82
C ARG A 375 -4.53 2.89 22.68
N ARG A 376 -5.76 3.39 22.67
CA ARG A 376 -6.06 4.50 23.57
C ARG A 376 -7.07 4.25 24.69
N GLY A 377 -7.53 3.02 24.79
CA GLY A 377 -8.38 2.64 25.91
C GLY A 377 -9.79 3.20 25.80
N TRP A 378 -10.23 3.45 24.57
CA TRP A 378 -11.56 4.01 24.35
C TRP A 378 -12.60 2.89 24.19
N HIS A 379 -13.45 2.71 25.19
CA HIS A 379 -14.60 1.83 25.06
C HIS A 379 -15.73 2.58 24.33
N PRO A 380 -16.42 1.94 23.37
CA PRO A 380 -17.45 2.69 22.64
C PRO A 380 -18.64 3.09 23.51
N GLU A 381 -18.87 2.33 24.59
CA GLU A 381 -20.07 2.51 25.39
C GLU A 381 -19.79 2.95 26.82
N LYS A 382 -18.53 3.25 27.15
CA LYS A 382 -18.15 3.60 28.52
C LYS A 382 -17.29 4.83 28.53
N PHE A 383 -17.62 5.79 29.39
CA PHE A 383 -17.00 7.10 29.34
C PHE A 383 -16.59 7.52 30.73
N ARG A 384 -15.39 8.07 30.84
CA ARG A 384 -14.91 8.63 32.08
C ARG A 384 -15.84 9.78 32.46
N GLN A 385 -16.28 9.82 33.71
CA GLN A 385 -17.18 10.89 34.17
C GLN A 385 -16.39 12.05 34.80
N THR A 386 -16.79 13.28 34.47
CA THR A 386 -16.10 14.46 34.98
C THR A 386 -16.34 14.68 36.47
N LYS A 387 -15.33 15.19 37.17
CA LYS A 387 -15.43 15.49 38.59
C LYS A 387 -15.54 16.98 38.83
N ASN A 388 -15.93 17.72 37.80
CA ASN A 388 -16.02 19.17 37.88
C ASN A 388 -17.26 19.63 37.14
N LYS A 389 -17.42 20.95 37.03
CA LYS A 389 -18.65 21.53 36.49
C LYS A 389 -18.39 22.33 35.22
N ASP A 390 -17.34 21.99 34.49
CA ASP A 390 -16.92 22.79 33.34
C ASP A 390 -17.96 22.74 32.24
N SER A 391 -18.33 23.91 31.74
CA SER A 391 -19.20 24.00 30.59
C SER A 391 -18.33 24.15 29.36
N VAL A 392 -18.81 23.65 28.24
CA VAL A 392 -18.08 23.77 26.99
C VAL A 392 -18.99 24.32 25.91
N LEU A 393 -18.50 25.33 25.19
CA LEU A 393 -19.18 25.87 24.04
C LEU A 393 -18.58 25.25 22.78
N ILE A 394 -19.42 24.67 21.96
CA ILE A 394 -18.99 24.09 20.70
C ILE A 394 -19.66 24.90 19.61
N VAL A 395 -18.87 25.58 18.78
CA VAL A 395 -19.45 26.28 17.65
C VAL A 395 -19.23 25.52 16.33
N GLY A 396 -20.32 24.92 15.86
CA GLY A 396 -20.29 24.08 14.67
C GLY A 396 -20.87 22.74 15.05
N ALA A 397 -21.90 22.28 14.35
CA ALA A 397 -22.57 21.04 14.70
C ALA A 397 -22.46 20.02 13.57
N GLY A 398 -21.32 20.02 12.90
CA GLY A 398 -21.06 19.03 11.87
C GLY A 398 -20.54 17.74 12.47
N PRO A 399 -20.04 16.82 11.63
CA PRO A 399 -19.53 15.53 12.10
C PRO A 399 -18.61 15.62 13.31
N SER A 400 -17.72 16.60 13.32
CA SER A 400 -16.78 16.77 14.42
C SER A 400 -17.44 17.41 15.64
N GLY A 401 -18.03 18.59 15.44
CA GLY A 401 -18.67 19.31 16.52
C GLY A 401 -19.75 18.50 17.22
N SER A 402 -20.58 17.81 16.46
CA SER A 402 -21.67 17.04 17.06
C SER A 402 -21.15 15.81 17.79
N GLU A 403 -20.01 15.27 17.35
CA GLU A 403 -19.43 14.11 18.02
C GLU A 403 -18.78 14.53 19.32
N ALA A 404 -18.09 15.66 19.31
CA ALA A 404 -17.49 16.21 20.53
C ALA A 404 -18.59 16.54 21.57
N ALA A 405 -19.65 17.19 21.11
CA ALA A 405 -20.81 17.43 21.96
C ALA A 405 -21.31 16.15 22.61
N ARG A 406 -21.53 15.12 21.78
CA ARG A 406 -22.09 13.86 22.26
C ARG A 406 -21.21 13.18 23.30
N VAL A 407 -19.90 13.16 23.09
CA VAL A 407 -19.02 12.45 24.01
C VAL A 407 -18.91 13.23 25.32
N LEU A 408 -18.77 14.54 25.20
CA LEU A 408 -18.68 15.42 26.35
C LEU A 408 -19.92 15.24 27.22
N MET A 409 -21.09 15.29 26.60
CA MET A 409 -22.35 15.09 27.30
C MET A 409 -22.43 13.72 28.00
N GLU A 410 -21.95 12.68 27.33
CA GLU A 410 -21.89 11.35 27.93
C GLU A 410 -20.96 11.33 29.15
N SER A 411 -19.96 12.20 29.14
CA SER A 411 -18.99 12.27 30.22
C SER A 411 -19.44 13.22 31.35
N GLY A 412 -20.68 13.69 31.27
CA GLY A 412 -21.21 14.53 32.33
C GLY A 412 -20.92 16.03 32.26
N TYR A 413 -20.23 16.51 31.23
CA TYR A 413 -20.03 17.95 31.14
C TYR A 413 -21.31 18.67 30.77
N THR A 414 -21.27 19.99 30.92
CA THR A 414 -22.36 20.85 30.50
C THR A 414 -21.95 21.44 29.16
N VAL A 415 -22.69 21.13 28.10
CA VAL A 415 -22.29 21.65 26.81
C VAL A 415 -23.37 22.48 26.12
N HIS A 416 -22.90 23.50 25.40
CA HIS A 416 -23.75 24.38 24.62
C HIS A 416 -23.26 24.20 23.18
N LEU A 417 -24.06 23.55 22.36
CA LEU A 417 -23.70 23.37 20.95
C LEU A 417 -24.53 24.35 20.12
N THR A 418 -23.86 25.09 19.25
CA THR A 418 -24.55 26.08 18.43
C THR A 418 -24.12 26.00 16.96
N ASP A 419 -25.03 26.41 16.08
CA ASP A 419 -24.76 26.42 14.66
C ASP A 419 -25.70 27.43 14.03
N THR A 420 -25.28 28.02 12.92
CA THR A 420 -26.14 28.83 12.09
C THR A 420 -27.15 27.97 11.34
N ALA A 421 -26.70 26.78 10.94
CA ALA A 421 -27.57 25.85 10.24
C ALA A 421 -28.71 25.47 11.16
N GLU A 422 -29.85 25.11 10.56
CA GLU A 422 -31.03 24.72 11.32
C GLU A 422 -30.99 23.26 11.78
N LYS A 423 -30.05 22.48 11.24
CA LYS A 423 -30.03 21.07 11.51
C LYS A 423 -28.63 20.65 11.87
N ILE A 424 -28.51 19.68 12.79
CA ILE A 424 -27.24 19.07 13.09
C ILE A 424 -26.76 18.34 11.82
N GLY A 425 -25.45 18.34 11.58
CA GLY A 425 -24.93 17.59 10.46
C GLY A 425 -23.91 18.30 9.60
N GLY A 426 -23.91 19.63 9.63
CA GLY A 426 -22.92 20.38 8.87
C GLY A 426 -22.97 20.03 7.40
N HIS A 427 -21.80 19.78 6.81
CA HIS A 427 -21.72 19.56 5.36
C HIS A 427 -22.30 18.20 4.97
N LEU A 428 -22.51 17.33 5.96
CA LEU A 428 -23.00 15.98 5.69
C LEU A 428 -24.45 16.05 5.21
N ASN A 429 -25.13 17.14 5.54
CA ASN A 429 -26.50 17.35 5.11
C ASN A 429 -26.59 17.56 3.60
N GLN A 430 -25.57 18.19 3.02
CA GLN A 430 -25.49 18.40 1.56
C GLN A 430 -25.02 17.13 0.86
N VAL A 431 -23.97 16.52 1.40
CA VAL A 431 -23.37 15.31 0.87
C VAL A 431 -24.36 14.14 0.77
N ALA A 432 -25.21 13.97 1.78
CA ALA A 432 -26.18 12.88 1.76
C ALA A 432 -27.31 13.11 0.75
N ALA A 433 -27.34 14.28 0.13
CA ALA A 433 -28.33 14.56 -0.90
C ALA A 433 -27.78 14.27 -2.31
N LEU A 434 -26.50 13.92 -2.40
CA LEU A 434 -25.88 13.50 -3.65
C LEU A 434 -26.50 12.17 -4.07
N PRO A 435 -26.53 11.87 -5.38
CA PRO A 435 -27.18 10.63 -5.81
C PRO A 435 -26.49 9.39 -5.21
N GLY A 436 -27.28 8.59 -4.48
CA GLY A 436 -26.78 7.35 -3.93
C GLY A 436 -26.34 7.42 -2.49
N LEU A 437 -26.11 8.61 -1.95
CA LEU A 437 -25.50 8.73 -0.63
C LEU A 437 -26.47 9.02 0.51
N GLY A 438 -27.74 8.68 0.30
CA GLY A 438 -28.79 8.97 1.27
C GLY A 438 -28.59 8.35 2.64
N GLU A 439 -28.04 7.14 2.68
CA GLU A 439 -27.81 6.44 3.94
C GLU A 439 -26.69 7.06 4.77
N TRP A 440 -25.92 7.98 4.18
CA TRP A 440 -24.91 8.68 4.93
C TRP A 440 -25.54 9.65 5.96
N SER A 441 -26.83 9.93 5.78
CA SER A 441 -27.65 10.64 6.76
C SER A 441 -27.56 10.02 8.15
N TYR A 442 -27.52 8.70 8.23
CA TYR A 442 -27.56 8.01 9.50
C TYR A 442 -26.48 8.53 10.44
N HIS A 443 -25.42 9.09 9.89
CA HIS A 443 -24.37 9.63 10.72
C HIS A 443 -24.91 10.78 11.56
N ARG A 444 -25.65 11.69 10.94
CA ARG A 444 -26.15 12.87 11.64
C ARG A 444 -27.49 12.61 12.33
N ASP A 445 -28.25 11.65 11.81
CA ASP A 445 -29.44 11.18 12.53
C ASP A 445 -29.05 10.65 13.90
N TYR A 446 -27.99 9.84 13.96
CA TYR A 446 -27.54 9.27 15.22
C TYR A 446 -27.17 10.33 16.26
N ARG A 447 -26.39 11.35 15.87
CA ARG A 447 -25.97 12.36 16.84
C ARG A 447 -27.12 13.29 17.25
N GLU A 448 -28.03 13.55 16.32
CA GLU A 448 -29.22 14.32 16.62
C GLU A 448 -30.00 13.63 17.74
N THR A 449 -30.47 12.41 17.47
CA THR A 449 -31.15 11.58 18.46
C THR A 449 -30.43 11.50 19.80
N GLN A 450 -29.13 11.24 19.76
CA GLN A 450 -28.37 11.08 20.98
C GLN A 450 -28.27 12.38 21.72
N ILE A 451 -28.02 13.46 20.98
CA ILE A 451 -27.85 14.75 21.60
C ILE A 451 -29.15 15.25 22.25
N THR A 452 -30.29 15.03 21.60
CA THR A 452 -31.54 15.50 22.17
C THR A 452 -31.88 14.69 23.42
N LYS A 453 -31.63 13.38 23.36
CA LYS A 453 -31.79 12.51 24.51
C LYS A 453 -30.90 12.92 25.69
N LEU A 454 -29.65 13.25 25.40
CA LEU A 454 -28.69 13.63 26.43
C LEU A 454 -28.98 14.99 27.07
N LEU A 455 -29.65 15.86 26.32
CA LEU A 455 -30.03 17.19 26.83
C LEU A 455 -30.92 17.03 28.04
N LYS A 456 -31.79 16.03 27.98
CA LYS A 456 -32.74 15.79 29.05
C LYS A 456 -32.03 15.36 30.34
N LYS A 457 -30.75 15.04 30.23
CA LYS A 457 -29.99 14.57 31.39
C LYS A 457 -29.21 15.69 32.06
N ASN A 458 -28.88 16.74 31.32
CA ASN A 458 -28.35 17.94 31.95
C ASN A 458 -29.09 19.16 31.44
N LYS A 459 -29.83 19.80 32.34
CA LYS A 459 -30.68 20.92 31.99
C LYS A 459 -29.88 22.21 31.71
N GLU A 460 -28.62 22.24 32.11
CA GLU A 460 -27.75 23.37 31.81
C GLU A 460 -27.16 23.24 30.40
N SER A 461 -27.28 22.04 29.82
CA SER A 461 -26.81 21.80 28.47
C SER A 461 -27.81 22.37 27.48
N GLN A 462 -27.31 23.03 26.45
CA GLN A 462 -28.15 23.75 25.50
C GLN A 462 -27.82 23.33 24.08
N LEU A 463 -28.85 23.25 23.24
CA LEU A 463 -28.71 23.14 21.80
C LEU A 463 -29.31 24.36 21.07
N ALA A 464 -28.45 25.18 20.50
CA ALA A 464 -28.88 26.43 19.87
C ALA A 464 -28.61 26.42 18.36
N LEU A 465 -29.59 25.98 17.59
CA LEU A 465 -29.47 25.92 16.13
C LEU A 465 -30.16 27.08 15.47
N GLY A 466 -30.01 27.19 14.15
CA GLY A 466 -30.65 28.27 13.41
C GLY A 466 -30.21 29.63 13.92
N GLN A 467 -28.98 29.67 14.41
CA GLN A 467 -28.45 30.83 15.11
C GLN A 467 -27.84 31.84 14.16
N LYS A 468 -27.39 32.96 14.73
CA LYS A 468 -26.59 33.93 14.02
C LYS A 468 -25.15 33.53 14.24
N PRO A 469 -24.28 33.75 13.25
CA PRO A 469 -22.90 33.26 13.35
C PRO A 469 -22.20 33.82 14.57
N MET A 470 -21.54 32.96 15.33
CA MET A 470 -20.79 33.42 16.48
C MET A 470 -19.64 34.30 16.03
N THR A 471 -19.32 35.28 16.85
CA THR A 471 -18.20 36.19 16.64
C THR A 471 -17.19 35.99 17.77
N ALA A 472 -15.97 36.50 17.59
CA ALA A 472 -14.93 36.40 18.59
C ALA A 472 -15.41 36.94 19.96
N ASP A 473 -16.09 38.08 19.92
CA ASP A 473 -16.63 38.68 21.14
C ASP A 473 -17.72 37.81 21.74
N ASP A 474 -18.63 37.33 20.89
CA ASP A 474 -19.67 36.40 21.32
C ASP A 474 -19.05 35.27 22.11
N VAL A 475 -17.95 34.73 21.60
CA VAL A 475 -17.28 33.59 22.23
C VAL A 475 -16.60 34.03 23.52
N LEU A 476 -15.83 35.11 23.46
CA LEU A 476 -15.08 35.63 24.60
C LEU A 476 -16.00 35.90 25.78
N GLN A 477 -17.17 36.45 25.47
CA GLN A 477 -18.13 36.88 26.49
C GLN A 477 -19.22 35.87 26.79
N TYR A 478 -19.05 34.62 26.37
CA TYR A 478 -20.12 33.63 26.49
C TYR A 478 -20.15 33.01 27.88
N GLY A 479 -18.97 32.84 28.48
CA GLY A 479 -18.90 32.29 29.84
C GLY A 479 -18.75 30.78 29.93
N ALA A 480 -18.43 30.14 28.82
CA ALA A 480 -18.07 28.73 28.83
C ALA A 480 -16.65 28.66 29.37
N ASP A 481 -16.31 27.59 30.05
CA ASP A 481 -14.94 27.39 30.52
C ASP A 481 -13.98 27.05 29.39
N LYS A 482 -14.46 26.25 28.45
CA LYS A 482 -13.67 25.86 27.27
C LYS A 482 -14.51 25.96 26.01
N VAL A 483 -13.87 26.32 24.91
CA VAL A 483 -14.58 26.50 23.64
C VAL A 483 -13.94 25.60 22.57
N ILE A 484 -14.77 24.95 21.79
CA ILE A 484 -14.31 24.09 20.71
C ILE A 484 -14.82 24.67 19.40
N ILE A 485 -13.90 25.07 18.54
CA ILE A 485 -14.23 25.63 17.24
C ILE A 485 -14.25 24.50 16.19
N ALA A 486 -15.43 24.22 15.67
CA ALA A 486 -15.63 23.17 14.68
C ALA A 486 -16.41 23.73 13.50
N THR A 487 -15.82 24.75 12.87
CA THR A 487 -16.51 25.56 11.87
C THR A 487 -16.36 25.05 10.43
N GLY A 488 -15.56 24.01 10.23
CA GLY A 488 -15.63 23.28 8.98
C GLY A 488 -14.75 23.82 7.88
N ALA A 489 -15.06 23.42 6.65
CA ALA A 489 -14.29 23.80 5.46
C ALA A 489 -15.26 24.03 4.31
N ARG A 490 -14.75 24.62 3.23
CA ARG A 490 -15.54 24.82 2.03
C ARG A 490 -14.68 24.48 0.84
N TRP A 491 -15.32 24.37 -0.32
CA TRP A 491 -14.60 24.06 -1.54
C TRP A 491 -14.01 25.34 -2.10
N ASN A 492 -12.77 25.22 -2.58
CA ASN A 492 -12.06 26.35 -3.14
C ASN A 492 -12.84 27.02 -4.29
N THR A 493 -12.77 28.35 -4.32
CA THR A 493 -13.53 29.14 -5.28
C THR A 493 -12.66 29.76 -6.38
N ASP A 494 -11.35 29.60 -6.26
CA ASP A 494 -10.41 30.26 -7.17
C ASP A 494 -9.51 29.29 -7.95
N GLY A 495 -9.87 28.01 -7.97
CA GLY A 495 -9.06 27.03 -8.67
C GLY A 495 -7.84 26.52 -7.92
N THR A 496 -7.61 26.99 -6.70
CA THR A 496 -6.52 26.47 -5.87
C THR A 496 -6.63 24.96 -5.75
N ASN A 497 -5.49 24.27 -5.90
CA ASN A 497 -5.48 22.82 -6.13
C ASN A 497 -4.17 22.22 -5.65
N CYS A 498 -4.16 20.91 -5.39
CA CYS A 498 -2.96 20.23 -4.91
C CYS A 498 -1.80 20.18 -5.90
N LEU A 499 -2.08 20.41 -7.18
CA LEU A 499 -1.03 20.36 -8.19
C LEU A 499 -0.15 21.61 -8.19
N THR A 500 -0.76 22.80 -8.24
CA THR A 500 0.00 24.05 -8.25
C THR A 500 0.12 24.66 -6.87
N HIS A 501 -0.88 24.39 -6.02
CA HIS A 501 -1.03 25.09 -4.75
C HIS A 501 -1.29 26.59 -4.97
N ASP A 502 -1.71 26.95 -6.18
CA ASP A 502 -2.03 28.33 -6.53
C ASP A 502 -3.40 28.38 -7.20
N PRO A 503 -4.04 29.56 -7.18
CA PRO A 503 -5.28 29.71 -7.94
C PRO A 503 -5.03 29.59 -9.43
N ILE A 504 -6.10 29.39 -10.18
CA ILE A 504 -5.98 29.28 -11.62
C ILE A 504 -6.52 30.57 -12.18
N PRO A 505 -5.78 31.21 -13.11
CA PRO A 505 -6.19 32.48 -13.74
C PRO A 505 -7.55 32.37 -14.38
N GLY A 506 -8.50 33.20 -13.93
CA GLY A 506 -9.84 33.19 -14.49
C GLY A 506 -10.87 32.41 -13.68
N ALA A 507 -10.41 31.66 -12.69
CA ALA A 507 -11.30 30.90 -11.81
C ALA A 507 -11.90 31.83 -10.75
N ASP A 508 -13.21 31.84 -10.69
CA ASP A 508 -13.93 32.69 -9.77
C ASP A 508 -15.33 32.17 -9.77
N ALA A 509 -15.73 31.53 -8.68
CA ALA A 509 -17.06 30.96 -8.58
C ALA A 509 -18.17 32.00 -8.37
N SER A 510 -17.82 33.27 -8.38
CA SER A 510 -18.86 34.30 -8.27
C SER A 510 -19.32 34.70 -9.66
N LEU A 511 -18.50 34.37 -10.66
CA LEU A 511 -18.87 34.53 -12.06
C LEU A 511 -20.05 33.64 -12.37
N PRO A 512 -20.87 34.02 -13.36
CA PRO A 512 -22.13 33.30 -13.61
C PRO A 512 -21.99 31.92 -14.23
N ASP A 513 -20.86 31.66 -14.89
CA ASP A 513 -20.66 30.37 -15.55
C ASP A 513 -19.71 29.42 -14.80
N GLN A 514 -19.46 29.71 -13.53
CA GLN A 514 -18.63 28.86 -12.68
C GLN A 514 -19.36 28.57 -11.37
N LEU A 515 -19.39 27.31 -10.97
CA LEU A 515 -20.11 26.87 -9.77
C LEU A 515 -19.12 26.17 -8.86
N THR A 516 -19.44 26.11 -7.57
CA THR A 516 -18.76 25.20 -6.66
C THR A 516 -19.71 24.05 -6.36
N PRO A 517 -19.21 22.98 -5.72
CA PRO A 517 -20.12 21.94 -5.22
C PRO A 517 -21.28 22.50 -4.40
N GLU A 518 -20.99 23.44 -3.51
CA GLU A 518 -22.03 23.99 -2.65
C GLU A 518 -23.09 24.69 -3.48
N GLN A 519 -22.66 25.44 -4.48
CA GLN A 519 -23.59 26.14 -5.35
C GLN A 519 -24.42 25.17 -6.16
N VAL A 520 -23.82 24.06 -6.55
CA VAL A 520 -24.53 23.06 -7.33
C VAL A 520 -25.57 22.38 -6.46
N MET A 521 -25.20 22.09 -5.23
CA MET A 521 -26.06 21.33 -4.33
C MET A 521 -27.21 22.18 -3.76
N ASP A 522 -26.98 23.47 -3.53
CA ASP A 522 -28.04 24.39 -3.12
C ASP A 522 -29.07 24.57 -4.23
N GLY A 523 -28.65 24.31 -5.47
CA GLY A 523 -29.58 24.21 -6.58
C GLY A 523 -30.24 25.51 -7.00
N LYS A 524 -29.66 26.64 -6.64
CA LYS A 524 -30.22 27.94 -7.00
C LYS A 524 -29.54 28.51 -8.26
N LYS A 525 -28.21 28.46 -8.28
CA LYS A 525 -27.43 29.03 -9.38
C LYS A 525 -27.66 28.21 -10.64
N LYS A 526 -28.04 28.88 -11.72
CA LYS A 526 -28.41 28.17 -12.94
C LYS A 526 -27.19 27.54 -13.61
N ILE A 527 -27.39 26.38 -14.23
CA ILE A 527 -26.31 25.62 -14.81
C ILE A 527 -26.67 25.37 -16.28
N GLY A 528 -25.77 25.74 -17.18
CA GLY A 528 -25.99 25.53 -18.60
C GLY A 528 -25.93 24.08 -19.06
N LYS A 529 -26.16 23.85 -20.34
CA LYS A 529 -26.26 22.50 -20.89
C LYS A 529 -24.92 21.75 -20.86
N ARG A 530 -23.86 22.41 -21.32
CA ARG A 530 -22.55 21.77 -21.40
C ARG A 530 -21.77 22.08 -20.14
N VAL A 531 -21.58 21.07 -19.31
CA VAL A 531 -20.86 21.20 -18.06
C VAL A 531 -19.49 20.55 -18.16
N VAL A 532 -18.46 21.27 -17.72
CA VAL A 532 -17.16 20.68 -17.51
C VAL A 532 -16.86 20.75 -16.01
N ILE A 533 -16.46 19.63 -15.45
CA ILE A 533 -16.08 19.55 -14.04
C ILE A 533 -14.57 19.44 -14.00
N LEU A 534 -13.90 20.47 -13.47
CA LEU A 534 -12.45 20.47 -13.31
C LEU A 534 -12.10 19.83 -11.97
N ASN A 535 -11.31 18.77 -11.98
CA ASN A 535 -11.13 17.96 -10.78
C ASN A 535 -9.68 17.78 -10.34
N ALA A 536 -9.40 18.02 -9.06
CA ALA A 536 -8.10 17.74 -8.46
C ALA A 536 -8.28 16.98 -7.15
N ASP A 537 -9.39 16.24 -7.06
CA ASP A 537 -9.72 15.50 -5.86
C ASP A 537 -9.98 14.03 -6.25
N THR A 538 -9.49 13.09 -5.43
CA THR A 538 -9.50 11.67 -5.79
C THR A 538 -10.58 10.81 -5.14
N TYR A 539 -11.58 11.44 -4.52
CA TYR A 539 -12.62 10.69 -3.85
C TYR A 539 -13.97 10.87 -4.57
N PHE A 540 -15.03 11.19 -3.83
CA PHE A 540 -16.39 11.03 -4.36
C PHE A 540 -17.04 12.25 -5.04
N MET A 541 -16.50 13.44 -4.79
CA MET A 541 -17.26 14.64 -5.12
C MET A 541 -17.46 14.86 -6.62
N ALA A 542 -16.41 14.70 -7.43
CA ALA A 542 -16.54 14.93 -8.87
C ALA A 542 -17.38 13.87 -9.57
N PRO A 543 -17.17 12.58 -9.25
CA PRO A 543 -18.07 11.60 -9.86
C PRO A 543 -19.53 11.75 -9.46
N SER A 544 -19.79 12.04 -8.19
CA SER A 544 -21.15 12.20 -7.70
C SER A 544 -21.87 13.39 -8.34
N LEU A 545 -21.16 14.50 -8.52
CA LEU A 545 -21.70 15.68 -9.22
C LEU A 545 -21.95 15.39 -10.70
N ALA A 546 -21.00 14.72 -11.34
CA ALA A 546 -21.16 14.30 -12.73
C ALA A 546 -22.43 13.48 -12.91
N GLU A 547 -22.63 12.49 -12.05
CA GLU A 547 -23.83 11.67 -12.14
C GLU A 547 -25.07 12.52 -11.96
N LYS A 548 -25.07 13.32 -10.90
CA LYS A 548 -26.17 14.20 -10.60
C LYS A 548 -26.49 15.06 -11.81
N LEU A 549 -25.47 15.67 -12.40
CA LEU A 549 -25.67 16.59 -13.51
C LEU A 549 -26.08 15.89 -14.80
N ALA A 550 -25.54 14.70 -15.05
CA ALA A 550 -25.86 13.98 -16.28
C ALA A 550 -27.27 13.41 -16.26
N THR A 551 -27.74 13.02 -15.07
CA THR A 551 -29.11 12.49 -14.96
C THR A 551 -30.11 13.64 -15.01
N ALA A 552 -29.65 14.85 -14.76
CA ALA A 552 -30.48 16.04 -14.93
C ALA A 552 -30.48 16.54 -16.37
N GLY A 553 -29.75 15.88 -17.25
CA GLY A 553 -29.82 16.22 -18.66
C GLY A 553 -28.66 17.04 -19.20
N HIS A 554 -27.62 17.27 -18.40
CA HIS A 554 -26.46 17.99 -18.89
C HIS A 554 -25.50 17.07 -19.63
N GLU A 555 -24.63 17.67 -20.43
CA GLU A 555 -23.54 16.95 -21.07
C GLU A 555 -22.31 17.27 -20.26
N VAL A 556 -21.73 16.27 -19.61
CA VAL A 556 -20.67 16.54 -18.66
C VAL A 556 -19.35 15.86 -19.04
N THR A 557 -18.30 16.67 -18.97
CA THR A 557 -16.94 16.25 -19.24
C THR A 557 -16.18 16.51 -17.94
N ILE A 558 -15.48 15.49 -17.44
CA ILE A 558 -14.61 15.69 -16.30
C ILE A 558 -13.20 15.82 -16.85
N VAL A 559 -12.55 16.95 -16.62
CA VAL A 559 -11.11 17.00 -16.86
C VAL A 559 -10.41 16.96 -15.53
N SER A 560 -9.55 15.96 -15.37
CA SER A 560 -9.07 15.54 -14.06
C SER A 560 -7.54 15.50 -14.04
N GLY A 561 -6.94 16.26 -13.14
CA GLY A 561 -5.48 16.34 -13.05
C GLY A 561 -4.93 15.24 -12.17
N VAL A 562 -5.83 14.56 -11.47
CA VAL A 562 -5.46 13.47 -10.58
C VAL A 562 -6.25 12.26 -11.07
N HIS A 563 -5.95 11.07 -10.55
CA HIS A 563 -6.67 9.88 -10.98
C HIS A 563 -8.09 9.90 -10.44
N LEU A 564 -9.04 10.05 -11.36
CA LEU A 564 -10.44 10.23 -11.02
C LEU A 564 -10.92 9.07 -10.15
N ALA A 565 -11.56 9.40 -9.03
CA ALA A 565 -12.20 8.41 -8.16
C ALA A 565 -11.23 7.36 -7.63
N ASN A 566 -9.96 7.74 -7.52
CA ASN A 566 -8.95 6.80 -7.07
C ASN A 566 -9.28 6.16 -5.76
N TYR A 567 -9.76 6.96 -4.81
CA TYR A 567 -9.97 6.44 -3.46
C TYR A 567 -11.11 5.45 -3.48
N MET A 568 -11.89 5.49 -4.57
CA MET A 568 -13.05 4.61 -4.71
C MET A 568 -12.65 3.20 -5.14
N HIS A 569 -11.39 3.02 -5.52
CA HIS A 569 -10.80 1.68 -5.63
C HIS A 569 -10.88 0.98 -4.27
N PHE A 570 -10.48 1.71 -3.23
CA PHE A 570 -10.34 1.14 -1.88
C PHE A 570 -11.66 0.92 -1.15
N THR A 571 -12.67 1.73 -1.46
CA THR A 571 -13.98 1.57 -0.84
C THR A 571 -14.80 0.57 -1.63
N LEU A 572 -14.25 0.12 -2.75
CA LEU A 572 -14.86 -0.88 -3.63
C LEU A 572 -16.00 -0.35 -4.49
N GLU A 573 -16.13 0.97 -4.57
CA GLU A 573 -17.24 1.61 -5.30
C GLU A 573 -16.85 1.82 -6.76
N TYR A 574 -15.56 1.79 -7.04
CA TYR A 574 -15.03 2.17 -8.33
C TYR A 574 -15.68 1.47 -9.52
N PRO A 575 -15.78 0.13 -9.50
CA PRO A 575 -16.25 -0.54 -10.72
C PRO A 575 -17.68 -0.13 -11.14
N ASN A 576 -18.62 -0.17 -10.21
CA ASN A 576 -20.00 0.24 -10.51
C ASN A 576 -20.09 1.75 -10.78
N MET A 577 -19.27 2.56 -10.12
CA MET A 577 -19.20 3.99 -10.42
C MET A 577 -18.81 4.24 -11.87
N MET A 578 -17.76 3.57 -12.35
CA MET A 578 -17.32 3.77 -13.73
C MET A 578 -18.37 3.28 -14.72
N ARG A 579 -19.04 2.18 -14.36
CA ARG A 579 -20.10 1.68 -15.21
C ARG A 579 -21.22 2.69 -15.26
N ARG A 580 -21.49 3.32 -14.12
CA ARG A 580 -22.54 4.33 -14.02
C ARG A 580 -22.23 5.58 -14.82
N LEU A 581 -21.01 6.09 -14.72
CA LEU A 581 -20.64 7.26 -15.51
C LEU A 581 -20.63 6.91 -16.99
N HIS A 582 -20.31 5.67 -17.30
CA HIS A 582 -20.27 5.22 -18.69
C HIS A 582 -21.68 5.17 -19.30
N GLU A 583 -22.64 4.62 -18.58
CA GLU A 583 -23.99 4.55 -19.12
C GLU A 583 -24.68 5.91 -19.14
N LEU A 584 -24.12 6.89 -18.43
CA LEU A 584 -24.59 8.27 -18.48
C LEU A 584 -23.82 9.10 -19.49
N HIS A 585 -22.89 8.47 -20.19
CA HIS A 585 -22.18 9.12 -21.28
C HIS A 585 -21.37 10.29 -20.79
N VAL A 586 -20.74 10.11 -19.64
CA VAL A 586 -19.90 11.15 -19.08
C VAL A 586 -18.51 10.97 -19.66
N GLU A 587 -18.02 12.02 -20.31
CA GLU A 587 -16.70 12.02 -20.92
C GLU A 587 -15.66 12.34 -19.87
N GLU A 588 -14.56 11.60 -19.89
CA GLU A 588 -13.49 11.78 -18.93
C GLU A 588 -12.23 12.10 -19.68
N LEU A 589 -11.57 13.17 -19.25
CA LEU A 589 -10.31 13.60 -19.81
C LEU A 589 -9.28 13.52 -18.70
N GLY A 590 -8.70 12.34 -18.52
CA GLY A 590 -7.71 12.15 -17.49
C GLY A 590 -6.37 12.74 -17.90
N ASP A 591 -5.50 12.95 -16.91
CA ASP A 591 -4.15 13.41 -17.17
C ASP A 591 -4.15 14.76 -17.86
N HIS A 592 -5.12 15.60 -17.50
CA HIS A 592 -5.14 16.96 -17.99
C HIS A 592 -5.45 17.90 -16.86
N PHE A 593 -4.94 19.12 -16.98
CA PHE A 593 -5.35 20.15 -16.06
C PHE A 593 -5.50 21.46 -16.78
N CYS A 594 -5.76 22.52 -16.03
CA CYS A 594 -6.20 23.79 -16.60
C CYS A 594 -5.19 24.87 -16.27
N SER A 595 -4.83 25.65 -17.28
CA SER A 595 -3.89 26.73 -17.10
C SER A 595 -4.56 28.11 -17.04
N ARG A 596 -5.74 28.22 -17.66
CA ARG A 596 -6.52 29.45 -17.55
C ARG A 596 -7.95 29.32 -18.03
N ILE A 597 -8.81 30.17 -17.47
CA ILE A 597 -10.25 30.13 -17.73
C ILE A 597 -10.73 31.48 -18.25
N GLU A 598 -11.62 31.45 -19.23
CA GLU A 598 -12.28 32.63 -19.75
C GLU A 598 -13.76 32.33 -19.69
N PRO A 599 -14.60 33.32 -20.00
CA PRO A 599 -16.03 33.02 -20.06
C PRO A 599 -16.32 32.04 -21.18
N GLY A 600 -16.88 30.89 -20.82
CA GLY A 600 -17.32 29.93 -21.82
C GLY A 600 -16.22 29.03 -22.39
N ARG A 601 -14.99 29.19 -21.92
CA ARG A 601 -13.89 28.37 -22.42
C ARG A 601 -12.70 28.36 -21.47
N MET A 602 -11.93 27.28 -21.51
CA MET A 602 -10.78 27.11 -20.65
C MET A 602 -9.66 26.45 -21.44
N GLU A 603 -8.43 26.78 -21.07
CA GLU A 603 -7.28 26.17 -21.69
C GLU A 603 -6.78 25.01 -20.83
N ILE A 604 -6.68 23.82 -21.43
CA ILE A 604 -6.22 22.61 -20.74
C ILE A 604 -4.90 22.12 -21.34
N TYR A 605 -4.19 21.29 -20.59
CA TYR A 605 -2.91 20.74 -21.06
C TYR A 605 -2.73 19.35 -20.48
N ASN A 606 -1.95 18.53 -21.18
CA ASN A 606 -1.61 17.20 -20.71
C ASN A 606 -0.57 17.35 -19.61
N ILE A 607 -0.75 16.65 -18.49
CA ILE A 607 0.20 16.81 -17.39
C ILE A 607 1.56 16.13 -17.66
N TRP A 608 1.61 15.32 -18.71
CA TRP A 608 2.87 14.69 -19.13
C TRP A 608 3.37 15.32 -20.40
N GLY A 609 3.13 16.62 -20.54
CA GLY A 609 3.35 17.28 -21.80
C GLY A 609 4.75 17.83 -21.95
N ASP A 610 5.50 17.90 -20.85
CA ASP A 610 6.87 18.42 -20.87
C ASP A 610 7.84 17.44 -21.51
N GLY A 611 8.99 17.94 -21.94
CA GLY A 611 10.03 17.08 -22.47
C GLY A 611 10.45 16.04 -21.44
N SER A 612 10.72 14.82 -21.92
CA SER A 612 11.12 13.73 -21.05
C SER A 612 12.56 13.86 -20.58
N LYS A 613 13.37 14.62 -21.33
CA LYS A 613 14.78 14.75 -20.98
C LYS A 613 15.05 15.96 -20.12
N ARG A 614 15.76 15.72 -19.02
CA ARG A 614 16.16 16.77 -18.10
C ARG A 614 17.61 17.21 -18.35
N THR A 615 17.79 18.50 -18.61
CA THR A 615 19.09 19.08 -18.91
C THR A 615 19.22 20.33 -18.05
N TYR A 616 20.39 20.55 -17.46
CA TYR A 616 20.62 21.77 -16.70
C TYR A 616 20.84 22.93 -17.67
N ARG A 617 19.87 23.83 -17.74
CA ARG A 617 19.96 24.95 -18.67
C ARG A 617 20.11 26.26 -17.91
N GLY A 618 20.45 26.16 -16.63
CA GLY A 618 20.66 27.35 -15.82
C GLY A 618 19.40 27.89 -15.19
N PRO A 619 19.51 28.92 -14.34
CA PRO A 619 18.36 29.51 -13.65
C PRO A 619 17.49 30.30 -14.62
N GLY A 620 16.20 30.39 -14.34
CA GLY A 620 15.30 31.15 -15.19
C GLY A 620 14.62 30.31 -16.25
N VAL A 621 15.11 29.09 -16.45
CA VAL A 621 14.60 28.24 -17.51
C VAL A 621 14.41 26.82 -17.00
N SER A 622 13.28 26.22 -17.37
CA SER A 622 12.95 24.83 -17.04
C SER A 622 13.98 23.86 -17.61
N PRO A 623 14.27 22.75 -16.89
CA PRO A 623 15.26 21.80 -17.38
C PRO A 623 14.71 20.81 -18.43
N ARG A 624 13.49 21.03 -18.89
CA ARG A 624 12.83 20.14 -19.83
C ARG A 624 12.21 21.00 -20.91
N ASP A 625 12.03 20.46 -22.10
CA ASP A 625 11.37 21.20 -23.16
C ASP A 625 9.95 21.54 -22.70
N ALA A 626 9.40 22.59 -23.30
CA ALA A 626 8.13 23.15 -22.85
C ALA A 626 6.95 22.26 -23.16
N ASN A 627 5.97 22.27 -22.26
CA ASN A 627 4.70 21.61 -22.50
C ASN A 627 4.01 22.38 -23.60
N THR A 628 3.65 21.66 -24.65
CA THR A 628 3.17 22.28 -25.86
C THR A 628 1.76 21.77 -26.19
N SER A 629 1.14 21.11 -25.22
CA SER A 629 -0.10 20.36 -25.47
C SER A 629 -1.40 21.13 -25.29
N HIS A 630 -1.31 22.44 -25.05
CA HIS A 630 -2.49 23.25 -24.67
C HIS A 630 -3.53 23.32 -25.76
N ARG A 631 -4.78 23.25 -25.36
CA ARG A 631 -5.88 23.46 -26.29
C ARG A 631 -7.08 23.96 -25.46
N TRP A 632 -7.94 24.75 -26.09
CA TRP A 632 -9.11 25.28 -25.42
C TRP A 632 -10.29 24.36 -25.60
N ILE A 633 -11.09 24.22 -24.55
CA ILE A 633 -12.41 23.62 -24.69
C ILE A 633 -13.48 24.56 -24.12
N GLU A 634 -14.69 24.45 -24.66
CA GLU A 634 -15.80 25.29 -24.26
C GLU A 634 -16.69 24.63 -23.22
N PHE A 635 -17.40 25.44 -22.46
CA PHE A 635 -18.38 24.94 -21.52
C PHE A 635 -19.49 25.96 -21.42
N ASP A 636 -20.67 25.50 -21.03
CA ASP A 636 -21.73 26.41 -20.61
C ASP A 636 -21.58 26.75 -19.12
N SER A 637 -21.32 25.73 -18.29
CA SER A 637 -20.98 25.97 -16.89
C SER A 637 -19.74 25.17 -16.53
N LEU A 638 -18.88 25.75 -15.71
CA LEU A 638 -17.69 25.09 -15.21
C LEU A 638 -17.91 24.82 -13.72
N VAL A 639 -17.79 23.55 -13.32
CA VAL A 639 -17.88 23.19 -11.92
C VAL A 639 -16.49 22.94 -11.38
N LEU A 640 -16.11 23.72 -10.36
CA LEU A 640 -14.76 23.68 -9.79
C LEU A 640 -14.73 22.70 -8.63
N VAL A 641 -14.01 21.59 -8.80
CA VAL A 641 -13.82 20.65 -7.70
C VAL A 641 -12.32 20.46 -7.48
N THR A 642 -11.67 21.54 -7.05
CA THR A 642 -10.21 21.58 -7.05
C THR A 642 -9.57 21.34 -5.69
N GLY A 643 -10.35 21.46 -4.62
CA GLY A 643 -9.80 21.27 -3.29
C GLY A 643 -10.65 21.99 -2.27
N ARG A 644 -10.34 21.79 -0.98
CA ARG A 644 -11.06 22.46 0.08
C ARG A 644 -10.12 23.31 0.91
N HIS A 645 -10.70 24.26 1.65
CA HIS A 645 -9.91 25.02 2.62
C HIS A 645 -10.66 25.12 3.94
N SER A 646 -9.91 25.19 5.03
CA SER A 646 -10.49 25.28 6.38
C SER A 646 -11.17 26.62 6.57
N GLU A 647 -12.33 26.58 7.21
CA GLU A 647 -13.05 27.80 7.54
C GLU A 647 -12.66 28.14 8.97
N CYS A 648 -11.57 28.89 9.11
CA CYS A 648 -11.01 29.14 10.44
C CYS A 648 -10.76 30.62 10.72
N THR A 649 -11.59 31.50 10.17
CA THR A 649 -11.43 32.92 10.43
C THR A 649 -11.81 33.28 11.88
N LEU A 650 -12.86 32.63 12.39
CA LEU A 650 -13.28 32.78 13.79
C LEU A 650 -12.11 32.42 14.70
N TRP A 651 -11.62 31.20 14.54
CA TRP A 651 -10.45 30.73 15.27
C TRP A 651 -9.32 31.76 15.22
N ASN A 652 -9.01 32.26 14.02
CA ASN A 652 -7.86 33.13 13.84
C ASN A 652 -8.00 34.40 14.64
N GLU A 653 -9.21 34.95 14.67
CA GLU A 653 -9.52 36.14 15.46
C GLU A 653 -9.35 35.85 16.94
N LEU A 654 -9.91 34.73 17.40
CA LEU A 654 -9.78 34.31 18.78
C LEU A 654 -8.31 34.14 19.18
N LYS A 655 -7.49 33.60 18.29
CA LYS A 655 -6.08 33.37 18.60
C LYS A 655 -5.31 34.68 18.67
N ALA A 656 -5.58 35.56 17.70
CA ALA A 656 -5.07 36.92 17.75
C ALA A 656 -5.31 37.56 19.13
N ARG A 657 -6.48 37.30 19.71
CA ARG A 657 -6.87 37.94 20.95
C ARG A 657 -6.73 36.98 22.13
N GLU A 658 -5.68 36.18 22.09
CA GLU A 658 -5.45 35.16 23.10
C GLU A 658 -5.21 35.78 24.47
N SER A 659 -4.64 36.97 24.45
CA SER A 659 -4.41 37.78 25.65
C SER A 659 -5.70 37.91 26.47
N GLU A 660 -6.82 38.01 25.79
CA GLU A 660 -8.10 38.25 26.44
C GLU A 660 -8.74 36.98 27.01
N TRP A 661 -8.22 35.82 26.66
CA TRP A 661 -8.86 34.56 27.04
C TRP A 661 -8.95 34.47 28.55
N ALA A 662 -7.81 34.56 29.20
CA ALA A 662 -7.71 34.48 30.66
C ALA A 662 -8.62 35.50 31.34
N GLU A 663 -8.59 36.74 30.85
CA GLU A 663 -9.44 37.82 31.36
C GLU A 663 -10.90 37.39 31.47
N ASN A 664 -11.35 36.62 30.48
CA ASN A 664 -12.76 36.21 30.40
C ASN A 664 -12.99 34.83 31.00
N ASP A 665 -11.99 34.32 31.71
CA ASP A 665 -12.07 33.03 32.39
C ASP A 665 -12.18 31.85 31.40
N ILE A 666 -11.70 32.06 30.18
CA ILE A 666 -11.66 30.99 29.19
C ILE A 666 -10.36 30.21 29.39
N LYS A 667 -10.52 28.97 29.81
CA LYS A 667 -9.39 28.09 30.11
C LYS A 667 -8.70 27.54 28.86
N GLY A 668 -9.39 27.55 27.72
CA GLY A 668 -8.80 27.05 26.51
C GLY A 668 -9.76 26.98 25.34
N ILE A 669 -9.24 27.22 24.14
CA ILE A 669 -10.03 27.09 22.93
C ILE A 669 -9.30 26.16 21.97
N TYR A 670 -10.03 25.17 21.45
CA TYR A 670 -9.45 24.14 20.61
C TYR A 670 -10.08 24.10 19.24
N LEU A 671 -9.29 23.72 18.26
CA LEU A 671 -9.73 23.70 16.87
C LEU A 671 -9.79 22.26 16.38
N ILE A 672 -10.94 21.84 15.85
CA ILE A 672 -11.13 20.46 15.44
C ILE A 672 -11.78 20.32 14.06
N GLY A 673 -11.77 19.10 13.54
CA GLY A 673 -12.45 18.80 12.28
C GLY A 673 -11.84 19.46 11.06
N ASP A 674 -12.66 19.70 10.05
CA ASP A 674 -12.23 20.33 8.82
C ASP A 674 -11.73 21.76 8.97
N ALA A 675 -12.12 22.43 10.05
CA ALA A 675 -11.61 23.78 10.34
C ALA A 675 -10.12 23.74 10.69
N GLU A 676 -9.65 22.61 11.23
CA GLU A 676 -8.22 22.44 11.45
C GLU A 676 -7.50 22.06 10.14
N ALA A 677 -8.02 21.06 9.44
CA ALA A 677 -7.52 20.70 8.12
C ALA A 677 -8.58 19.80 7.51
N PRO A 678 -8.91 20.02 6.22
CA PRO A 678 -9.94 19.19 5.60
C PRO A 678 -9.58 17.72 5.62
N ARG A 679 -10.56 16.88 5.93
CA ARG A 679 -10.29 15.46 6.06
C ARG A 679 -11.52 14.60 5.87
N LEU A 680 -11.31 13.30 5.89
CA LEU A 680 -12.38 12.33 5.73
C LEU A 680 -13.39 12.52 6.84
N ILE A 681 -14.65 12.22 6.55
CA ILE A 681 -15.69 12.40 7.53
C ILE A 681 -15.36 11.58 8.77
N ALA A 682 -14.76 10.42 8.56
CA ALA A 682 -14.40 9.53 9.65
C ALA A 682 -13.43 10.19 10.62
N ASP A 683 -12.47 10.92 10.07
CA ASP A 683 -11.43 11.52 10.89
C ASP A 683 -11.90 12.85 11.47
N ALA A 684 -12.81 13.51 10.77
CA ALA A 684 -13.45 14.68 11.34
C ALA A 684 -14.17 14.26 12.63
N THR A 685 -14.92 13.15 12.59
CA THR A 685 -15.64 12.75 13.79
C THR A 685 -14.69 12.17 14.85
N PHE A 686 -13.58 11.59 14.41
CA PHE A 686 -12.53 11.21 15.35
C PHE A 686 -11.99 12.42 16.14
N THR A 687 -11.69 13.52 15.46
CA THR A 687 -11.11 14.67 16.18
C THR A 687 -12.07 15.18 17.25
N GLY A 688 -13.36 15.14 16.95
CA GLY A 688 -14.36 15.58 17.92
C GLY A 688 -14.41 14.62 19.09
N HIS A 689 -14.37 13.33 18.78
CA HIS A 689 -14.27 12.29 19.80
C HIS A 689 -13.02 12.44 20.66
N ARG A 690 -11.89 12.71 20.04
CA ARG A 690 -10.65 12.74 20.78
C ARG A 690 -10.53 13.94 21.71
N VAL A 691 -10.85 15.15 21.25
CA VAL A 691 -10.77 16.30 22.16
C VAL A 691 -11.77 16.15 23.29
N ALA A 692 -12.86 15.44 23.05
CA ALA A 692 -13.85 15.19 24.08
C ALA A 692 -13.33 14.20 25.13
N ARG A 693 -12.64 13.16 24.68
CA ARG A 693 -12.05 12.21 25.60
C ARG A 693 -10.91 12.84 26.38
N GLU A 694 -10.19 13.76 25.75
CA GLU A 694 -8.95 14.28 26.30
C GLU A 694 -9.02 15.77 26.70
N ILE A 695 -10.23 16.24 27.00
CA ILE A 695 -10.43 17.66 27.27
C ILE A 695 -9.85 18.10 28.62
N GLU A 696 -9.51 17.15 29.48
CA GLU A 696 -8.85 17.50 30.72
C GLU A 696 -7.34 17.26 30.69
N GLU A 697 -6.80 16.93 29.52
CA GLU A 697 -5.36 16.77 29.39
C GLU A 697 -4.69 18.13 29.31
N ALA A 698 -3.37 18.14 29.44
CA ALA A 698 -2.60 19.37 29.42
C ALA A 698 -2.88 20.22 28.19
N ASN A 699 -3.02 19.57 27.04
CA ASN A 699 -3.25 20.28 25.79
C ASN A 699 -4.12 19.45 24.87
N PRO A 700 -5.45 19.57 24.99
CA PRO A 700 -6.37 18.73 24.21
C PRO A 700 -6.23 18.93 22.69
N GLN A 701 -5.40 19.87 22.26
CA GLN A 701 -5.24 20.14 20.83
C GLN A 701 -4.40 19.05 20.15
N ILE A 702 -3.44 18.49 20.89
CA ILE A 702 -2.55 17.44 20.40
C ILE A 702 -2.87 16.17 21.17
N ALA A 703 -2.99 15.04 20.48
CA ALA A 703 -3.33 13.77 21.12
C ALA A 703 -2.22 13.34 22.04
N ILE A 704 -2.58 12.64 23.11
CA ILE A 704 -1.60 11.96 23.95
C ILE A 704 -1.19 10.64 23.28
N PRO A 705 0.00 10.10 23.62
CA PRO A 705 0.47 8.85 23.02
C PRO A 705 -0.51 7.70 23.22
N TYR A 706 -0.53 6.80 22.24
CA TYR A 706 -1.32 5.59 22.34
C TYR A 706 -0.36 4.43 22.47
N LYS A 707 -0.85 3.30 22.96
CA LYS A 707 -0.03 2.10 23.09
C LYS A 707 0.42 1.63 21.72
N ARG A 708 1.70 1.33 21.59
CA ARG A 708 2.22 0.91 20.31
C ARG A 708 2.52 -0.58 20.35
N GLU A 709 2.09 -1.28 19.30
CA GLU A 709 2.29 -2.71 19.17
C GLU A 709 3.36 -3.02 18.13
N THR A 710 4.61 -2.74 18.50
CA THR A 710 5.78 -2.97 17.66
C THR A 710 6.69 -3.88 18.49
N ILE A 711 7.49 -4.71 17.82
CA ILE A 711 8.37 -5.64 18.52
C ILE A 711 9.40 -4.90 19.38
N ALA A 712 9.67 -5.46 20.55
CA ALA A 712 10.77 -4.97 21.38
C ALA A 712 12.03 -5.77 21.07
N TRP A 713 13.06 -5.09 20.57
CA TRP A 713 14.34 -5.73 20.33
C TRP A 713 14.78 -6.46 21.59
N GLY A 714 15.14 -7.72 21.42
CA GLY A 714 15.53 -8.53 22.56
C GLY A 714 14.48 -9.57 22.86
N THR A 715 13.33 -9.45 22.20
CA THR A 715 12.25 -10.41 22.40
C THR A 715 11.91 -11.07 21.08
N PRO A 716 12.24 -12.37 20.93
CA PRO A 716 11.91 -13.13 19.72
C PRO A 716 10.42 -13.40 19.61
N HIS A 717 9.92 -13.38 18.39
CA HIS A 717 8.52 -13.74 18.13
C HIS A 717 8.34 -15.23 18.40
N MET A 718 9.33 -16.03 18.01
CA MET A 718 9.28 -17.46 18.26
C MET A 718 9.56 -17.74 19.73
N PRO A 719 8.61 -18.37 20.43
CA PRO A 719 8.85 -18.76 21.82
C PRO A 719 10.18 -19.51 21.95
N GLY A 720 11.11 -18.87 22.66
CA GLY A 720 12.37 -19.52 22.96
C GLY A 720 13.36 -19.50 21.81
N GLY A 721 13.20 -18.54 20.90
CA GLY A 721 14.09 -18.43 19.77
C GLY A 721 15.27 -17.54 20.08
N ASN A 722 16.17 -17.40 19.10
CA ASN A 722 17.32 -16.51 19.24
C ASN A 722 17.10 -15.26 18.38
N PHE A 723 17.08 -14.11 19.03
CA PHE A 723 16.70 -12.89 18.35
C PHE A 723 17.87 -12.23 17.64
N LYS A 724 19.09 -12.66 17.92
CA LYS A 724 20.23 -11.94 17.39
C LYS A 724 20.69 -12.44 16.05
N ILE A 725 21.48 -11.62 15.37
CA ILE A 725 21.98 -11.92 14.05
C ILE A 725 22.83 -13.18 14.06
N GLU A 726 22.40 -14.20 13.33
CA GLU A 726 23.20 -15.41 13.10
C GLU A 726 23.31 -15.69 11.59
N TYR A 727 24.50 -15.62 11.04
CA TYR A 727 24.70 -15.95 9.63
C TYR A 727 24.92 -17.44 9.44
N LYS A 728 24.31 -17.99 8.39
CA LYS A 728 24.48 -19.40 8.06
C LYS A 728 25.75 -19.51 7.24
N VAL A 729 26.80 -19.97 7.89
CA VAL A 729 28.14 -19.83 7.35
C VAL A 729 28.98 -21.10 7.57
N ALA B 1 47.49 -4.13 -4.81
CA ALA B 1 46.45 -4.60 -5.77
C ALA B 1 45.52 -3.44 -6.13
N ARG B 2 45.16 -2.63 -5.14
CA ARG B 2 44.44 -1.39 -5.41
C ARG B 2 45.29 -0.40 -6.20
N ASP B 3 44.74 0.07 -7.31
CA ASP B 3 45.32 1.19 -8.05
C ASP B 3 45.58 2.35 -7.09
N PRO B 4 46.81 2.87 -7.09
CA PRO B 4 47.20 3.98 -6.22
C PRO B 4 46.33 5.22 -6.43
N LYS B 5 45.85 5.40 -7.65
CA LYS B 5 44.93 6.48 -7.97
C LYS B 5 43.73 6.51 -7.02
N HIS B 6 43.36 5.34 -6.53
CA HIS B 6 42.17 5.19 -5.72
C HIS B 6 42.49 5.35 -4.23
N ASP B 7 43.68 5.82 -3.93
CA ASP B 7 44.08 6.04 -2.54
C ASP B 7 43.31 7.14 -1.83
N ILE B 8 42.96 8.20 -2.56
CA ILE B 8 42.13 9.29 -2.02
C ILE B 8 40.86 8.77 -1.39
N LEU B 9 40.25 7.77 -2.01
CA LEU B 9 39.00 7.22 -1.53
C LEU B 9 39.11 6.73 -0.10
N PHE B 10 40.34 6.49 0.35
CA PHE B 10 40.53 5.92 1.67
C PHE B 10 41.23 6.86 2.63
N GLU B 11 41.18 8.16 2.30
CA GLU B 11 41.63 9.17 3.24
C GLU B 11 40.49 9.55 4.15
N PRO B 12 40.76 9.66 5.46
CA PRO B 12 39.76 10.15 6.41
C PRO B 12 39.40 11.60 6.18
N ILE B 13 38.19 11.96 6.59
CA ILE B 13 37.72 13.32 6.47
C ILE B 13 36.95 13.65 7.76
N GLN B 14 37.22 14.83 8.32
CA GLN B 14 36.61 15.25 9.57
C GLN B 14 35.32 16.00 9.29
N ILE B 15 34.22 15.52 9.87
CA ILE B 15 32.96 16.23 9.81
C ILE B 15 32.55 16.61 11.22
N GLY B 16 32.71 17.89 11.54
CA GLY B 16 32.43 18.34 12.88
C GLY B 16 33.31 17.60 13.86
N PRO B 17 32.73 17.06 14.93
CA PRO B 17 33.49 16.34 15.96
C PRO B 17 33.82 14.90 15.58
N LYS B 18 33.47 14.51 14.35
CA LYS B 18 33.56 13.12 13.93
C LYS B 18 34.51 12.98 12.77
N THR B 19 35.03 11.77 12.59
CA THR B 19 35.93 11.49 11.49
C THR B 19 35.43 10.29 10.69
N LEU B 20 35.20 10.50 9.40
CA LEU B 20 34.88 9.40 8.51
C LEU B 20 36.20 8.69 8.19
N ARG B 21 36.23 7.37 8.39
CA ARG B 21 37.43 6.58 8.21
C ARG B 21 37.90 6.56 6.74
N ASN B 22 36.96 6.76 5.83
CA ASN B 22 37.27 6.88 4.41
C ASN B 22 36.15 7.66 3.75
N ARG B 23 36.15 7.66 2.43
CA ARG B 23 35.26 8.51 1.67
C ARG B 23 33.94 7.87 1.24
N PHE B 24 33.68 6.65 1.68
CA PHE B 24 32.47 5.93 1.29
C PHE B 24 31.35 6.12 2.31
N TYR B 25 30.21 6.62 1.85
CA TYR B 25 29.17 7.07 2.75
C TYR B 25 27.81 6.57 2.28
N GLN B 26 27.13 5.81 3.12
CA GLN B 26 25.76 5.43 2.81
C GLN B 26 24.82 6.49 3.32
N VAL B 27 24.23 7.24 2.38
CA VAL B 27 23.25 8.27 2.71
C VAL B 27 21.97 7.60 3.24
N PRO B 28 21.11 8.37 3.96
CA PRO B 28 19.88 7.78 4.48
C PRO B 28 19.03 7.20 3.36
N HIS B 29 18.57 5.97 3.53
CA HIS B 29 17.63 5.40 2.56
C HIS B 29 16.78 4.32 3.18
N CYS B 30 15.49 4.35 2.83
CA CYS B 30 14.52 3.34 3.20
C CYS B 30 14.96 1.91 2.86
N ILE B 31 14.49 0.97 3.67
CA ILE B 31 14.71 -0.45 3.41
C ILE B 31 13.47 -1.28 3.81
N GLY B 32 12.43 -0.60 4.29
CA GLY B 32 11.26 -1.29 4.79
C GLY B 32 11.48 -1.90 6.16
N ALA B 33 12.28 -1.25 6.99
CA ALA B 33 12.59 -1.76 8.33
C ALA B 33 12.19 -0.77 9.42
N GLY B 34 12.61 0.48 9.26
CA GLY B 34 12.27 1.50 10.24
C GLY B 34 12.73 1.12 11.64
N SER B 35 11.86 1.36 12.63
CA SER B 35 12.14 0.99 14.01
C SER B 35 11.31 -0.23 14.37
N ASP B 36 10.63 -0.78 13.38
CA ASP B 36 9.71 -1.90 13.54
C ASP B 36 10.41 -3.25 13.35
N LYS B 37 11.47 -3.25 12.54
CA LYS B 37 12.21 -4.46 12.22
C LYS B 37 13.66 -4.30 12.65
N PRO B 38 13.94 -4.41 13.97
CA PRO B 38 15.27 -4.03 14.46
C PRO B 38 16.43 -4.97 14.05
N GLY B 39 16.13 -6.25 13.83
CA GLY B 39 17.13 -7.14 13.28
C GLY B 39 17.49 -6.78 11.84
N PHE B 40 16.46 -6.51 11.03
CA PHE B 40 16.65 -6.18 9.62
C PHE B 40 17.50 -4.92 9.55
N GLN B 41 17.09 -3.89 10.28
CA GLN B 41 17.80 -2.62 10.30
C GLN B 41 19.24 -2.85 10.75
N SER B 42 19.39 -3.56 11.87
CA SER B 42 20.70 -3.86 12.42
C SER B 42 21.59 -4.64 11.44
N ALA B 43 21.05 -5.70 10.86
CA ALA B 43 21.83 -6.59 10.00
C ALA B 43 22.21 -5.90 8.70
N HIS B 44 21.26 -5.21 8.09
CA HIS B 44 21.52 -4.63 6.78
C HIS B 44 22.57 -3.51 6.83
N ARG B 45 22.56 -2.71 7.89
CA ARG B 45 23.54 -1.62 7.98
C ARG B 45 24.91 -2.12 8.42
N SER B 46 24.94 -3.11 9.33
CA SER B 46 26.22 -3.58 9.83
C SER B 46 27.03 -4.43 8.85
N VAL B 47 26.37 -5.18 7.95
CA VAL B 47 27.13 -5.90 6.92
C VAL B 47 27.81 -4.91 6.01
N LYS B 48 27.23 -3.72 5.88
CA LYS B 48 27.86 -2.64 5.13
C LYS B 48 29.02 -2.02 5.91
N ALA B 49 28.89 -1.94 7.23
CA ALA B 49 29.94 -1.39 8.09
C ALA B 49 31.15 -2.27 8.02
N GLU B 50 30.90 -3.58 8.01
CA GLU B 50 31.92 -4.60 7.85
C GLU B 50 32.51 -4.61 6.42
N GLY B 51 31.75 -4.11 5.46
CA GLY B 51 32.28 -3.94 4.10
C GLY B 51 33.06 -2.66 3.89
N GLY B 52 33.17 -1.84 4.94
CA GLY B 52 34.02 -0.66 4.88
C GLY B 52 33.37 0.68 4.61
N TRP B 53 32.03 0.74 4.62
CA TRP B 53 31.35 2.03 4.50
C TRP B 53 31.62 2.82 5.78
N ALA B 54 32.05 4.08 5.61
CA ALA B 54 32.46 4.90 6.74
C ALA B 54 31.31 5.23 7.69
N ALA B 55 30.16 5.56 7.11
CA ALA B 55 29.00 5.95 7.90
C ALA B 55 27.76 5.32 7.29
N LEU B 56 26.83 4.95 8.15
CA LEU B 56 25.60 4.30 7.74
C LEU B 56 24.42 4.98 8.42
N ASN B 57 23.46 5.40 7.62
CA ASN B 57 22.33 6.18 8.12
C ASN B 57 21.05 5.37 8.06
N THR B 58 20.14 5.65 8.99
CA THR B 58 18.79 5.12 8.90
C THR B 58 18.11 5.76 7.69
N GLU B 59 16.94 5.23 7.34
CA GLU B 59 16.02 5.94 6.46
C GLU B 59 15.39 7.10 7.23
N TYR B 60 14.51 7.84 6.56
CA TYR B 60 13.84 8.97 7.18
C TYR B 60 13.19 8.58 8.50
N CYS B 61 13.48 9.36 9.54
CA CYS B 61 13.11 9.00 10.89
C CYS B 61 12.14 10.02 11.51
N SER B 62 10.88 9.63 11.63
CA SER B 62 9.84 10.50 12.16
C SER B 62 10.21 11.03 13.54
N ILE B 63 10.13 12.35 13.71
CA ILE B 63 10.41 12.97 15.01
C ILE B 63 9.20 12.97 15.94
N ASN B 64 8.01 12.64 15.42
CA ASN B 64 6.75 12.78 16.16
C ASN B 64 5.60 12.10 15.43
N PRO B 65 4.60 11.56 16.16
CA PRO B 65 3.43 10.88 15.60
C PRO B 65 2.65 11.63 14.53
N GLU B 66 2.76 12.95 14.50
CA GLU B 66 2.01 13.73 13.52
C GLU B 66 2.75 13.87 12.22
N SER B 67 3.93 13.27 12.16
CA SER B 67 4.59 13.01 10.88
C SER B 67 4.75 11.50 10.70
N ASP B 68 3.63 10.83 10.46
CA ASP B 68 3.58 9.37 10.33
C ASP B 68 3.32 9.01 8.85
N ASP B 69 4.25 8.27 8.24
CA ASP B 69 4.12 7.92 6.82
C ASP B 69 3.29 6.70 6.48
N THR B 70 2.79 5.98 7.48
CA THR B 70 1.85 4.88 7.25
C THR B 70 0.83 5.33 6.19
N HIS B 71 0.62 4.57 5.12
CA HIS B 71 1.00 3.17 4.93
C HIS B 71 2.46 2.84 4.55
N ARG B 72 3.28 3.84 4.27
CA ARG B 72 4.69 3.52 4.08
C ARG B 72 5.40 3.40 5.41
N LEU B 73 6.63 2.89 5.37
CA LEU B 73 7.34 2.60 6.61
C LEU B 73 8.56 3.47 6.78
N SER B 74 8.54 4.33 7.79
CA SER B 74 9.70 5.14 8.16
C SER B 74 10.25 4.63 9.45
N ALA B 75 11.47 5.04 9.78
CA ALA B 75 11.97 4.85 11.13
C ALA B 75 11.20 5.84 12.01
N ARG B 76 11.19 5.61 13.32
CA ARG B 76 10.62 6.59 14.24
C ARG B 76 11.49 6.70 15.48
N ILE B 77 11.59 7.91 16.01
CA ILE B 77 12.29 8.15 17.26
C ILE B 77 11.35 8.97 18.18
N TRP B 78 10.19 8.37 18.43
CA TRP B 78 9.10 8.95 19.23
C TRP B 78 9.32 8.79 20.74
N ASP B 79 9.84 7.64 21.16
CA ASP B 79 9.94 7.33 22.57
C ASP B 79 11.13 6.41 22.88
N GLU B 80 11.16 5.88 24.09
CA GLU B 80 12.28 5.05 24.56
C GLU B 80 12.23 3.67 23.94
N GLY B 81 11.03 3.22 23.56
CA GLY B 81 10.90 2.01 22.77
C GLY B 81 11.70 2.09 21.48
N ASP B 82 11.71 3.26 20.84
CA ASP B 82 12.43 3.42 19.58
C ASP B 82 13.93 3.48 19.77
N VAL B 83 14.40 4.11 20.86
CA VAL B 83 15.84 4.25 21.05
C VAL B 83 16.48 2.91 21.41
N ARG B 84 15.73 2.06 22.11
CA ARG B 84 16.14 0.67 22.33
C ARG B 84 16.28 -0.09 21.00
N ASN B 85 15.23 -0.06 20.19
CA ASN B 85 15.23 -0.72 18.89
C ASN B 85 16.28 -0.19 17.93
N LEU B 86 16.48 1.13 17.93
CA LEU B 86 17.43 1.74 17.01
C LEU B 86 18.85 1.64 17.51
N LYS B 87 19.02 1.56 18.83
CA LYS B 87 20.34 1.34 19.43
C LYS B 87 20.96 0.00 18.99
N ALA B 88 20.10 -0.98 18.71
CA ALA B 88 20.56 -2.24 18.13
C ALA B 88 21.40 -2.03 16.87
N MET B 89 21.01 -1.06 16.06
CA MET B 89 21.70 -0.82 14.80
C MET B 89 23.02 -0.10 15.03
N THR B 90 23.02 0.93 15.87
CA THR B 90 24.22 1.72 16.10
C THR B 90 25.29 0.89 16.81
N ASP B 91 24.86 0.01 17.71
CA ASP B 91 25.80 -0.85 18.42
C ASP B 91 26.52 -1.74 17.43
N GLU B 92 25.76 -2.31 16.51
CA GLU B 92 26.31 -3.24 15.55
C GLU B 92 27.20 -2.58 14.53
N VAL B 93 26.87 -1.37 14.06
CA VAL B 93 27.76 -0.72 13.12
C VAL B 93 29.02 -0.21 13.82
N HIS B 94 28.89 0.14 15.11
CA HIS B 94 30.03 0.61 15.89
C HIS B 94 31.01 -0.52 16.08
N LYS B 95 30.48 -1.72 16.26
CA LYS B 95 31.28 -2.93 16.30
C LYS B 95 32.29 -3.00 15.17
N TYR B 96 31.96 -2.44 14.01
CA TYR B 96 32.83 -2.52 12.86
C TYR B 96 33.54 -1.22 12.54
N GLY B 97 33.56 -0.29 13.50
CA GLY B 97 34.32 0.93 13.35
C GLY B 97 33.75 1.96 12.39
N ALA B 98 32.44 1.93 12.20
CA ALA B 98 31.78 2.90 11.34
C ALA B 98 30.94 3.86 12.20
N LEU B 99 30.60 5.00 11.62
CA LEU B 99 29.68 5.94 12.26
C LEU B 99 28.24 5.56 11.90
N ALA B 100 27.30 5.89 12.78
CA ALA B 100 25.89 5.64 12.54
C ALA B 100 25.18 6.99 12.52
N GLY B 101 24.35 7.23 11.52
CA GLY B 101 23.65 8.50 11.42
C GLY B 101 22.15 8.29 11.40
N VAL B 102 21.39 9.32 11.77
CA VAL B 102 19.92 9.27 11.75
C VAL B 102 19.40 10.50 11.03
N GLU B 103 18.33 10.32 10.26
CA GLU B 103 17.78 11.40 9.43
C GLU B 103 16.42 11.88 9.95
N LEU B 104 16.43 12.96 10.72
CA LEU B 104 15.24 13.44 11.44
C LEU B 104 14.25 14.06 10.48
N TRP B 105 13.04 13.54 10.49
CA TRP B 105 12.09 13.81 9.43
C TRP B 105 10.76 14.33 9.95
N TYR B 106 10.29 15.42 9.34
CA TYR B 106 8.93 15.89 9.51
C TYR B 106 8.40 16.21 8.10
N GLY B 107 7.29 15.60 7.72
CA GLY B 107 6.90 15.58 6.33
C GLY B 107 5.88 16.62 5.87
N GLY B 108 5.16 17.23 6.80
CA GLY B 108 4.10 18.13 6.42
C GLY B 108 2.91 17.32 5.93
N ALA B 109 2.15 17.82 4.96
CA ALA B 109 0.98 17.09 4.47
C ALA B 109 1.37 15.86 3.65
N HIS B 110 2.65 15.73 3.33
CA HIS B 110 3.13 14.61 2.55
C HIS B 110 3.02 13.32 3.34
N ALA B 111 2.89 13.44 4.65
CA ALA B 111 2.72 12.28 5.52
C ALA B 111 1.24 12.09 5.76
N PRO B 112 0.69 10.96 5.32
CA PRO B 112 -0.77 10.80 5.41
C PRO B 112 -1.31 10.43 6.79
N ASN B 113 -0.41 10.16 7.73
CA ASN B 113 -0.77 9.86 9.11
C ASN B 113 -1.91 8.83 9.28
N MET B 114 -1.84 7.74 8.53
CA MET B 114 -2.89 6.71 8.61
C MET B 114 -2.84 5.82 9.83
N GLU B 115 -1.73 5.83 10.56
CA GLU B 115 -1.71 5.15 11.85
C GLU B 115 -2.10 6.10 12.97
N SER B 116 -1.40 7.24 13.08
CA SER B 116 -1.59 8.10 14.23
C SER B 116 -2.94 8.83 14.20
N ARG B 117 -3.42 9.12 12.99
CA ARG B 117 -4.62 9.92 12.75
C ARG B 117 -4.47 11.40 13.17
N ALA B 118 -3.23 11.83 13.34
CA ALA B 118 -2.94 13.16 13.82
C ALA B 118 -2.99 14.14 12.67
N THR B 119 -2.89 15.41 13.00
CA THR B 119 -2.97 16.47 12.02
C THR B 119 -1.58 17.00 11.73
N PRO B 120 -1.11 16.90 10.48
CA PRO B 120 0.15 17.54 10.08
C PRO B 120 0.03 19.07 10.03
N ARG B 121 1.16 19.75 10.20
CA ARG B 121 1.20 21.21 10.13
C ARG B 121 2.28 21.59 9.13
N GLY B 122 2.10 22.73 8.47
CA GLY B 122 3.09 23.20 7.50
C GLY B 122 3.13 24.72 7.44
N PRO B 123 3.89 25.31 6.50
CA PRO B 123 3.97 26.77 6.37
C PRO B 123 2.63 27.41 6.01
N SER B 124 1.87 26.74 5.17
CA SER B 124 0.54 27.18 4.77
C SER B 124 -0.31 25.93 4.61
N GLN B 125 -1.61 26.08 4.50
CA GLN B 125 -2.48 24.94 4.28
C GLN B 125 -2.43 24.59 2.81
N TYR B 126 -2.01 23.35 2.52
CA TYR B 126 -2.08 22.80 1.18
C TYR B 126 -2.50 21.34 1.27
N ALA B 127 -3.14 20.85 0.21
CA ALA B 127 -3.26 19.40 -0.02
C ALA B 127 -1.96 18.96 -0.70
N SER B 128 -1.36 17.89 -0.20
CA SER B 128 -0.13 17.39 -0.79
C SER B 128 -0.38 17.01 -2.23
N GLU B 129 0.57 17.36 -3.09
CA GLU B 129 0.52 16.98 -4.50
C GLU B 129 0.89 15.50 -4.64
N PHE B 130 1.29 14.90 -3.52
CA PHE B 130 1.80 13.54 -3.46
C PHE B 130 0.73 12.70 -2.77
N GLU B 131 0.32 13.13 -1.58
CA GLU B 131 -0.88 12.59 -0.94
C GLU B 131 -2.09 13.52 -1.12
N THR B 132 -2.84 13.33 -2.20
CA THR B 132 -3.83 14.31 -2.66
C THR B 132 -5.01 14.54 -1.72
N LEU B 133 -5.15 13.65 -0.74
CA LEU B 133 -6.24 13.77 0.21
C LEU B 133 -5.73 14.23 1.58
N SER B 134 -4.44 14.55 1.65
CA SER B 134 -3.80 14.88 2.90
C SER B 134 -3.59 16.38 2.96
N TYR B 135 -4.20 17.02 3.95
CA TYR B 135 -4.06 18.47 4.14
C TYR B 135 -3.33 18.77 5.44
N CYS B 136 -2.72 19.94 5.53
CA CYS B 136 -2.16 20.37 6.82
C CYS B 136 -2.79 21.66 7.35
N LYS B 137 -2.64 21.84 8.66
CA LYS B 137 -3.02 23.07 9.34
C LYS B 137 -1.88 24.07 9.17
N GLU B 138 -2.20 25.30 8.80
CA GLU B 138 -1.16 26.33 8.73
C GLU B 138 -0.63 26.62 10.12
N MET B 139 0.68 26.59 10.28
CA MET B 139 1.30 26.84 11.57
C MET B 139 1.12 28.29 12.00
N ASP B 140 0.96 28.51 13.30
CA ASP B 140 1.22 29.83 13.86
C ASP B 140 2.57 29.79 14.56
N LEU B 141 2.98 30.91 15.13
CA LEU B 141 4.30 31.03 15.72
C LEU B 141 4.48 30.06 16.91
N SER B 142 3.37 29.68 17.52
CA SER B 142 3.39 28.69 18.60
C SER B 142 3.59 27.27 18.06
N ASP B 143 2.86 26.93 17.01
CA ASP B 143 3.06 25.68 16.26
C ASP B 143 4.53 25.57 15.85
N ILE B 144 5.05 26.64 15.26
CA ILE B 144 6.41 26.67 14.76
C ILE B 144 7.43 26.36 15.85
N ALA B 145 7.23 26.95 17.03
CA ALA B 145 8.09 26.65 18.18
C ALA B 145 7.90 25.23 18.66
N GLN B 146 6.67 24.74 18.59
CA GLN B 146 6.37 23.40 19.08
C GLN B 146 7.01 22.31 18.21
N VAL B 147 7.04 22.56 16.90
CA VAL B 147 7.58 21.60 15.95
C VAL B 147 9.12 21.62 15.98
N GLN B 148 9.70 22.80 16.13
CA GLN B 148 11.16 22.91 16.28
C GLN B 148 11.65 22.20 17.53
N GLN B 149 10.79 22.13 18.55
CA GLN B 149 11.08 21.41 19.78
C GLN B 149 11.03 19.88 19.58
N PHE B 150 10.14 19.43 18.71
CA PHE B 150 10.08 18.02 18.30
C PHE B 150 11.44 17.57 17.79
N TYR B 151 12.07 18.41 16.98
CA TYR B 151 13.41 18.16 16.45
C TYR B 151 14.44 18.05 17.56
N VAL B 152 14.47 19.04 18.43
CA VAL B 152 15.41 19.06 19.56
C VAL B 152 15.29 17.79 20.39
N ASP B 153 14.06 17.42 20.73
CA ASP B 153 13.79 16.20 21.49
C ASP B 153 14.22 14.94 20.76
N ALA B 154 13.98 14.88 19.45
CA ALA B 154 14.38 13.73 18.65
C ALA B 154 15.89 13.61 18.57
N ALA B 155 16.57 14.75 18.41
CA ALA B 155 18.02 14.78 18.36
C ALA B 155 18.66 14.31 19.68
N LYS B 156 18.03 14.62 20.80
CA LYS B 156 18.52 14.15 22.09
C LYS B 156 18.28 12.67 22.32
N ARG B 157 17.13 12.16 21.88
CA ARG B 157 16.86 10.73 21.87
C ARG B 157 17.84 9.98 20.95
N SER B 158 18.13 10.57 19.79
CA SER B 158 19.12 10.01 18.88
C SER B 158 20.47 9.85 19.55
N ARG B 159 20.93 10.89 20.23
CA ARG B 159 22.20 10.84 20.92
C ARG B 159 22.18 9.72 21.96
N ASP B 160 21.03 9.53 22.60
CA ASP B 160 20.83 8.42 23.54
C ASP B 160 20.89 7.06 22.86
N ALA B 161 20.43 6.98 21.61
CA ALA B 161 20.47 5.72 20.86
C ALA B 161 21.86 5.42 20.27
N GLY B 162 22.79 6.36 20.39
CA GLY B 162 24.17 6.10 20.02
C GLY B 162 24.52 6.55 18.63
N PHE B 163 23.75 7.49 18.10
CA PHE B 163 24.01 8.02 16.77
C PHE B 163 25.12 9.06 16.82
N ASP B 164 25.94 9.08 15.77
CA ASP B 164 27.08 9.98 15.68
C ASP B 164 26.76 11.17 14.79
N ILE B 165 25.81 10.97 13.88
CA ILE B 165 25.46 11.99 12.89
C ILE B 165 23.97 12.22 13.00
N VAL B 166 23.56 13.48 13.17
CA VAL B 166 22.14 13.84 13.23
C VAL B 166 21.80 14.79 12.09
N TYR B 167 20.86 14.39 11.24
CA TYR B 167 20.45 15.21 10.08
C TYR B 167 19.28 16.10 10.47
N VAL B 168 19.24 17.28 9.87
CA VAL B 168 17.98 17.96 9.66
C VAL B 168 17.68 17.81 8.17
N TYR B 169 16.58 17.11 7.87
CA TYR B 169 16.30 16.58 6.54
C TYR B 169 15.45 17.60 5.80
N GLY B 170 16.03 18.26 4.79
CA GLY B 170 15.28 19.19 3.97
C GLY B 170 15.36 18.86 2.49
N ALA B 171 15.18 17.59 2.16
CA ALA B 171 15.16 17.15 0.77
C ALA B 171 13.85 16.42 0.52
N HIS B 172 13.52 16.20 -0.75
CA HIS B 172 12.27 15.54 -1.11
C HIS B 172 11.09 16.34 -0.59
N SER B 173 11.25 17.66 -0.60
CA SER B 173 10.16 18.59 -0.33
C SER B 173 9.48 18.35 1.02
N TYR B 174 10.30 18.05 2.02
CA TYR B 174 9.83 17.85 3.37
C TYR B 174 9.99 19.14 4.18
N LEU B 175 9.57 19.14 5.44
CA LEU B 175 9.13 20.37 6.09
C LEU B 175 10.07 21.57 5.97
N PRO B 176 11.38 21.40 6.26
CA PRO B 176 12.30 22.52 6.16
C PRO B 176 12.33 23.15 4.77
N LEU B 177 12.19 22.31 3.75
CA LEU B 177 12.21 22.76 2.36
C LEU B 177 10.88 23.41 1.98
N GLN B 178 9.80 23.03 2.68
CA GLN B 178 8.50 23.63 2.44
C GLN B 178 8.45 25.10 2.84
N PHE B 179 9.11 25.46 3.93
CA PHE B 179 9.20 26.86 4.35
C PHE B 179 10.08 27.66 3.39
N LEU B 180 11.13 27.03 2.88
CA LEU B 180 12.05 27.69 1.97
C LEU B 180 11.48 27.89 0.57
N ASN B 181 10.47 27.10 0.22
CA ASN B 181 10.02 26.98 -1.15
C ASN B 181 8.66 27.65 -1.28
N PRO B 182 8.56 28.72 -2.08
CA PRO B 182 7.30 29.43 -2.33
C PRO B 182 6.16 28.56 -2.89
N TYR B 183 6.51 27.42 -3.48
CA TYR B 183 5.50 26.48 -3.97
C TYR B 183 4.52 26.10 -2.83
N TYR B 184 5.04 25.98 -1.62
CA TYR B 184 4.23 25.65 -0.45
C TYR B 184 3.98 26.88 0.41
N ASN B 185 5.02 27.67 0.60
CA ASN B 185 4.99 28.76 1.56
C ASN B 185 4.37 30.02 0.99
N LYS B 186 3.12 30.26 1.34
CA LYS B 186 2.43 31.48 0.91
C LYS B 186 2.34 32.51 2.04
N ARG B 187 3.22 32.36 3.04
CA ARG B 187 3.23 33.25 4.20
C ARG B 187 3.55 34.68 3.87
N THR B 188 3.31 35.50 4.87
CA THR B 188 3.29 36.93 4.69
C THR B 188 3.99 37.58 5.88
N ASP B 189 4.41 36.75 6.83
CA ASP B 189 5.06 37.20 8.05
C ASP B 189 6.56 36.95 7.93
N LYS B 190 7.23 36.88 9.08
CA LYS B 190 8.68 36.78 9.09
C LYS B 190 9.21 35.40 8.73
N TYR B 191 8.31 34.47 8.44
CA TYR B 191 8.69 33.16 7.93
C TYR B 191 8.33 32.99 6.47
N GLY B 192 7.99 34.11 5.82
CA GLY B 192 7.61 34.05 4.42
C GLY B 192 8.10 35.29 3.72
N GLY B 193 8.13 35.26 2.40
CA GLY B 193 8.50 36.44 1.65
C GLY B 193 9.90 36.33 1.12
N SER B 194 10.82 37.07 1.73
CA SER B 194 12.20 37.11 1.28
C SER B 194 12.85 35.76 1.56
N LEU B 195 14.01 35.54 0.96
CA LEU B 195 14.77 34.32 1.21
C LEU B 195 15.18 34.24 2.68
N GLU B 196 15.52 35.38 3.26
CA GLU B 196 15.88 35.46 4.67
C GLU B 196 14.74 34.91 5.53
N ASN B 197 13.51 35.30 5.19
CA ASN B 197 12.33 34.91 5.96
C ASN B 197 11.99 33.46 5.69
N ARG B 198 12.19 33.05 4.44
CA ARG B 198 11.91 31.70 4.01
C ARG B 198 12.92 30.68 4.57
N ALA B 199 14.17 31.09 4.73
CA ALA B 199 15.19 30.20 5.28
C ALA B 199 15.20 30.22 6.79
N ARG B 200 14.30 31.02 7.37
CA ARG B 200 14.26 31.26 8.81
C ARG B 200 13.95 30.00 9.61
N PHE B 201 13.01 29.19 9.14
CA PHE B 201 12.60 28.00 9.89
C PHE B 201 13.75 26.99 9.99
N TRP B 202 14.51 26.86 8.90
CA TRP B 202 15.55 25.84 8.81
C TRP B 202 16.74 26.29 9.64
N LEU B 203 17.13 27.55 9.47
CA LEU B 203 18.23 28.14 10.24
C LEU B 203 17.98 28.01 11.73
N GLU B 204 16.77 28.35 12.16
CA GLU B 204 16.41 28.20 13.56
C GLU B 204 16.50 26.76 14.03
N THR B 205 15.95 25.84 13.25
CA THR B 205 16.00 24.43 13.64
C THR B 205 17.42 23.87 13.70
N LEU B 206 18.27 24.26 12.74
CA LEU B 206 19.66 23.81 12.75
C LEU B 206 20.39 24.33 13.98
N GLU B 207 20.11 25.57 14.37
CA GLU B 207 20.78 26.17 15.52
C GLU B 207 20.38 25.49 16.84
N LYS B 208 19.11 25.16 16.99
CA LYS B 208 18.61 24.54 18.21
C LYS B 208 19.09 23.09 18.36
N VAL B 209 19.08 22.36 17.25
CA VAL B 209 19.57 20.98 17.23
C VAL B 209 21.06 20.98 17.56
N LYS B 210 21.80 21.89 16.92
CA LYS B 210 23.23 22.03 17.13
C LYS B 210 23.51 22.32 18.60
N HIS B 211 22.76 23.27 19.15
CA HIS B 211 22.91 23.63 20.55
C HIS B 211 22.64 22.43 21.44
N ALA B 212 21.65 21.61 21.08
CA ALA B 212 21.26 20.46 21.88
C ALA B 212 22.32 19.34 21.88
N VAL B 213 22.78 18.93 20.69
CA VAL B 213 23.62 17.74 20.58
C VAL B 213 24.90 17.96 19.77
N GLY B 214 25.12 19.19 19.31
CA GLY B 214 26.22 19.46 18.41
C GLY B 214 27.58 19.18 19.03
N SER B 215 27.61 19.17 20.36
CA SER B 215 28.83 18.83 21.08
C SER B 215 29.23 17.37 20.84
N ASP B 216 28.24 16.50 20.74
CA ASP B 216 28.50 15.06 20.66
C ASP B 216 28.34 14.49 19.25
N CYS B 217 27.52 15.14 18.43
CA CYS B 217 27.17 14.59 17.12
C CYS B 217 27.53 15.57 16.03
N ALA B 218 27.95 15.04 14.88
CA ALA B 218 28.04 15.87 13.69
C ALA B 218 26.61 16.22 13.28
N ILE B 219 26.42 17.43 12.79
CA ILE B 219 25.11 17.94 12.42
C ILE B 219 25.14 18.09 10.92
N ALA B 220 24.34 17.30 10.22
CA ALA B 220 24.29 17.37 8.78
C ALA B 220 22.93 17.89 8.34
N THR B 221 22.85 18.33 7.09
CA THR B 221 21.58 18.67 6.50
C THR B 221 21.59 18.12 5.09
N ARG B 222 20.47 17.54 4.71
CA ARG B 222 20.26 16.93 3.41
C ARG B 222 19.31 17.91 2.72
N PHE B 223 19.79 18.52 1.64
CA PHE B 223 19.13 19.68 1.04
C PHE B 223 18.84 19.44 -0.43
N GLY B 224 17.58 19.64 -0.82
CA GLY B 224 17.22 19.60 -2.23
C GLY B 224 17.55 20.94 -2.88
N VAL B 225 18.72 21.03 -3.50
CA VAL B 225 19.30 22.30 -3.96
C VAL B 225 18.59 22.91 -5.18
N ASP B 226 17.85 22.09 -5.90
CA ASP B 226 17.12 22.53 -7.07
C ASP B 226 15.95 21.55 -7.18
N THR B 227 14.73 22.06 -7.30
CA THR B 227 13.54 21.21 -7.45
C THR B 227 13.36 20.66 -8.87
N VAL B 228 14.29 21.02 -9.75
CA VAL B 228 14.21 20.75 -11.18
C VAL B 228 12.82 20.92 -11.76
N TYR B 229 12.18 22.02 -11.37
CA TYR B 229 10.94 22.49 -11.99
C TYR B 229 11.13 23.86 -12.65
N GLY B 230 12.32 24.42 -12.50
CA GLY B 230 12.59 25.72 -13.09
C GLY B 230 12.12 26.78 -12.14
N PRO B 231 11.82 27.99 -12.64
CA PRO B 231 11.29 29.09 -11.81
C PRO B 231 10.01 28.70 -11.10
N GLY B 232 9.86 29.16 -9.87
CA GLY B 232 8.64 28.87 -9.12
C GLY B 232 8.89 27.94 -7.95
N GLN B 233 9.96 27.17 -8.03
CA GLN B 233 10.46 26.43 -6.88
C GLN B 233 11.94 26.75 -6.73
N ILE B 234 12.70 25.93 -6.02
CA ILE B 234 14.08 26.27 -5.68
C ILE B 234 14.97 26.05 -6.90
N GLU B 235 15.72 27.08 -7.28
CA GLU B 235 16.74 26.96 -8.31
C GLU B 235 18.12 27.13 -7.71
N ALA B 236 19.08 26.35 -8.21
CA ALA B 236 20.36 26.18 -7.54
C ALA B 236 21.17 27.48 -7.55
N GLU B 237 21.08 28.22 -8.65
CA GLU B 237 21.85 29.45 -8.80
C GLU B 237 21.13 30.68 -8.27
N VAL B 238 19.87 30.49 -7.88
CA VAL B 238 19.11 31.53 -7.24
C VAL B 238 19.09 31.24 -5.73
N ASP B 239 18.07 30.54 -5.25
CA ASP B 239 17.94 30.29 -3.80
C ASP B 239 18.90 29.25 -3.25
N GLY B 240 19.34 28.33 -4.10
CA GLY B 240 20.14 27.21 -3.66
C GLY B 240 21.45 27.62 -3.02
N GLN B 241 22.31 28.26 -3.80
CA GLN B 241 23.63 28.66 -3.31
C GLN B 241 23.54 29.66 -2.18
N LYS B 242 22.55 30.54 -2.24
CA LYS B 242 22.34 31.55 -1.21
C LYS B 242 22.05 30.91 0.13
N PHE B 243 21.14 29.94 0.14
CA PHE B 243 20.79 29.27 1.38
C PHE B 243 22.00 28.51 1.94
N VAL B 244 22.78 27.91 1.05
CA VAL B 244 24.01 27.22 1.46
C VAL B 244 24.94 28.18 2.19
N GLU B 245 25.16 29.34 1.60
CA GLU B 245 25.97 30.38 2.23
C GLU B 245 25.42 30.81 3.60
N MET B 246 24.10 30.88 3.72
CA MET B 246 23.46 31.22 4.99
C MET B 246 23.61 30.15 6.07
N ALA B 247 23.48 28.88 5.68
CA ALA B 247 23.45 27.81 6.67
C ALA B 247 24.84 27.22 6.90
N ASP B 248 25.78 27.59 6.07
CA ASP B 248 27.09 26.94 6.00
C ASP B 248 27.80 26.82 7.35
N SER B 249 27.59 27.77 8.23
CA SER B 249 28.33 27.78 9.49
C SER B 249 27.65 26.90 10.55
N LEU B 250 26.42 26.50 10.27
CA LEU B 250 25.64 25.69 11.20
C LEU B 250 25.82 24.20 10.95
N VAL B 251 26.14 23.83 9.72
CA VAL B 251 26.20 22.41 9.35
C VAL B 251 27.64 21.92 9.29
N ASP B 252 27.84 20.64 9.60
CA ASP B 252 29.15 20.03 9.52
C ASP B 252 29.38 19.38 8.16
N MET B 253 28.30 19.13 7.43
CA MET B 253 28.38 18.48 6.15
C MET B 253 27.11 18.72 5.36
N TRP B 254 27.26 18.99 4.06
CA TRP B 254 26.13 19.15 3.16
C TRP B 254 25.89 17.86 2.42
N ASP B 255 24.65 17.39 2.44
CA ASP B 255 24.26 16.20 1.71
C ASP B 255 23.21 16.69 0.73
N ILE B 256 23.55 16.70 -0.56
CA ILE B 256 22.78 17.42 -1.59
C ILE B 256 21.98 16.48 -2.50
N THR B 257 20.72 16.84 -2.78
CA THR B 257 19.90 16.15 -3.76
C THR B 257 19.23 17.11 -4.72
N ILE B 258 18.51 16.59 -5.70
CA ILE B 258 17.70 17.42 -6.59
C ILE B 258 16.32 16.79 -6.75
N GLY B 259 15.34 17.61 -7.09
CA GLY B 259 14.00 17.13 -7.31
C GLY B 259 13.12 17.25 -6.08
N ASP B 260 11.91 16.70 -6.17
CA ASP B 260 10.87 16.91 -5.17
C ASP B 260 10.44 15.56 -4.59
N ILE B 261 9.20 15.45 -4.13
CA ILE B 261 8.71 14.17 -3.58
C ILE B 261 7.88 13.41 -4.62
N ALA B 262 7.01 14.12 -5.33
CA ALA B 262 6.18 13.51 -6.37
C ALA B 262 7.05 12.84 -7.43
N GLU B 263 8.24 13.40 -7.67
CA GLU B 263 9.10 12.86 -8.71
C GLU B 263 10.54 12.68 -8.23
N TRP B 264 10.73 11.97 -7.12
CA TRP B 264 12.06 11.82 -6.60
C TRP B 264 12.85 10.76 -7.37
N GLY B 265 12.23 10.22 -8.42
CA GLY B 265 12.98 9.50 -9.44
C GLY B 265 14.02 10.37 -10.12
N GLU B 266 13.89 11.69 -9.96
CA GLU B 266 14.92 12.62 -10.43
C GLU B 266 16.16 12.56 -9.53
N ASP B 267 15.93 12.29 -8.26
CA ASP B 267 17.00 11.98 -7.30
C ASP B 267 17.51 10.55 -7.52
N ALA B 268 16.66 9.57 -7.22
CA ALA B 268 16.98 8.16 -7.44
C ALA B 268 16.83 7.86 -8.92
N GLY B 269 17.75 8.39 -9.72
CA GLY B 269 17.59 8.38 -11.15
C GLY B 269 17.66 6.98 -11.74
N PRO B 270 16.58 6.52 -12.39
CA PRO B 270 16.60 5.21 -13.05
C PRO B 270 17.62 5.19 -14.18
N SER B 271 18.24 4.04 -14.40
CA SER B 271 19.23 3.93 -15.47
C SER B 271 18.53 4.07 -16.81
N ARG B 272 17.23 3.78 -16.83
CA ARG B 272 16.44 3.97 -18.02
C ARG B 272 16.60 5.41 -18.53
N PHE B 273 16.79 6.35 -17.62
CA PHE B 273 16.84 7.75 -17.98
C PHE B 273 18.18 8.41 -17.71
N TYR B 274 18.85 8.00 -16.64
CA TYR B 274 20.00 8.75 -16.16
C TYR B 274 21.23 7.89 -15.98
N GLN B 275 22.40 8.44 -16.25
CA GLN B 275 23.65 7.74 -16.02
C GLN B 275 24.30 8.16 -14.71
N GLN B 276 25.27 7.36 -14.29
CA GLN B 276 26.12 7.66 -13.16
C GLN B 276 26.64 9.07 -13.29
N GLY B 277 26.51 9.86 -12.23
CA GLY B 277 26.96 11.24 -12.25
C GLY B 277 25.97 12.22 -12.87
N HIS B 278 24.73 11.81 -13.06
CA HIS B 278 23.71 12.70 -13.63
C HIS B 278 23.42 13.98 -12.83
N THR B 279 23.71 13.96 -11.54
CA THR B 279 23.33 15.05 -10.64
C THR B 279 24.42 16.12 -10.58
N ILE B 280 25.57 15.82 -11.15
CA ILE B 280 26.75 16.67 -10.98
C ILE B 280 26.53 18.15 -11.33
N PRO B 281 25.84 18.44 -12.45
CA PRO B 281 25.68 19.86 -12.83
C PRO B 281 25.09 20.71 -11.74
N TRP B 282 24.29 20.09 -10.86
CA TRP B 282 23.68 20.79 -9.74
C TRP B 282 24.54 20.70 -8.49
N VAL B 283 25.09 19.51 -8.24
CA VAL B 283 25.84 19.28 -7.02
C VAL B 283 27.12 20.14 -6.94
N LYS B 284 27.80 20.30 -8.07
CA LYS B 284 29.07 21.03 -8.06
C LYS B 284 28.91 22.47 -7.59
N LEU B 285 27.71 23.02 -7.80
CA LEU B 285 27.41 24.41 -7.47
C LEU B 285 27.47 24.67 -5.96
N VAL B 286 27.11 23.67 -5.16
CA VAL B 286 27.17 23.83 -3.70
C VAL B 286 28.61 23.90 -3.24
N LYS B 287 29.45 23.10 -3.87
CA LYS B 287 30.89 23.06 -3.57
C LYS B 287 31.55 24.44 -3.82
N GLN B 288 30.95 25.23 -4.71
CA GLN B 288 31.48 26.54 -5.07
C GLN B 288 31.37 27.54 -3.93
N VAL B 289 30.34 27.40 -3.10
CA VAL B 289 30.04 28.41 -2.09
C VAL B 289 30.13 27.92 -0.66
N SER B 290 30.54 26.67 -0.48
CA SER B 290 30.59 26.06 0.84
C SER B 290 32.03 25.85 1.29
N LYS B 291 32.23 25.87 2.60
CA LYS B 291 33.54 25.58 3.20
C LYS B 291 33.47 24.29 4.01
N LYS B 292 32.33 23.61 3.95
CA LYS B 292 32.16 22.34 4.66
C LYS B 292 32.23 21.19 3.66
N PRO B 293 32.49 19.98 4.15
CA PRO B 293 32.39 18.74 3.36
C PRO B 293 31.03 18.60 2.67
N VAL B 294 31.05 18.44 1.36
CA VAL B 294 29.83 18.14 0.62
C VAL B 294 29.89 16.79 -0.08
N LEU B 295 28.75 16.11 -0.07
CA LEU B 295 28.55 14.91 -0.86
C LEU B 295 27.25 15.06 -1.65
N GLY B 296 27.19 14.42 -2.81
CA GLY B 296 25.97 14.37 -3.59
C GLY B 296 25.86 13.06 -4.36
N VAL B 297 24.82 12.29 -4.06
CA VAL B 297 24.59 11.01 -4.74
C VAL B 297 24.45 11.17 -6.25
N GLY B 298 24.73 10.09 -6.98
CA GLY B 298 24.55 10.07 -8.42
C GLY B 298 24.77 8.68 -8.99
N ARG B 299 24.23 7.67 -8.31
CA ARG B 299 24.44 6.27 -8.63
C ARG B 299 25.91 5.93 -8.94
N TYR B 300 26.78 6.20 -7.98
CA TYR B 300 28.20 6.00 -8.17
C TYR B 300 28.64 4.56 -7.90
N THR B 301 29.00 3.86 -8.97
CA THR B 301 29.48 2.49 -8.84
C THR B 301 30.96 2.32 -9.25
N ASP B 302 31.46 3.27 -10.05
CA ASP B 302 32.78 3.16 -10.67
C ASP B 302 33.83 3.99 -9.93
N PRO B 303 34.91 3.33 -9.44
CA PRO B 303 35.99 4.05 -8.74
C PRO B 303 36.63 5.14 -9.59
N GLU B 304 36.62 4.96 -10.90
CA GLU B 304 37.13 5.98 -11.81
C GLU B 304 36.30 7.26 -11.78
N LYS B 305 34.97 7.11 -11.73
CA LYS B 305 34.09 8.25 -11.61
C LYS B 305 34.19 8.85 -10.21
N MET B 306 34.27 7.99 -9.21
CA MET B 306 34.43 8.43 -7.84
C MET B 306 35.63 9.35 -7.66
N ILE B 307 36.78 8.97 -8.20
CA ILE B 307 37.97 9.80 -8.04
C ILE B 307 37.90 11.04 -8.92
N GLU B 308 37.06 10.99 -9.94
CA GLU B 308 36.87 12.12 -10.84
C GLU B 308 36.17 13.28 -10.13
N ILE B 309 35.06 12.99 -9.45
CA ILE B 309 34.30 14.06 -8.81
C ILE B 309 35.01 14.61 -7.59
N VAL B 310 35.83 13.79 -6.95
CA VAL B 310 36.63 14.27 -5.83
C VAL B 310 37.80 15.14 -6.31
N THR B 311 38.53 14.67 -7.31
CA THR B 311 39.72 15.38 -7.76
C THR B 311 39.37 16.63 -8.55
N LYS B 312 38.23 16.60 -9.22
CA LYS B 312 37.75 17.77 -9.95
C LYS B 312 37.10 18.78 -9.00
N GLY B 313 36.91 18.37 -7.74
CA GLY B 313 36.38 19.28 -6.74
C GLY B 313 34.87 19.45 -6.78
N TYR B 314 34.16 18.42 -7.22
CA TYR B 314 32.72 18.47 -7.21
C TYR B 314 32.17 18.01 -5.85
N ALA B 315 32.90 17.13 -5.19
CA ALA B 315 32.45 16.55 -3.93
C ALA B 315 33.65 16.09 -3.15
N ASP B 316 33.47 15.93 -1.84
CA ASP B 316 34.55 15.46 -0.98
C ASP B 316 34.34 14.00 -0.61
N ILE B 317 33.08 13.61 -0.50
CA ILE B 317 32.71 12.31 0.02
C ILE B 317 31.87 11.65 -1.06
N ILE B 318 31.98 10.33 -1.17
CA ILE B 318 31.16 9.54 -2.09
C ILE B 318 29.91 9.01 -1.36
N GLY B 319 28.76 9.61 -1.67
CA GLY B 319 27.51 9.23 -1.05
C GLY B 319 26.75 8.29 -1.96
N CYS B 320 26.29 7.18 -1.41
CA CYS B 320 25.66 6.12 -2.20
C CYS B 320 24.47 5.61 -1.43
N ALA B 321 23.42 5.24 -2.17
CA ALA B 321 22.30 4.49 -1.58
C ALA B 321 22.13 3.13 -2.27
N ARG B 322 21.68 3.16 -3.51
CA ARG B 322 21.51 1.91 -4.26
C ARG B 322 22.80 1.11 -4.49
N PRO B 323 23.92 1.78 -4.84
CA PRO B 323 25.19 1.04 -4.99
C PRO B 323 25.56 0.19 -3.78
N SER B 324 25.20 0.68 -2.60
CA SER B 324 25.49 0.00 -1.34
C SER B 324 24.48 -1.13 -1.06
N ILE B 325 23.29 -1.02 -1.65
CA ILE B 325 22.28 -2.06 -1.54
C ILE B 325 22.67 -3.25 -2.41
N ALA B 326 23.13 -2.95 -3.63
CA ALA B 326 23.54 -4.00 -4.59
C ALA B 326 24.86 -4.64 -4.16
N ASP B 327 25.73 -3.88 -3.51
CA ASP B 327 26.99 -4.42 -3.01
C ASP B 327 27.40 -3.77 -1.69
N PRO B 328 27.00 -4.39 -0.56
CA PRO B 328 27.45 -3.99 0.78
C PRO B 328 28.97 -3.91 0.94
N PHE B 329 29.70 -4.61 0.07
CA PHE B 329 31.16 -4.69 0.19
C PHE B 329 31.92 -3.93 -0.89
N LEU B 330 31.27 -2.98 -1.54
CA LEU B 330 31.91 -2.17 -2.56
C LEU B 330 33.21 -1.50 -2.07
N PRO B 331 33.20 -0.90 -0.86
CA PRO B 331 34.43 -0.28 -0.35
C PRO B 331 35.60 -1.25 -0.20
N GLN B 332 35.37 -2.38 0.45
CA GLN B 332 36.42 -3.38 0.64
C GLN B 332 36.98 -3.88 -0.68
N LYS B 333 36.11 -4.09 -1.66
CA LYS B 333 36.54 -4.59 -2.95
C LYS B 333 37.41 -3.60 -3.69
N VAL B 334 37.07 -2.31 -3.61
CA VAL B 334 37.92 -1.26 -4.18
C VAL B 334 39.24 -1.17 -3.43
N GLU B 335 39.16 -1.21 -2.11
CA GLU B 335 40.34 -1.19 -1.24
C GLU B 335 41.34 -2.26 -1.59
N GLN B 336 40.83 -3.46 -1.87
CA GLN B 336 41.68 -4.61 -2.16
C GLN B 336 41.94 -4.81 -3.64
N GLY B 337 41.45 -3.92 -4.48
CA GLY B 337 41.68 -4.06 -5.90
C GLY B 337 40.86 -5.15 -6.60
N ARG B 338 39.82 -5.65 -5.94
CA ARG B 338 38.95 -6.69 -6.50
C ARG B 338 37.86 -6.07 -7.37
N TYR B 339 38.25 -5.31 -8.39
CA TYR B 339 37.30 -4.47 -9.10
C TYR B 339 36.23 -5.27 -9.83
N ASP B 340 36.58 -6.49 -10.20
CA ASP B 340 35.70 -7.33 -11.01
C ASP B 340 34.76 -8.18 -10.16
N ASP B 341 34.81 -7.97 -8.84
CA ASP B 341 33.92 -8.65 -7.92
C ASP B 341 32.81 -7.72 -7.48
N ILE B 342 32.83 -6.51 -8.00
CA ILE B 342 31.84 -5.51 -7.62
C ILE B 342 30.53 -5.79 -8.32
N ARG B 343 29.47 -5.92 -7.52
CA ARG B 343 28.13 -6.22 -8.00
C ARG B 343 27.42 -4.91 -8.30
N VAL B 344 27.45 -4.49 -9.55
CA VAL B 344 27.01 -3.16 -9.93
C VAL B 344 25.49 -3.00 -9.99
N CYS B 345 24.97 -2.02 -9.26
CA CYS B 345 23.57 -1.64 -9.34
C CYS B 345 23.17 -1.35 -10.79
N ILE B 346 22.04 -1.92 -11.21
CA ILE B 346 21.53 -1.70 -12.56
C ILE B 346 20.53 -0.55 -12.69
N GLY B 347 20.27 0.16 -11.58
CA GLY B 347 19.31 1.26 -11.62
C GLY B 347 17.91 0.92 -12.08
N CYS B 348 17.38 -0.18 -11.53
CA CYS B 348 16.07 -0.66 -11.92
C CYS B 348 14.99 -0.16 -10.96
N ASN B 349 15.43 0.30 -9.79
CA ASN B 349 14.57 0.87 -8.75
C ASN B 349 13.49 -0.07 -8.23
N VAL B 350 13.73 -1.38 -8.32
CA VAL B 350 12.84 -2.36 -7.70
C VAL B 350 12.94 -2.35 -6.17
N CYS B 351 14.11 -2.03 -5.64
CA CYS B 351 14.27 -1.82 -4.20
C CYS B 351 13.30 -0.74 -3.70
N ILE B 352 13.29 0.39 -4.41
CA ILE B 352 12.37 1.50 -4.15
C ILE B 352 10.92 1.07 -4.27
N SER B 353 10.60 0.31 -5.31
CA SER B 353 9.22 0.01 -5.63
C SER B 353 8.49 -0.63 -4.47
N ARG B 354 9.25 -1.33 -3.63
CA ARG B 354 8.67 -2.07 -2.51
C ARG B 354 8.28 -1.14 -1.36
N TRP B 355 9.08 -0.10 -1.17
CA TRP B 355 8.79 0.92 -0.18
C TRP B 355 7.62 1.79 -0.63
N GLU B 356 7.62 2.16 -1.90
CA GLU B 356 6.54 2.94 -2.49
C GLU B 356 5.21 2.23 -2.40
N ILE B 357 5.19 0.92 -2.64
CA ILE B 357 3.97 0.13 -2.51
C ILE B 357 3.41 0.25 -1.09
N GLY B 358 4.32 0.34 -0.12
CA GLY B 358 3.91 0.68 1.23
C GLY B 358 3.75 -0.51 2.12
N GLY B 359 4.80 -0.83 2.87
CA GLY B 359 4.74 -1.98 3.76
C GLY B 359 5.84 -3.00 3.55
N PRO B 360 6.00 -3.59 2.34
CA PRO B 360 6.84 -4.78 2.17
C PRO B 360 8.32 -4.48 2.38
N PRO B 361 9.11 -5.51 2.69
CA PRO B 361 10.55 -5.22 2.77
C PRO B 361 11.17 -5.02 1.40
N MET B 362 12.27 -4.29 1.40
CA MET B 362 13.09 -4.09 0.20
C MET B 362 13.61 -5.42 -0.36
N ILE B 363 13.78 -5.45 -1.68
CA ILE B 363 14.45 -6.56 -2.34
C ILE B 363 15.34 -5.90 -3.37
N CYS B 364 16.35 -6.63 -3.83
CA CYS B 364 17.29 -6.07 -4.79
C CYS B 364 17.53 -7.05 -5.94
N THR B 365 17.43 -6.55 -7.16
CA THR B 365 17.67 -7.38 -8.34
C THR B 365 19.08 -7.96 -8.44
N GLN B 366 20.09 -7.23 -7.96
CA GLN B 366 21.47 -7.70 -8.01
C GLN B 366 21.80 -8.55 -6.79
N ASN B 367 21.35 -8.11 -5.62
CA ASN B 367 21.75 -8.70 -4.36
C ASN B 367 20.59 -9.42 -3.70
N ALA B 368 20.51 -10.73 -3.91
CA ALA B 368 19.41 -11.53 -3.39
C ALA B 368 19.40 -11.67 -1.87
N THR B 369 20.46 -11.21 -1.20
CA THR B 369 20.50 -11.26 0.25
C THR B 369 19.99 -9.98 0.92
N ALA B 370 19.76 -8.92 0.14
CA ALA B 370 19.29 -7.66 0.71
C ALA B 370 17.89 -7.87 1.27
N GLY B 371 17.77 -7.72 2.58
CA GLY B 371 16.50 -8.01 3.22
C GLY B 371 16.50 -9.36 3.89
N GLU B 372 17.43 -10.22 3.48
CA GLU B 372 17.50 -11.58 3.98
C GLU B 372 18.63 -11.79 4.97
N GLU B 373 19.41 -10.75 5.25
CA GLU B 373 20.57 -10.86 6.11
C GLU B 373 20.18 -11.36 7.51
N TYR B 374 19.21 -10.71 8.12
CA TYR B 374 18.76 -11.11 9.45
C TYR B 374 17.77 -12.27 9.43
N ARG B 375 16.72 -12.19 8.60
CA ARG B 375 15.66 -13.20 8.67
C ARG B 375 16.13 -14.59 8.28
N ARG B 376 17.00 -14.71 7.28
CA ARG B 376 17.48 -16.04 6.94
C ARG B 376 18.98 -16.27 7.04
N GLY B 377 19.67 -15.28 7.60
CA GLY B 377 21.07 -15.46 7.92
C GLY B 377 21.95 -15.53 6.69
N TRP B 378 21.57 -14.84 5.63
CA TRP B 378 22.37 -14.84 4.42
C TRP B 378 23.29 -13.62 4.35
N HIS B 379 24.58 -13.85 4.49
CA HIS B 379 25.57 -12.80 4.31
C HIS B 379 25.90 -12.74 2.82
N PRO B 380 26.03 -11.53 2.24
CA PRO B 380 26.24 -11.47 0.79
C PRO B 380 27.57 -12.05 0.33
N GLU B 381 28.52 -12.21 1.24
CA GLU B 381 29.89 -12.53 0.87
C GLU B 381 30.42 -13.80 1.52
N LYS B 382 29.60 -14.47 2.31
CA LYS B 382 30.07 -15.63 3.06
C LYS B 382 29.09 -16.75 2.86
N PHE B 383 29.61 -17.92 2.53
CA PHE B 383 28.77 -19.06 2.17
C PHE B 383 29.24 -20.27 2.95
N ARG B 384 28.27 -21.02 3.48
CA ARG B 384 28.54 -22.31 4.10
C ARG B 384 29.10 -23.29 3.06
N GLN B 385 30.27 -23.86 3.34
CA GLN B 385 30.91 -24.80 2.41
C GLN B 385 30.36 -26.20 2.59
N THR B 386 30.12 -26.90 1.48
CA THR B 386 29.61 -28.25 1.54
C THR B 386 30.63 -29.25 2.06
N LYS B 387 30.13 -30.28 2.73
CA LYS B 387 30.95 -31.35 3.27
C LYS B 387 31.06 -32.51 2.28
N ASN B 388 30.16 -32.54 1.31
CA ASN B 388 30.11 -33.65 0.36
C ASN B 388 30.62 -33.22 -1.01
N LYS B 389 30.63 -34.17 -1.94
CA LYS B 389 31.15 -33.92 -3.28
C LYS B 389 30.04 -33.94 -4.32
N ASP B 390 28.84 -33.48 -3.94
CA ASP B 390 27.68 -33.60 -4.81
C ASP B 390 27.86 -32.74 -6.04
N SER B 391 27.35 -33.25 -7.16
CA SER B 391 27.44 -32.60 -8.45
C SER B 391 26.02 -32.16 -8.81
N VAL B 392 25.90 -30.93 -9.29
CA VAL B 392 24.59 -30.38 -9.59
C VAL B 392 24.57 -29.96 -11.05
N LEU B 393 23.58 -30.46 -11.80
CA LEU B 393 23.38 -30.02 -13.18
C LEU B 393 22.31 -28.93 -13.16
N ILE B 394 22.58 -27.82 -13.83
CA ILE B 394 21.64 -26.70 -13.88
C ILE B 394 21.37 -26.40 -15.33
N VAL B 395 20.11 -26.52 -15.74
CA VAL B 395 19.77 -26.24 -17.13
C VAL B 395 18.96 -24.94 -17.24
N GLY B 396 19.57 -23.98 -17.93
CA GLY B 396 19.10 -22.62 -17.91
C GLY B 396 20.15 -21.72 -17.28
N ALA B 397 20.64 -20.75 -18.06
CA ALA B 397 21.64 -19.80 -17.57
C ALA B 397 21.06 -18.38 -17.51
N GLY B 398 19.77 -18.26 -17.18
CA GLY B 398 19.17 -16.95 -17.01
C GLY B 398 19.42 -16.41 -15.61
N PRO B 399 18.68 -15.36 -15.20
CA PRO B 399 18.87 -14.79 -13.85
C PRO B 399 18.83 -15.82 -12.71
N SER B 400 17.96 -16.82 -12.82
CA SER B 400 17.83 -17.82 -11.76
C SER B 400 18.89 -18.95 -11.81
N GLY B 401 19.10 -19.52 -12.99
CA GLY B 401 20.08 -20.59 -13.13
C GLY B 401 21.50 -20.12 -12.88
N SER B 402 21.84 -18.93 -13.38
CA SER B 402 23.19 -18.41 -13.22
C SER B 402 23.48 -18.01 -11.79
N GLU B 403 22.44 -17.62 -11.04
CA GLU B 403 22.63 -17.29 -9.65
C GLU B 403 22.76 -18.56 -8.82
N ALA B 404 21.98 -19.59 -9.15
CA ALA B 404 22.11 -20.89 -8.49
C ALA B 404 23.51 -21.47 -8.71
N ALA B 405 24.00 -21.40 -9.95
CA ALA B 405 25.36 -21.85 -10.25
C ALA B 405 26.39 -21.08 -9.44
N ARG B 406 26.31 -19.74 -9.47
CA ARG B 406 27.25 -18.88 -8.75
C ARG B 406 27.35 -19.21 -7.26
N VAL B 407 26.20 -19.32 -6.59
CA VAL B 407 26.20 -19.57 -5.16
C VAL B 407 26.63 -21.00 -4.83
N LEU B 408 26.24 -21.94 -5.70
CA LEU B 408 26.63 -23.34 -5.53
C LEU B 408 28.14 -23.49 -5.65
N MET B 409 28.72 -22.86 -6.67
CA MET B 409 30.15 -22.87 -6.87
C MET B 409 30.91 -22.21 -5.71
N GLU B 410 30.35 -21.12 -5.19
CA GLU B 410 30.93 -20.48 -4.01
C GLU B 410 30.92 -21.39 -2.79
N SER B 411 29.93 -22.25 -2.73
CA SER B 411 29.79 -23.16 -1.60
C SER B 411 30.60 -24.45 -1.76
N GLY B 412 31.29 -24.57 -2.89
CA GLY B 412 32.21 -25.69 -3.09
C GLY B 412 31.65 -26.91 -3.82
N TYR B 413 30.47 -26.80 -4.43
CA TYR B 413 29.91 -27.90 -5.19
C TYR B 413 30.51 -27.96 -6.59
N THR B 414 30.42 -29.12 -7.23
CA THR B 414 30.75 -29.24 -8.64
C THR B 414 29.46 -28.94 -9.39
N VAL B 415 29.48 -27.96 -10.28
CA VAL B 415 28.25 -27.66 -11.00
C VAL B 415 28.47 -27.65 -12.50
N HIS B 416 27.49 -28.18 -13.23
CA HIS B 416 27.48 -28.12 -14.69
C HIS B 416 26.33 -27.22 -15.11
N LEU B 417 26.65 -26.04 -15.62
CA LEU B 417 25.61 -25.13 -16.08
C LEU B 417 25.53 -25.22 -17.59
N THR B 418 24.33 -25.36 -18.11
CA THR B 418 24.15 -25.50 -19.55
C THR B 418 22.93 -24.74 -20.07
N ASP B 419 23.02 -24.28 -21.32
CA ASP B 419 21.94 -23.55 -21.96
C ASP B 419 22.11 -23.81 -23.44
N THR B 420 21.04 -23.68 -24.20
CA THR B 420 21.13 -23.64 -25.65
C THR B 420 21.63 -22.29 -26.14
N ALA B 421 21.42 -21.25 -25.32
CA ALA B 421 21.90 -19.92 -25.64
C ALA B 421 23.42 -19.87 -25.71
N GLU B 422 23.92 -18.97 -26.54
CA GLU B 422 25.35 -18.72 -26.65
C GLU B 422 25.90 -18.02 -25.41
N LYS B 423 25.11 -17.15 -24.83
CA LYS B 423 25.55 -16.38 -23.66
C LYS B 423 24.74 -16.68 -22.41
N ILE B 424 25.39 -16.55 -21.26
CA ILE B 424 24.71 -16.45 -19.97
C ILE B 424 23.79 -15.23 -19.95
N GLY B 425 22.64 -15.39 -19.28
CA GLY B 425 21.77 -14.25 -18.99
C GLY B 425 20.33 -14.46 -19.37
N GLY B 426 20.04 -15.51 -20.12
CA GLY B 426 18.66 -15.85 -20.46
C GLY B 426 17.89 -14.71 -21.12
N HIS B 427 16.66 -14.47 -20.66
CA HIS B 427 15.79 -13.47 -21.24
C HIS B 427 16.29 -12.05 -21.00
N LEU B 428 17.15 -11.87 -20.00
CA LEU B 428 17.70 -10.56 -19.69
C LEU B 428 18.55 -10.01 -20.85
N ASN B 429 19.04 -10.90 -21.70
CA ASN B 429 19.81 -10.49 -22.86
C ASN B 429 18.94 -9.79 -23.90
N GLN B 430 17.67 -10.16 -24.01
CA GLN B 430 16.73 -9.46 -24.88
C GLN B 430 16.24 -8.16 -24.22
N VAL B 431 15.91 -8.26 -22.94
CA VAL B 431 15.40 -7.14 -22.18
C VAL B 431 16.38 -5.96 -22.16
N ALA B 432 17.65 -6.25 -21.93
CA ALA B 432 18.67 -5.21 -21.90
C ALA B 432 18.86 -4.49 -23.23
N ALA B 433 18.21 -4.97 -24.27
CA ALA B 433 18.34 -4.36 -25.59
C ALA B 433 17.13 -3.49 -25.94
N LEU B 434 16.14 -3.47 -25.04
CA LEU B 434 15.04 -2.53 -25.13
C LEU B 434 15.62 -1.13 -24.93
N PRO B 435 14.97 -0.09 -25.51
CA PRO B 435 15.51 1.27 -25.39
C PRO B 435 15.66 1.77 -23.94
N GLY B 436 16.90 2.01 -23.55
CA GLY B 436 17.16 2.59 -22.24
C GLY B 436 17.60 1.59 -21.19
N LEU B 437 17.46 0.30 -21.49
CA LEU B 437 17.68 -0.73 -20.48
C LEU B 437 19.03 -1.41 -20.56
N GLY B 438 19.98 -0.75 -21.22
CA GLY B 438 21.31 -1.31 -21.45
C GLY B 438 22.09 -1.67 -20.19
N GLU B 439 21.83 -0.98 -19.09
CA GLU B 439 22.60 -1.22 -17.88
C GLU B 439 22.08 -2.41 -17.10
N TRP B 440 20.92 -2.94 -17.50
CA TRP B 440 20.39 -4.14 -16.88
C TRP B 440 21.26 -5.36 -17.22
N SER B 441 22.12 -5.17 -18.22
CA SER B 441 23.18 -6.13 -18.57
C SER B 441 24.09 -6.50 -17.41
N TYR B 442 24.33 -5.54 -16.51
CA TYR B 442 25.28 -5.76 -15.42
C TYR B 442 24.89 -6.98 -14.58
N HIS B 443 23.62 -7.34 -14.62
CA HIS B 443 23.17 -8.52 -13.91
C HIS B 443 23.83 -9.77 -14.48
N ARG B 444 23.86 -9.90 -15.80
CA ARG B 444 24.45 -11.08 -16.43
C ARG B 444 25.95 -10.93 -16.69
N ASP B 445 26.42 -9.69 -16.82
CA ASP B 445 27.84 -9.41 -16.86
C ASP B 445 28.48 -9.89 -15.56
N TYR B 446 27.91 -9.48 -14.44
CA TYR B 446 28.41 -9.91 -13.14
C TYR B 446 28.46 -11.43 -13.07
N ARG B 447 27.35 -12.08 -13.38
CA ARG B 447 27.28 -13.51 -13.19
C ARG B 447 28.14 -14.28 -14.18
N GLU B 448 28.36 -13.70 -15.35
CA GLU B 448 29.31 -14.26 -16.32
C GLU B 448 30.74 -14.18 -15.78
N THR B 449 31.12 -13.02 -15.29
CA THR B 449 32.45 -12.81 -14.74
C THR B 449 32.73 -13.71 -13.53
N GLN B 450 31.74 -13.88 -12.66
CA GLN B 450 31.95 -14.67 -11.45
C GLN B 450 32.02 -16.15 -11.76
N ILE B 451 31.18 -16.63 -12.67
CA ILE B 451 31.17 -18.05 -13.00
C ILE B 451 32.49 -18.45 -13.68
N THR B 452 32.89 -17.67 -14.67
CA THR B 452 34.19 -17.83 -15.30
C THR B 452 35.30 -17.87 -14.27
N LYS B 453 35.19 -17.04 -13.25
CA LYS B 453 36.17 -17.01 -12.18
C LYS B 453 36.10 -18.28 -11.34
N LEU B 454 34.90 -18.70 -11.00
CA LEU B 454 34.70 -19.84 -10.10
C LEU B 454 35.07 -21.16 -10.78
N LEU B 455 34.94 -21.22 -12.09
CA LEU B 455 35.25 -22.43 -12.84
C LEU B 455 36.71 -22.86 -12.62
N LYS B 456 37.58 -21.88 -12.45
CA LYS B 456 38.99 -22.16 -12.23
C LYS B 456 39.25 -22.73 -10.84
N LYS B 457 38.31 -22.53 -9.93
CA LYS B 457 38.46 -23.02 -8.56
C LYS B 457 38.19 -24.52 -8.49
N ASN B 458 37.45 -25.03 -9.46
CA ASN B 458 37.08 -26.43 -9.48
C ASN B 458 37.09 -26.96 -10.90
N LYS B 459 37.99 -27.92 -11.14
CA LYS B 459 38.21 -28.50 -12.45
C LYS B 459 37.02 -29.31 -13.00
N GLU B 460 36.16 -29.80 -12.11
CA GLU B 460 35.08 -30.68 -12.53
C GLU B 460 33.81 -29.92 -12.93
N SER B 461 33.68 -28.71 -12.42
CA SER B 461 32.59 -27.83 -12.81
C SER B 461 32.74 -27.44 -14.27
N GLN B 462 31.65 -27.01 -14.87
CA GLN B 462 31.58 -26.92 -16.31
C GLN B 462 30.47 -26.00 -16.76
N LEU B 463 30.78 -25.14 -17.72
CA LEU B 463 29.81 -24.27 -18.35
C LEU B 463 29.69 -24.73 -19.80
N ALA B 464 28.48 -25.08 -20.24
CA ALA B 464 28.28 -25.55 -21.60
C ALA B 464 27.18 -24.75 -22.29
N LEU B 465 27.58 -23.81 -23.14
CA LEU B 465 26.61 -22.96 -23.82
C LEU B 465 26.59 -23.28 -25.31
N GLY B 466 25.52 -22.87 -25.98
CA GLY B 466 25.38 -23.13 -27.40
C GLY B 466 25.02 -24.58 -27.68
N GLN B 467 24.51 -25.27 -26.67
CA GLN B 467 24.26 -26.70 -26.74
C GLN B 467 22.91 -27.03 -27.36
N LYS B 468 22.71 -28.30 -27.65
CA LYS B 468 21.38 -28.83 -27.98
C LYS B 468 20.51 -28.69 -26.74
N PRO B 469 19.20 -28.45 -26.91
CA PRO B 469 18.34 -28.43 -25.73
C PRO B 469 18.45 -29.72 -24.96
N MET B 470 18.47 -29.62 -23.64
CA MET B 470 18.43 -30.82 -22.82
C MET B 470 17.08 -31.50 -22.98
N THR B 471 17.12 -32.81 -22.84
CA THR B 471 15.98 -33.68 -23.05
C THR B 471 15.86 -34.46 -21.75
N ALA B 472 14.69 -35.04 -21.48
CA ALA B 472 14.50 -35.80 -20.24
C ALA B 472 15.52 -36.94 -20.11
N ASP B 473 15.82 -37.59 -21.22
CA ASP B 473 16.82 -38.65 -21.25
C ASP B 473 18.21 -38.10 -20.95
N ASP B 474 18.53 -36.95 -21.53
CA ASP B 474 19.83 -36.30 -21.27
C ASP B 474 20.07 -36.05 -19.79
N VAL B 475 19.05 -35.51 -19.12
CA VAL B 475 19.15 -35.21 -17.70
C VAL B 475 19.33 -36.48 -16.90
N LEU B 476 18.51 -37.48 -17.21
CA LEU B 476 18.48 -38.74 -16.48
C LEU B 476 19.82 -39.45 -16.53
N GLN B 477 20.52 -39.31 -17.65
CA GLN B 477 21.74 -40.05 -17.90
C GLN B 477 22.97 -39.19 -17.69
N TYR B 478 22.76 -37.91 -17.36
CA TYR B 478 23.88 -36.97 -17.27
C TYR B 478 24.88 -37.36 -16.19
N GLY B 479 24.40 -37.82 -15.04
CA GLY B 479 25.30 -38.25 -14.00
C GLY B 479 25.45 -37.27 -12.84
N ALA B 480 24.60 -36.24 -12.83
CA ALA B 480 24.58 -35.32 -11.70
C ALA B 480 23.77 -35.93 -10.57
N ASP B 481 24.13 -35.61 -9.34
CA ASP B 481 23.41 -36.09 -8.18
C ASP B 481 22.10 -35.35 -7.99
N LYS B 482 22.11 -34.05 -8.23
CA LYS B 482 20.93 -33.20 -8.09
C LYS B 482 20.83 -32.34 -9.32
N VAL B 483 19.60 -32.05 -9.73
CA VAL B 483 19.32 -31.32 -10.96
C VAL B 483 18.39 -30.14 -10.67
N ILE B 484 18.68 -28.99 -11.28
CA ILE B 484 17.86 -27.80 -11.10
C ILE B 484 17.39 -27.34 -12.46
N ILE B 485 16.07 -27.34 -12.66
CA ILE B 485 15.46 -26.89 -13.90
C ILE B 485 15.19 -25.39 -13.79
N ALA B 486 15.82 -24.62 -14.68
CA ALA B 486 15.68 -23.17 -14.66
C ALA B 486 15.47 -22.68 -16.09
N THR B 487 14.46 -23.25 -16.74
CA THR B 487 14.25 -23.06 -18.16
C THR B 487 13.35 -21.87 -18.56
N GLY B 488 13.00 -21.01 -17.60
CA GLY B 488 12.35 -19.74 -17.93
C GLY B 488 10.86 -19.74 -18.25
N ALA B 489 10.42 -18.62 -18.83
CA ALA B 489 9.04 -18.44 -19.25
C ALA B 489 9.08 -17.80 -20.65
N ARG B 490 7.95 -17.82 -21.34
CA ARG B 490 7.83 -17.09 -22.60
C ARG B 490 6.52 -16.34 -22.59
N TRP B 491 6.42 -15.31 -23.43
CA TRP B 491 5.19 -14.56 -23.58
C TRP B 491 4.15 -15.38 -24.33
N ASN B 492 2.91 -15.20 -23.94
CA ASN B 492 1.82 -16.01 -24.43
C ASN B 492 1.60 -15.71 -25.90
N THR B 493 1.22 -16.73 -26.66
CA THR B 493 1.10 -16.61 -28.11
C THR B 493 -0.36 -16.62 -28.54
N ASP B 494 -1.27 -16.86 -27.61
CA ASP B 494 -2.68 -17.09 -27.92
C ASP B 494 -3.62 -16.08 -27.25
N GLY B 495 -3.06 -15.00 -26.70
CA GLY B 495 -3.88 -14.00 -26.05
C GLY B 495 -4.26 -14.28 -24.61
N THR B 496 -3.80 -15.38 -24.02
CA THR B 496 -4.12 -15.70 -22.62
C THR B 496 -3.67 -14.55 -21.74
N ASN B 497 -4.53 -14.17 -20.81
CA ASN B 497 -4.37 -12.93 -20.06
C ASN B 497 -5.00 -13.06 -18.67
N CYS B 498 -4.56 -12.21 -17.74
CA CYS B 498 -5.05 -12.24 -16.36
C CYS B 498 -6.54 -11.92 -16.23
N LEU B 499 -7.13 -11.26 -17.22
CA LEU B 499 -8.51 -10.82 -17.12
C LEU B 499 -9.46 -12.00 -17.30
N THR B 500 -9.25 -12.79 -18.36
CA THR B 500 -10.15 -13.89 -18.67
C THR B 500 -9.56 -15.24 -18.28
N HIS B 501 -8.24 -15.31 -18.18
CA HIS B 501 -7.50 -16.56 -17.99
C HIS B 501 -7.63 -17.51 -19.17
N ASP B 502 -8.17 -17.03 -20.27
CA ASP B 502 -8.40 -17.86 -21.46
C ASP B 502 -7.74 -17.23 -22.68
N PRO B 503 -7.54 -18.02 -23.75
CA PRO B 503 -7.10 -17.46 -25.03
C PRO B 503 -8.13 -16.49 -25.61
N ILE B 504 -7.65 -15.59 -26.46
CA ILE B 504 -8.51 -14.71 -27.21
C ILE B 504 -8.70 -15.34 -28.58
N PRO B 505 -9.97 -15.53 -29.00
CA PRO B 505 -10.26 -16.08 -30.33
C PRO B 505 -9.56 -15.30 -31.44
N GLY B 506 -8.77 -16.02 -32.24
CA GLY B 506 -8.06 -15.41 -33.35
C GLY B 506 -6.65 -14.99 -33.00
N ALA B 507 -6.26 -15.13 -31.74
CA ALA B 507 -4.89 -14.78 -31.33
C ALA B 507 -3.99 -15.95 -31.68
N ASP B 508 -2.98 -15.68 -32.51
CA ASP B 508 -2.01 -16.70 -32.93
C ASP B 508 -0.77 -15.97 -33.44
N ALA B 509 0.27 -15.92 -32.62
CA ALA B 509 1.48 -15.20 -33.00
C ALA B 509 2.28 -15.89 -34.11
N SER B 510 1.73 -16.95 -34.69
CA SER B 510 2.35 -17.55 -35.88
C SER B 510 1.83 -16.92 -37.17
N LEU B 511 0.76 -16.13 -37.06
CA LEU B 511 0.19 -15.42 -38.19
C LEU B 511 1.08 -14.25 -38.53
N PRO B 512 1.05 -13.81 -39.80
CA PRO B 512 2.06 -12.86 -40.25
C PRO B 512 1.88 -11.44 -39.68
N ASP B 513 0.68 -11.19 -39.14
CA ASP B 513 0.37 -9.88 -38.59
C ASP B 513 0.28 -9.83 -37.06
N GLN B 514 0.76 -10.87 -36.37
CA GLN B 514 0.76 -10.88 -34.92
C GLN B 514 2.16 -11.24 -34.44
N LEU B 515 2.66 -10.50 -33.45
CA LEU B 515 4.01 -10.67 -32.95
C LEU B 515 3.96 -10.88 -31.43
N THR B 516 4.95 -11.54 -30.88
CA THR B 516 5.14 -11.52 -29.43
C THR B 516 6.32 -10.59 -29.16
N PRO B 517 6.59 -10.32 -27.87
CA PRO B 517 7.77 -9.52 -27.51
C PRO B 517 9.09 -10.11 -28.03
N GLU B 518 9.17 -11.43 -28.06
CA GLU B 518 10.39 -12.09 -28.49
C GLU B 518 10.59 -11.89 -29.97
N GLN B 519 9.52 -11.99 -30.75
CA GLN B 519 9.61 -11.82 -32.19
C GLN B 519 9.97 -10.39 -32.59
N VAL B 520 9.42 -9.42 -31.87
CA VAL B 520 9.80 -8.02 -32.07
C VAL B 520 11.28 -7.84 -31.74
N MET B 521 11.72 -8.41 -30.64
CA MET B 521 13.08 -8.19 -30.17
C MET B 521 14.12 -8.92 -31.04
N ASP B 522 13.72 -10.06 -31.60
CA ASP B 522 14.58 -10.77 -32.55
C ASP B 522 14.73 -9.98 -33.83
N GLY B 523 13.66 -9.30 -34.19
CA GLY B 523 13.71 -8.39 -35.32
C GLY B 523 13.76 -9.09 -36.67
N LYS B 524 13.41 -10.37 -36.71
CA LYS B 524 13.37 -11.07 -37.99
C LYS B 524 12.04 -10.88 -38.71
N LYS B 525 10.94 -11.02 -37.97
CA LYS B 525 9.59 -10.89 -38.51
C LYS B 525 9.26 -9.44 -38.88
N LYS B 526 8.55 -9.25 -39.99
CA LYS B 526 8.25 -7.92 -40.51
C LYS B 526 7.13 -7.27 -39.71
N ILE B 527 7.27 -5.98 -39.41
CA ILE B 527 6.21 -5.26 -38.70
C ILE B 527 5.68 -4.16 -39.62
N GLY B 528 4.36 -4.05 -39.74
CA GLY B 528 3.76 -3.05 -40.60
C GLY B 528 3.76 -1.66 -40.00
N LYS B 529 3.21 -0.69 -40.74
CA LYS B 529 3.18 0.70 -40.31
C LYS B 529 2.42 0.90 -39.00
N ARG B 530 1.14 0.57 -39.03
CA ARG B 530 0.26 0.73 -37.88
C ARG B 530 0.40 -0.46 -36.98
N VAL B 531 0.83 -0.21 -35.76
CA VAL B 531 1.03 -1.25 -34.76
C VAL B 531 0.05 -1.04 -33.60
N VAL B 532 -0.71 -2.07 -33.24
CA VAL B 532 -1.46 -2.06 -32.00
C VAL B 532 -0.79 -3.02 -31.03
N ILE B 533 -0.54 -2.56 -29.81
CA ILE B 533 0.01 -3.41 -28.76
C ILE B 533 -1.14 -3.69 -27.80
N LEU B 534 -1.52 -4.96 -27.68
CA LEU B 534 -2.58 -5.34 -26.77
C LEU B 534 -1.95 -5.73 -25.44
N ASN B 535 -2.29 -5.00 -24.39
CA ASN B 535 -1.58 -5.10 -23.14
C ASN B 535 -2.45 -5.59 -21.99
N ALA B 536 -1.94 -6.54 -21.22
CA ALA B 536 -2.56 -6.95 -19.97
C ALA B 536 -1.52 -7.14 -18.86
N ASP B 537 -0.39 -6.45 -18.99
CA ASP B 537 0.71 -6.53 -18.03
C ASP B 537 1.02 -5.11 -17.55
N THR B 538 1.33 -4.96 -16.26
CA THR B 538 1.42 -3.63 -15.64
C THR B 538 2.84 -3.11 -15.39
N TYR B 539 3.84 -3.67 -16.07
CA TYR B 539 5.22 -3.26 -15.86
C TYR B 539 5.78 -2.68 -17.17
N PHE B 540 6.98 -3.11 -17.58
CA PHE B 540 7.73 -2.37 -18.59
C PHE B 540 7.59 -2.83 -20.05
N MET B 541 7.05 -4.02 -20.29
CA MET B 541 7.18 -4.57 -21.63
C MET B 541 6.44 -3.77 -22.67
N ALA B 542 5.17 -3.45 -22.41
CA ALA B 542 4.37 -2.69 -23.36
C ALA B 542 4.88 -1.27 -23.63
N PRO B 543 5.17 -0.49 -22.57
CA PRO B 543 5.67 0.86 -22.89
C PRO B 543 7.04 0.87 -23.60
N SER B 544 7.91 -0.07 -23.23
CA SER B 544 9.23 -0.15 -23.84
C SER B 544 9.17 -0.57 -25.30
N LEU B 545 8.32 -1.53 -25.59
CA LEU B 545 8.07 -1.97 -26.97
C LEU B 545 7.46 -0.83 -27.78
N ALA B 546 6.51 -0.11 -27.18
CA ALA B 546 5.92 1.06 -27.82
C ALA B 546 6.99 2.11 -28.14
N GLU B 547 7.91 2.33 -27.21
CA GLU B 547 8.96 3.29 -27.46
C GLU B 547 9.82 2.85 -28.62
N LYS B 548 10.28 1.60 -28.58
CA LYS B 548 11.09 1.01 -29.65
C LYS B 548 10.46 1.15 -31.04
N LEU B 549 9.20 0.78 -31.17
CA LEU B 549 8.53 0.80 -32.47
C LEU B 549 8.24 2.22 -32.96
N ALA B 550 7.86 3.11 -32.05
CA ALA B 550 7.52 4.48 -32.43
C ALA B 550 8.76 5.17 -32.95
N THR B 551 9.91 4.94 -32.32
CA THR B 551 11.14 5.58 -32.76
C THR B 551 11.56 5.07 -34.13
N ALA B 552 11.10 3.88 -34.48
CA ALA B 552 11.42 3.28 -35.77
C ALA B 552 10.40 3.68 -36.84
N GLY B 553 9.57 4.67 -36.53
CA GLY B 553 8.64 5.18 -37.50
C GLY B 553 7.29 4.46 -37.58
N HIS B 554 6.97 3.64 -36.60
CA HIS B 554 5.66 3.02 -36.58
C HIS B 554 4.66 3.92 -35.90
N GLU B 555 3.39 3.78 -36.30
CA GLU B 555 2.27 4.39 -35.60
C GLU B 555 1.84 3.40 -34.54
N VAL B 556 1.92 3.80 -33.27
CA VAL B 556 1.67 2.88 -32.16
C VAL B 556 0.45 3.28 -31.32
N THR B 557 -0.47 2.34 -31.16
CA THR B 557 -1.58 2.47 -30.22
C THR B 557 -1.47 1.34 -29.22
N ILE B 558 -1.52 1.67 -27.93
CA ILE B 558 -1.59 0.66 -26.89
C ILE B 558 -3.00 0.55 -26.37
N VAL B 559 -3.67 -0.58 -26.60
CA VAL B 559 -4.93 -0.81 -25.91
C VAL B 559 -4.69 -1.72 -24.73
N SER B 560 -5.12 -1.25 -23.56
CA SER B 560 -4.62 -1.75 -22.30
C SER B 560 -5.80 -2.05 -21.37
N GLY B 561 -5.96 -3.32 -21.02
CA GLY B 561 -7.03 -3.71 -20.13
C GLY B 561 -6.62 -3.61 -18.67
N VAL B 562 -5.38 -3.19 -18.43
CA VAL B 562 -4.90 -2.92 -17.09
C VAL B 562 -4.35 -1.51 -17.09
N HIS B 563 -4.03 -1.00 -15.91
CA HIS B 563 -3.43 0.31 -15.79
C HIS B 563 -2.02 0.29 -16.36
N LEU B 564 -1.85 0.91 -17.54
CA LEU B 564 -0.57 0.88 -18.24
C LEU B 564 0.57 1.38 -17.35
N ALA B 565 1.63 0.58 -17.28
CA ALA B 565 2.88 0.93 -16.60
C ALA B 565 2.63 1.25 -15.14
N ASN B 566 1.63 0.60 -14.56
CA ASN B 566 1.29 0.85 -13.17
C ASN B 566 2.47 0.66 -12.24
N TYR B 567 3.24 -0.41 -12.47
CA TYR B 567 4.32 -0.77 -11.55
C TYR B 567 5.45 0.25 -11.66
N MET B 568 5.45 1.01 -12.75
CA MET B 568 6.49 2.02 -12.94
C MET B 568 6.21 3.25 -12.10
N HIS B 569 5.04 3.33 -11.49
CA HIS B 569 4.79 4.32 -10.46
C HIS B 569 5.76 4.09 -9.32
N PHE B 570 5.96 2.82 -8.98
CA PHE B 570 6.71 2.44 -7.78
C PHE B 570 8.21 2.46 -8.02
N THR B 571 8.61 2.25 -9.27
CA THR B 571 10.03 2.30 -9.62
C THR B 571 10.44 3.73 -10.00
N LEU B 572 9.48 4.65 -9.99
CA LEU B 572 9.72 6.08 -10.25
C LEU B 572 10.00 6.41 -11.72
N GLU B 573 9.66 5.49 -12.63
CA GLU B 573 9.98 5.66 -14.04
C GLU B 573 8.81 6.29 -14.78
N TYR B 574 7.63 6.21 -14.18
CA TYR B 574 6.37 6.54 -14.84
C TYR B 574 6.27 7.95 -15.43
N PRO B 575 6.60 9.00 -14.65
CA PRO B 575 6.52 10.36 -15.21
C PRO B 575 7.27 10.51 -16.51
N ASN B 576 8.54 10.13 -16.52
CA ASN B 576 9.37 10.34 -17.70
C ASN B 576 9.05 9.33 -18.81
N MET B 577 8.57 8.16 -18.44
CA MET B 577 8.03 7.21 -19.41
C MET B 577 6.80 7.77 -20.13
N MET B 578 5.89 8.41 -19.39
CA MET B 578 4.69 8.96 -20.00
C MET B 578 5.01 10.17 -20.87
N ARG B 579 5.97 10.97 -20.45
CA ARG B 579 6.43 12.08 -21.28
C ARG B 579 7.07 11.59 -22.57
N ARG B 580 7.81 10.47 -22.46
CA ARG B 580 8.49 9.90 -23.62
C ARG B 580 7.49 9.35 -24.62
N LEU B 581 6.52 8.60 -24.14
CA LEU B 581 5.48 8.06 -25.03
C LEU B 581 4.69 9.20 -25.69
N HIS B 582 4.54 10.29 -24.95
CA HIS B 582 3.77 11.43 -25.41
C HIS B 582 4.48 12.17 -26.55
N GLU B 583 5.78 12.39 -26.40
CA GLU B 583 6.51 13.06 -27.45
C GLU B 583 6.72 12.18 -28.68
N LEU B 584 6.53 10.88 -28.51
CA LEU B 584 6.58 9.92 -29.61
C LEU B 584 5.21 9.69 -30.20
N HIS B 585 4.22 10.44 -29.72
CA HIS B 585 2.87 10.38 -30.28
C HIS B 585 2.29 8.98 -30.23
N VAL B 586 2.54 8.27 -29.13
CA VAL B 586 1.91 6.98 -28.90
C VAL B 586 0.50 7.20 -28.33
N GLU B 587 -0.49 6.60 -28.96
CA GLU B 587 -1.86 6.69 -28.51
C GLU B 587 -2.14 5.59 -27.50
N GLU B 588 -2.73 5.95 -26.36
CA GLU B 588 -3.04 4.97 -25.33
C GLU B 588 -4.55 4.87 -25.20
N LEU B 589 -5.07 3.65 -25.28
CA LEU B 589 -6.49 3.41 -25.14
C LEU B 589 -6.70 2.51 -23.92
N GLY B 590 -6.75 3.12 -22.75
CA GLY B 590 -6.91 2.38 -21.52
C GLY B 590 -8.35 1.99 -21.28
N ASP B 591 -8.56 1.09 -20.32
CA ASP B 591 -9.89 0.62 -19.95
C ASP B 591 -10.60 -0.10 -21.09
N HIS B 592 -9.82 -0.75 -21.94
CA HIS B 592 -10.34 -1.52 -23.06
C HIS B 592 -9.59 -2.83 -23.15
N PHE B 593 -10.29 -3.89 -23.56
CA PHE B 593 -9.60 -5.13 -23.89
C PHE B 593 -10.17 -5.68 -25.19
N CYS B 594 -9.82 -6.92 -25.54
CA CYS B 594 -10.08 -7.46 -26.87
C CYS B 594 -10.86 -8.74 -26.76
N SER B 595 -12.00 -8.79 -27.43
CA SER B 595 -12.86 -9.96 -27.37
C SER B 595 -12.45 -10.97 -28.44
N ARG B 596 -11.92 -10.48 -29.56
CA ARG B 596 -11.53 -11.35 -30.64
C ARG B 596 -10.76 -10.64 -31.73
N ILE B 597 -9.92 -11.39 -32.44
CA ILE B 597 -9.03 -10.85 -33.44
C ILE B 597 -9.29 -11.52 -34.78
N GLU B 598 -9.13 -10.74 -35.84
CA GLU B 598 -9.24 -11.24 -37.21
C GLU B 598 -8.00 -10.75 -37.95
N PRO B 599 -7.79 -11.21 -39.19
CA PRO B 599 -6.70 -10.62 -39.96
C PRO B 599 -6.91 -9.12 -40.19
N GLY B 600 -5.95 -8.32 -39.73
CA GLY B 600 -5.99 -6.88 -39.96
C GLY B 600 -6.93 -6.06 -39.09
N ARG B 601 -7.64 -6.68 -38.15
CA ARG B 601 -8.61 -5.98 -37.30
C ARG B 601 -8.91 -6.77 -36.04
N MET B 602 -9.26 -6.06 -34.98
CA MET B 602 -9.56 -6.69 -33.69
C MET B 602 -10.74 -5.98 -33.08
N GLU B 603 -11.57 -6.74 -32.37
CA GLU B 603 -12.72 -6.19 -31.69
C GLU B 603 -12.33 -5.85 -30.26
N ILE B 604 -12.52 -4.59 -29.89
CA ILE B 604 -12.24 -4.15 -28.54
C ILE B 604 -13.51 -3.67 -27.84
N TYR B 605 -13.51 -3.75 -26.51
CA TYR B 605 -14.64 -3.31 -25.71
C TYR B 605 -14.14 -2.55 -24.49
N ASN B 606 -15.02 -1.70 -23.96
CA ASN B 606 -14.79 -0.97 -22.73
C ASN B 606 -15.01 -1.92 -21.57
N ILE B 607 -14.05 -2.00 -20.67
CA ILE B 607 -14.16 -2.95 -19.59
C ILE B 607 -15.22 -2.52 -18.56
N TRP B 608 -15.71 -1.29 -18.69
CA TRP B 608 -16.78 -0.79 -17.82
C TRP B 608 -18.10 -0.69 -18.56
N GLY B 609 -18.23 -1.46 -19.64
CA GLY B 609 -19.42 -1.35 -20.47
C GLY B 609 -20.63 -2.09 -19.97
N ASP B 610 -20.46 -2.99 -19.00
CA ASP B 610 -21.61 -3.70 -18.43
C ASP B 610 -22.47 -2.74 -17.63
N GLY B 611 -23.75 -3.05 -17.53
CA GLY B 611 -24.67 -2.23 -16.75
C GLY B 611 -24.20 -2.16 -15.32
N SER B 612 -24.46 -1.03 -14.65
CA SER B 612 -24.00 -0.84 -13.28
C SER B 612 -24.91 -1.51 -12.25
N LYS B 613 -26.17 -1.75 -12.61
CA LYS B 613 -27.12 -2.36 -11.69
C LYS B 613 -27.07 -3.87 -11.78
N ARG B 614 -26.97 -4.52 -10.64
CA ARG B 614 -26.94 -5.97 -10.57
C ARG B 614 -28.30 -6.48 -10.10
N THR B 615 -28.91 -7.35 -10.90
CA THR B 615 -30.18 -7.96 -10.54
C THR B 615 -30.17 -9.46 -10.87
N TYR B 616 -30.62 -10.27 -9.91
CA TYR B 616 -30.63 -11.70 -10.10
C TYR B 616 -31.66 -12.02 -11.16
N ARG B 617 -31.20 -12.51 -12.30
CA ARG B 617 -32.12 -12.88 -13.36
C ARG B 617 -32.13 -14.39 -13.53
N GLY B 618 -31.63 -15.11 -12.53
CA GLY B 618 -31.62 -16.56 -12.60
C GLY B 618 -30.41 -17.10 -13.35
N PRO B 619 -30.23 -18.44 -13.42
CA PRO B 619 -29.03 -19.04 -14.01
C PRO B 619 -29.04 -18.88 -15.53
N GLY B 620 -27.87 -18.76 -16.13
CA GLY B 620 -27.79 -18.68 -17.57
C GLY B 620 -27.76 -17.26 -18.08
N VAL B 621 -28.19 -16.33 -17.24
CA VAL B 621 -28.22 -14.93 -17.65
C VAL B 621 -27.49 -14.05 -16.66
N SER B 622 -26.65 -13.18 -17.23
CA SER B 622 -25.82 -12.25 -16.47
C SER B 622 -26.69 -11.31 -15.63
N PRO B 623 -26.23 -10.98 -14.41
CA PRO B 623 -27.03 -10.09 -13.58
C PRO B 623 -26.86 -8.60 -13.92
N ARG B 624 -26.12 -8.30 -14.99
CA ARG B 624 -25.93 -6.92 -15.43
C ARG B 624 -26.34 -6.84 -16.89
N ASP B 625 -26.81 -5.66 -17.32
CA ASP B 625 -27.04 -5.39 -18.73
C ASP B 625 -25.76 -5.64 -19.50
N ALA B 626 -25.91 -6.05 -20.75
CA ALA B 626 -24.78 -6.49 -21.58
C ALA B 626 -23.90 -5.34 -22.02
N ASN B 627 -22.61 -5.63 -22.11
CA ASN B 627 -21.65 -4.68 -22.63
C ASN B 627 -21.93 -4.54 -24.13
N THR B 628 -22.00 -3.28 -24.55
CA THR B 628 -22.46 -2.92 -25.88
C THR B 628 -21.41 -2.01 -26.59
N SER B 629 -20.23 -1.89 -25.99
CA SER B 629 -19.22 -0.93 -26.43
C SER B 629 -18.31 -1.45 -27.55
N HIS B 630 -18.58 -2.66 -28.01
CA HIS B 630 -17.65 -3.36 -28.91
C HIS B 630 -17.52 -2.61 -30.21
N ARG B 631 -16.28 -2.41 -30.66
CA ARG B 631 -16.04 -1.81 -31.95
C ARG B 631 -14.78 -2.46 -32.53
N TRP B 632 -14.65 -2.47 -33.85
CA TRP B 632 -13.46 -3.04 -34.49
C TRP B 632 -12.46 -1.94 -34.81
N ILE B 633 -11.19 -2.24 -34.57
CA ILE B 633 -10.13 -1.36 -35.02
C ILE B 633 -9.14 -2.14 -35.88
N GLU B 634 -8.51 -1.44 -36.80
CA GLU B 634 -7.62 -2.05 -37.78
C GLU B 634 -6.19 -1.91 -37.32
N PHE B 635 -5.34 -2.81 -37.81
CA PHE B 635 -3.90 -2.71 -37.60
C PHE B 635 -3.21 -3.35 -38.79
N ASP B 636 -1.94 -3.01 -38.96
CA ASP B 636 -1.10 -3.74 -39.90
C ASP B 636 -0.38 -4.85 -39.14
N SER B 637 0.06 -4.56 -37.92
CA SER B 637 0.56 -5.59 -37.04
C SER B 637 0.01 -5.42 -35.62
N LEU B 638 -0.17 -6.55 -34.94
CA LEU B 638 -0.64 -6.58 -33.57
C LEU B 638 0.46 -7.24 -32.74
N VAL B 639 1.00 -6.50 -31.77
CA VAL B 639 1.96 -7.07 -30.81
C VAL B 639 1.18 -7.54 -29.59
N LEU B 640 1.37 -8.79 -29.18
CA LEU B 640 0.64 -9.36 -28.06
C LEU B 640 1.50 -9.29 -26.80
N VAL B 641 1.02 -8.55 -25.79
CA VAL B 641 1.71 -8.46 -24.50
C VAL B 641 0.70 -8.78 -23.40
N THR B 642 0.18 -10.00 -23.40
CA THR B 642 -0.95 -10.35 -22.54
C THR B 642 -0.57 -11.13 -21.28
N GLY B 643 0.66 -11.62 -21.22
CA GLY B 643 1.05 -12.44 -20.08
C GLY B 643 2.14 -13.44 -20.44
N ARG B 644 2.68 -14.10 -19.42
CA ARG B 644 3.74 -15.07 -19.63
C ARG B 644 3.33 -16.41 -19.09
N HIS B 645 4.00 -17.47 -19.55
CA HIS B 645 3.75 -18.80 -19.04
C HIS B 645 5.08 -19.50 -18.80
N SER B 646 5.13 -20.32 -17.76
CA SER B 646 6.30 -21.11 -17.45
C SER B 646 6.61 -22.04 -18.60
N GLU B 647 7.90 -22.13 -18.94
CA GLU B 647 8.36 -23.16 -19.85
C GLU B 647 8.81 -24.34 -19.01
N CYS B 648 7.90 -25.26 -18.71
CA CYS B 648 8.24 -26.36 -17.82
C CYS B 648 7.97 -27.73 -18.42
N THR B 649 8.16 -27.85 -19.73
CA THR B 649 7.96 -29.11 -20.45
C THR B 649 8.97 -30.18 -20.00
N LEU B 650 10.25 -29.81 -19.94
CA LEU B 650 11.29 -30.69 -19.43
C LEU B 650 10.92 -31.14 -18.02
N TRP B 651 10.68 -30.18 -17.15
CA TRP B 651 10.27 -30.49 -15.77
C TRP B 651 9.16 -31.51 -15.75
N ASN B 652 8.11 -31.24 -16.51
CA ASN B 652 6.92 -32.09 -16.49
C ASN B 652 7.27 -33.52 -16.86
N GLU B 653 8.12 -33.68 -17.88
CA GLU B 653 8.53 -35.00 -18.33
C GLU B 653 9.32 -35.74 -17.26
N LEU B 654 10.27 -35.04 -16.66
CA LEU B 654 11.07 -35.63 -15.59
C LEU B 654 10.21 -36.06 -14.40
N LYS B 655 9.18 -35.28 -14.08
CA LYS B 655 8.30 -35.63 -12.96
C LYS B 655 7.42 -36.82 -13.32
N ALA B 656 7.07 -36.93 -14.60
CA ALA B 656 6.31 -38.06 -15.10
C ALA B 656 7.12 -39.35 -14.95
N ARG B 657 8.45 -39.22 -15.06
CA ARG B 657 9.34 -40.36 -15.02
C ARG B 657 10.14 -40.37 -13.72
N GLU B 658 9.50 -39.90 -12.65
CA GLU B 658 10.13 -39.83 -11.34
C GLU B 658 10.58 -41.20 -10.85
N SER B 659 9.89 -42.24 -11.32
CA SER B 659 10.22 -43.61 -10.90
C SER B 659 11.60 -44.03 -11.41
N GLU B 660 12.12 -43.28 -12.38
CA GLU B 660 13.41 -43.58 -12.99
C GLU B 660 14.56 -42.80 -12.37
N TRP B 661 14.27 -41.91 -11.42
CA TRP B 661 15.30 -41.05 -10.84
C TRP B 661 16.34 -41.86 -10.07
N ALA B 662 15.87 -42.74 -9.20
CA ALA B 662 16.74 -43.44 -8.26
C ALA B 662 17.69 -44.39 -8.98
N GLU B 663 17.20 -45.08 -10.00
CA GLU B 663 18.04 -46.01 -10.73
C GLU B 663 19.11 -45.26 -11.50
N ASN B 664 18.87 -43.99 -11.75
CA ASN B 664 19.88 -43.13 -12.37
C ASN B 664 20.64 -42.30 -11.33
N ASP B 665 20.45 -42.63 -10.06
CA ASP B 665 21.19 -42.00 -8.97
C ASP B 665 20.96 -40.50 -8.87
N ILE B 666 19.79 -40.07 -9.28
CA ILE B 666 19.44 -38.68 -9.16
C ILE B 666 18.72 -38.54 -7.83
N LYS B 667 19.36 -37.82 -6.91
CA LYS B 667 18.81 -37.59 -5.58
C LYS B 667 17.67 -36.57 -5.53
N GLY B 668 17.58 -35.67 -6.50
CA GLY B 668 16.54 -34.67 -6.48
C GLY B 668 16.56 -33.75 -7.68
N ILE B 669 15.38 -33.32 -8.10
CA ILE B 669 15.27 -32.36 -9.19
C ILE B 669 14.40 -31.21 -8.71
N TYR B 670 14.84 -29.98 -8.94
CA TYR B 670 14.16 -28.80 -8.41
C TYR B 670 13.81 -27.82 -9.51
N LEU B 671 12.68 -27.15 -9.37
CA LEU B 671 12.22 -26.18 -10.36
C LEU B 671 12.35 -24.77 -9.74
N ILE B 672 13.08 -23.88 -10.41
CA ILE B 672 13.30 -22.54 -9.90
C ILE B 672 12.93 -21.45 -10.91
N GLY B 673 12.80 -20.21 -10.42
CA GLY B 673 12.67 -19.05 -11.30
C GLY B 673 11.35 -18.99 -12.05
N ASP B 674 11.40 -18.46 -13.27
CA ASP B 674 10.21 -18.28 -14.09
C ASP B 674 9.57 -19.59 -14.53
N ALA B 675 10.37 -20.65 -14.57
CA ALA B 675 9.87 -21.97 -14.95
C ALA B 675 8.89 -22.48 -13.91
N GLU B 676 9.08 -22.06 -12.65
CA GLU B 676 8.13 -22.38 -11.60
C GLU B 676 6.91 -21.48 -11.69
N ALA B 677 7.15 -20.18 -11.75
CA ALA B 677 6.08 -19.21 -12.04
C ALA B 677 6.73 -17.91 -12.48
N PRO B 678 6.21 -17.28 -13.55
CA PRO B 678 6.78 -16.01 -14.02
C PRO B 678 6.86 -14.96 -12.91
N ARG B 679 8.00 -14.29 -12.82
CA ARG B 679 8.17 -13.31 -11.76
C ARG B 679 9.13 -12.19 -12.13
N LEU B 680 9.32 -11.25 -11.21
CA LEU B 680 10.27 -10.18 -11.43
C LEU B 680 11.67 -10.80 -11.50
N ILE B 681 12.56 -10.17 -12.25
CA ILE B 681 13.92 -10.63 -12.36
C ILE B 681 14.55 -10.77 -10.97
N ALA B 682 14.15 -9.90 -10.04
CA ALA B 682 14.72 -9.89 -8.69
C ALA B 682 14.37 -11.16 -7.96
N ASP B 683 13.15 -11.62 -8.15
CA ASP B 683 12.69 -12.81 -7.47
C ASP B 683 13.12 -14.09 -8.19
N ALA B 684 13.30 -14.02 -9.51
CA ALA B 684 13.89 -15.13 -10.24
C ALA B 684 15.31 -15.40 -9.70
N THR B 685 16.07 -14.32 -9.54
CA THR B 685 17.38 -14.36 -8.92
C THR B 685 17.39 -14.91 -7.50
N PHE B 686 16.38 -14.53 -6.73
CA PHE B 686 16.24 -15.00 -5.36
C PHE B 686 15.98 -16.51 -5.28
N THR B 687 15.16 -17.06 -6.19
CA THR B 687 14.83 -18.47 -6.10
C THR B 687 16.08 -19.32 -6.35
N GLY B 688 16.87 -18.92 -7.35
CA GLY B 688 18.15 -19.55 -7.58
C GLY B 688 19.10 -19.43 -6.40
N HIS B 689 19.17 -18.25 -5.81
CA HIS B 689 19.96 -18.05 -4.61
C HIS B 689 19.49 -18.98 -3.50
N ARG B 690 18.17 -19.15 -3.39
CA ARG B 690 17.63 -19.88 -2.26
C ARG B 690 17.83 -21.38 -2.36
N VAL B 691 17.57 -21.99 -3.52
CA VAL B 691 17.78 -23.44 -3.62
C VAL B 691 19.24 -23.75 -3.42
N ALA B 692 20.11 -22.89 -3.94
CA ALA B 692 21.55 -23.06 -3.75
C ALA B 692 21.89 -23.10 -2.25
N ARG B 693 21.36 -22.14 -1.48
CA ARG B 693 21.66 -22.07 -0.05
C ARG B 693 21.02 -23.22 0.71
N GLU B 694 19.95 -23.77 0.16
CA GLU B 694 19.17 -24.74 0.92
C GLU B 694 19.14 -26.09 0.23
N ILE B 695 20.16 -26.36 -0.58
CA ILE B 695 20.19 -27.59 -1.36
C ILE B 695 20.36 -28.85 -0.51
N GLU B 696 20.87 -28.69 0.71
CA GLU B 696 21.02 -29.83 1.60
C GLU B 696 19.84 -30.00 2.54
N GLU B 697 18.76 -29.25 2.30
CA GLU B 697 17.62 -29.30 3.20
C GLU B 697 16.70 -30.43 2.79
N ALA B 698 15.75 -30.77 3.67
CA ALA B 698 14.88 -31.92 3.43
C ALA B 698 14.12 -31.76 2.12
N ASN B 699 13.59 -30.55 1.89
CA ASN B 699 12.89 -30.26 0.65
C ASN B 699 13.31 -28.90 0.10
N PRO B 700 14.42 -28.85 -0.68
CA PRO B 700 14.92 -27.58 -1.23
C PRO B 700 13.92 -26.84 -2.11
N GLN B 701 12.83 -27.49 -2.50
CA GLN B 701 11.82 -26.85 -3.35
C GLN B 701 11.03 -25.78 -2.61
N ILE B 702 10.88 -25.96 -1.30
CA ILE B 702 10.12 -25.02 -0.48
C ILE B 702 11.06 -24.48 0.60
N ALA B 703 11.09 -23.15 0.72
CA ALA B 703 11.94 -22.47 1.70
C ALA B 703 11.71 -22.93 3.11
N ILE B 704 12.78 -22.92 3.90
CA ILE B 704 12.66 -23.09 5.34
C ILE B 704 12.31 -21.74 6.00
N PRO B 705 11.65 -21.77 7.19
CA PRO B 705 11.19 -20.55 7.86
C PRO B 705 12.29 -19.55 8.05
N TYR B 706 11.95 -18.26 7.95
CA TYR B 706 12.87 -17.21 8.34
C TYR B 706 12.46 -16.67 9.70
N LYS B 707 13.36 -15.96 10.36
CA LYS B 707 13.04 -15.28 11.61
C LYS B 707 12.01 -14.18 11.38
N ARG B 708 10.98 -14.13 12.23
CA ARG B 708 9.95 -13.10 12.15
C ARG B 708 10.14 -11.98 13.17
N GLU B 709 9.87 -10.75 12.74
CA GLU B 709 9.99 -9.61 13.62
C GLU B 709 8.64 -8.98 13.91
N THR B 710 7.82 -9.72 14.63
CA THR B 710 6.49 -9.31 15.05
C THR B 710 6.46 -9.31 16.58
N ILE B 711 5.64 -8.43 17.17
CA ILE B 711 5.55 -8.35 18.63
C ILE B 711 5.09 -9.68 19.25
N ALA B 712 5.59 -9.99 20.44
CA ALA B 712 5.11 -11.14 21.20
C ALA B 712 4.15 -10.64 22.27
N TRP B 713 2.90 -11.07 22.18
CA TRP B 713 1.89 -10.68 23.16
C TRP B 713 2.41 -10.93 24.56
N GLY B 714 2.41 -9.88 25.38
CA GLY B 714 2.92 -9.99 26.73
C GLY B 714 4.13 -9.11 26.93
N THR B 715 4.65 -8.59 25.84
CA THR B 715 5.86 -7.78 25.90
C THR B 715 5.54 -6.41 25.35
N PRO B 716 5.50 -5.40 26.23
CA PRO B 716 5.17 -4.03 25.82
C PRO B 716 6.33 -3.40 25.06
N HIS B 717 6.02 -2.60 24.04
CA HIS B 717 7.03 -1.89 23.29
C HIS B 717 7.67 -0.81 24.17
N MET B 718 6.83 -0.13 24.93
CA MET B 718 7.31 0.81 25.93
C MET B 718 7.99 0.01 27.02
N PRO B 719 9.28 0.28 27.27
CA PRO B 719 9.94 -0.38 28.40
C PRO B 719 9.24 -0.03 29.72
N GLY B 720 8.69 -1.06 30.36
CA GLY B 720 8.01 -0.87 31.63
C GLY B 720 6.53 -0.56 31.52
N GLY B 721 5.99 -0.64 30.30
CA GLY B 721 4.58 -0.32 30.09
C GLY B 721 3.66 -1.47 30.41
N ASN B 722 2.36 -1.25 30.31
CA ASN B 722 1.41 -2.34 30.48
C ASN B 722 0.88 -2.75 29.10
N PHE B 723 0.85 -4.05 28.85
CA PHE B 723 0.43 -4.57 27.56
C PHE B 723 -1.03 -4.97 27.58
N LYS B 724 -1.61 -5.09 28.77
CA LYS B 724 -2.99 -5.52 28.91
C LYS B 724 -3.95 -4.43 28.46
N ILE B 725 -5.11 -4.83 27.97
CA ILE B 725 -6.19 -3.90 27.68
C ILE B 725 -6.49 -3.09 28.94
N GLU B 726 -6.54 -1.77 28.80
CA GLU B 726 -6.98 -0.88 29.87
C GLU B 726 -7.87 0.20 29.26
N TYR B 727 -9.13 0.20 29.65
CA TYR B 727 -10.06 1.22 29.20
C TYR B 727 -10.04 2.41 30.15
N LYS B 728 -10.13 3.61 29.58
CA LYS B 728 -10.18 4.83 30.37
C LYS B 728 -11.64 5.14 30.70
N VAL B 729 -12.08 4.61 31.84
CA VAL B 729 -13.46 4.77 32.27
C VAL B 729 -13.50 5.42 33.65
#